data_6FKW
#
_entry.id   6FKW
#
_cell.length_a   55.080
_cell.length_b   101.180
_cell.length_c   107.790
_cell.angle_alpha   115.21
_cell.angle_beta   97.53
_cell.angle_gamma   91.78
#
_symmetry.space_group_name_H-M   'P 1'
#
loop_
_entity.id
_entity.type
_entity.pdbx_description
1 polymer 'Methanol dehydrogenase'
2 non-polymer 'EUROPIUM ION'
3 non-polymer 'PYRROLOQUINOLINE QUINONE'
4 water water
#
_entity_poly.entity_id   1
_entity_poly.type   'polypeptide(L)'
_entity_poly.pdbx_seq_one_letter_code
;NDELIKLEKEPGQWVMQNKNYANTRYSELNQINTKNVSRLRLAWSFSTGALRGHEGGPLVVGTTMYVHSAYPNHVYALDL
TQKPYAIKWQYTPVQNSQAVAVACCDVVNRGLAYANGKIFMTTLDGQIIALDANTGKELWKMKHADVTKGETITGAPLVV
KDKVLVGVSGGEFGVRGRVGAYDINTGNRVWLAYSQGPDEEVLLDSDFNKEFPQHGGPGDGTKTWPGEQWKLGGGTTWGW
YSYDPALDLFYYGTSNPGTWNAEQRKGGDNKWSCTIFARRPDTGKARWAYQMTPWDSWDYDGVNEMILPDLTVKGKKTPC
LVHFDRNGFGYVLDRRTGQLIEAQPFVYVNWAKEISKENDRPVEIPEKRTKQGVDTKGICPNSMGGKDQQPAAFSPQTGL
FYVPTNNMCMNYEGVEATYTAGAPYVGANVLMYSGHEGKDDYYGAFICYDALKGKRVWEIHEHFPVWSGPVVTAGGLAFY
GTMDGWFKAVDIKTGKVLWQQKLGSGIIGNPITFLGPDKKQYVAVYSGVGGWFGIAVAQNLPPDDPYAGLGAVGVAYQAG
LPKATTVGGELYVFALE
;
_entity_poly.pdbx_strand_id   A,B,C,D
#
loop_
_chem_comp.id
_chem_comp.type
_chem_comp.name
_chem_comp.formula
EU non-polymer 'EUROPIUM ION' 'Eu 2'
PQQ non-polymer 'PYRROLOQUINOLINE QUINONE' 'C14 H6 N2 O8'
#
# COMPACT_ATOMS: atom_id res chain seq x y z
N ASN A 1 -31.44 -14.08 -43.96
CA ASN A 1 -30.37 -14.41 -44.94
C ASN A 1 -30.55 -15.86 -45.37
N ASP A 2 -30.68 -16.10 -46.67
CA ASP A 2 -31.01 -17.44 -47.17
C ASP A 2 -29.93 -18.48 -46.90
N GLU A 3 -28.66 -18.10 -47.02
CA GLU A 3 -27.55 -18.99 -46.69
C GLU A 3 -27.66 -19.42 -45.23
N LEU A 4 -27.93 -18.47 -44.35
CA LEU A 4 -28.04 -18.76 -42.93
C LEU A 4 -29.27 -19.59 -42.58
N ILE A 5 -30.36 -19.39 -43.31
CA ILE A 5 -31.57 -20.17 -43.11
C ILE A 5 -31.28 -21.65 -43.40
N LYS A 6 -30.48 -21.91 -44.42
CA LYS A 6 -30.03 -23.27 -44.75
C LYS A 6 -29.02 -23.78 -43.72
N LEU A 7 -27.98 -22.99 -43.45
CA LEU A 7 -26.89 -23.41 -42.56
C LEU A 7 -27.36 -23.72 -41.15
N GLU A 8 -28.30 -22.93 -40.63
CA GLU A 8 -28.73 -23.08 -39.23
C GLU A 8 -29.42 -24.42 -38.97
N LYS A 9 -29.90 -25.08 -40.02
CA LYS A 9 -30.54 -26.39 -39.91
C LYS A 9 -29.56 -27.56 -40.00
N GLU A 10 -28.28 -27.28 -40.25
CA GLU A 10 -27.28 -28.34 -40.35
C GLU A 10 -26.75 -28.70 -38.96
N PRO A 11 -27.01 -29.93 -38.48
CA PRO A 11 -26.64 -30.31 -37.11
C PRO A 11 -25.19 -30.06 -36.68
N GLY A 12 -24.26 -30.20 -37.61
CA GLY A 12 -22.84 -30.10 -37.27
C GLY A 12 -22.29 -28.69 -37.12
N GLN A 13 -23.11 -27.68 -37.44
CA GLN A 13 -22.65 -26.29 -37.53
C GLN A 13 -23.18 -25.47 -36.35
N TRP A 14 -22.55 -24.33 -36.12
CA TRP A 14 -23.03 -23.36 -35.15
C TRP A 14 -22.70 -21.98 -35.72
N VAL A 15 -23.61 -21.47 -36.54
CA VAL A 15 -23.29 -20.35 -37.42
C VAL A 15 -23.75 -18.99 -36.93
N MET A 16 -24.46 -18.97 -35.79
CA MET A 16 -24.77 -17.72 -35.10
C MET A 16 -24.81 -17.99 -33.61
N GLN A 17 -24.71 -16.94 -32.81
CA GLN A 17 -24.41 -17.12 -31.38
C GLN A 17 -25.36 -18.06 -30.65
N ASN A 18 -26.64 -17.93 -30.90
CA ASN A 18 -27.64 -18.76 -30.23
C ASN A 18 -28.20 -19.85 -31.14
N LYS A 19 -27.32 -20.36 -32.00
CA LYS A 19 -27.54 -21.51 -32.89
C LYS A 19 -28.34 -21.16 -34.14
N ASN A 20 -29.46 -20.50 -33.96
CA ASN A 20 -30.37 -20.24 -35.06
C ASN A 20 -31.09 -18.92 -34.86
N TYR A 21 -31.86 -18.52 -35.85
CA TYR A 21 -32.55 -17.25 -35.79
C TYR A 21 -33.59 -17.20 -34.67
N ALA A 22 -34.14 -18.37 -34.31
CA ALA A 22 -35.08 -18.47 -33.18
C ALA A 22 -34.41 -18.41 -31.80
N ASN A 23 -33.07 -18.39 -31.78
CA ASN A 23 -32.29 -18.34 -30.55
C ASN A 23 -32.58 -19.52 -29.60
N THR A 24 -32.83 -20.72 -30.12
CA THR A 24 -33.19 -21.82 -29.22
C THR A 24 -31.99 -22.46 -28.51
N ARG A 25 -30.77 -22.26 -29.04
CA ARG A 25 -29.56 -22.84 -28.45
C ARG A 25 -29.67 -24.36 -28.31
N TYR A 26 -30.38 -24.95 -29.27
CA TYR A 26 -30.65 -26.39 -29.29
C TYR A 26 -29.92 -27.07 -30.44
N SER A 27 -29.26 -28.19 -30.13
CA SER A 27 -28.61 -29.01 -31.14
C SER A 27 -29.26 -30.39 -31.28
N GLU A 28 -29.46 -30.82 -32.51
CA GLU A 28 -29.99 -32.17 -32.77
C GLU A 28 -28.92 -33.25 -32.64
N LEU A 29 -27.66 -32.88 -32.43
CA LEU A 29 -26.59 -33.87 -32.27
C LEU A 29 -26.84 -34.74 -31.05
N ASN A 30 -26.66 -36.05 -31.23
CA ASN A 30 -26.89 -37.01 -30.14
C ASN A 30 -25.78 -38.05 -29.96
N GLN A 31 -24.60 -37.79 -30.52
CA GLN A 31 -23.44 -38.66 -30.28
C GLN A 31 -23.09 -38.67 -28.80
N ILE A 32 -23.08 -37.49 -28.20
CA ILE A 32 -22.90 -37.32 -26.76
C ILE A 32 -24.29 -37.31 -26.13
N ASN A 33 -24.50 -38.12 -25.11
CA ASN A 33 -25.84 -38.26 -24.54
C ASN A 33 -25.73 -38.64 -23.06
N THR A 34 -26.88 -38.81 -22.41
CA THR A 34 -26.89 -39.06 -20.98
C THR A 34 -26.18 -40.37 -20.60
N LYS A 35 -26.11 -41.31 -21.53
CA LYS A 35 -25.48 -42.61 -21.26
C LYS A 35 -23.95 -42.57 -21.31
N ASN A 36 -23.38 -41.70 -22.13
CA ASN A 36 -21.93 -41.69 -22.34
C ASN A 36 -21.18 -40.41 -21.98
N VAL A 37 -21.89 -39.38 -21.53
CA VAL A 37 -21.24 -38.10 -21.25
C VAL A 37 -20.17 -38.21 -20.16
N SER A 38 -20.27 -39.22 -19.29
CA SER A 38 -19.23 -39.46 -18.30
C SER A 38 -17.84 -39.71 -18.92
N ARG A 39 -17.78 -40.03 -20.22
CA ARG A 39 -16.52 -40.25 -20.94
C ARG A 39 -15.96 -39.00 -21.62
N LEU A 40 -16.61 -37.86 -21.38
CA LEU A 40 -16.18 -36.60 -21.99
C LEU A 40 -14.86 -36.16 -21.38
N ARG A 41 -13.89 -35.82 -22.22
CA ARG A 41 -12.59 -35.35 -21.77
C ARG A 41 -12.14 -34.18 -22.66
N LEU A 42 -11.18 -33.40 -22.17
CA LEU A 42 -10.65 -32.31 -22.99
C LEU A 42 -9.95 -32.88 -24.22
N ALA A 43 -10.32 -32.37 -25.38
CA ALA A 43 -9.71 -32.72 -26.65
C ALA A 43 -8.58 -31.75 -26.97
N TRP A 44 -8.87 -30.46 -26.86
CA TRP A 44 -7.88 -29.42 -27.10
C TRP A 44 -8.33 -28.09 -26.50
N SER A 45 -7.42 -27.14 -26.43
CA SER A 45 -7.75 -25.80 -25.96
C SER A 45 -6.97 -24.77 -26.75
N PHE A 46 -7.40 -23.52 -26.61
CA PHE A 46 -6.84 -22.40 -27.37
C PHE A 46 -6.97 -21.14 -26.52
N SER A 47 -5.85 -20.46 -26.29
CA SER A 47 -5.89 -19.22 -25.52
C SER A 47 -6.31 -18.07 -26.41
N THR A 48 -7.21 -17.24 -25.89
CA THR A 48 -7.73 -16.11 -26.67
C THR A 48 -6.76 -14.92 -26.67
N GLY A 49 -5.75 -14.93 -25.79
CA GLY A 49 -4.77 -13.85 -25.74
C GLY A 49 -5.26 -12.62 -25.01
N ALA A 50 -6.36 -12.72 -24.29
CA ALA A 50 -6.91 -11.61 -23.52
C ALA A 50 -7.34 -12.10 -22.15
N LEU A 51 -7.44 -11.18 -21.20
CA LEU A 51 -7.99 -11.46 -19.88
C LEU A 51 -9.34 -10.77 -19.75
N ARG A 52 -9.98 -10.92 -18.59
CA ARG A 52 -11.30 -10.36 -18.31
C ARG A 52 -12.42 -11.17 -19.00
N GLY A 53 -13.66 -10.67 -18.96
CA GLY A 53 -14.81 -11.51 -19.25
C GLY A 53 -14.86 -12.00 -20.68
N HIS A 54 -15.03 -13.31 -20.86
CA HIS A 54 -15.20 -13.92 -22.16
C HIS A 54 -16.63 -14.44 -22.34
N GLU A 55 -17.46 -13.57 -22.92
CA GLU A 55 -18.86 -13.88 -23.17
C GLU A 55 -19.08 -14.39 -24.58
N GLY A 56 -20.31 -14.76 -24.89
CA GLY A 56 -20.64 -15.38 -26.16
C GLY A 56 -19.96 -16.73 -26.30
N GLY A 57 -19.80 -17.14 -27.55
CA GLY A 57 -19.12 -18.40 -27.85
C GLY A 57 -18.57 -18.35 -29.26
N PRO A 58 -17.79 -19.38 -29.62
CA PRO A 58 -17.27 -19.45 -30.97
C PRO A 58 -18.36 -19.80 -32.00
N LEU A 59 -18.04 -19.57 -33.25
CA LEU A 59 -18.89 -20.04 -34.35
C LEU A 59 -18.15 -21.17 -35.04
N VAL A 60 -18.91 -22.12 -35.58
CA VAL A 60 -18.35 -23.13 -36.47
C VAL A 60 -19.11 -23.09 -37.77
N VAL A 61 -18.40 -22.76 -38.84
CA VAL A 61 -18.97 -22.65 -40.18
C VAL A 61 -18.04 -23.44 -41.10
N GLY A 62 -18.59 -24.44 -41.78
CA GLY A 62 -17.77 -25.38 -42.54
C GLY A 62 -16.81 -26.11 -41.60
N THR A 63 -15.52 -26.05 -41.92
CA THR A 63 -14.47 -26.69 -41.11
C THR A 63 -13.64 -25.65 -40.36
N THR A 64 -14.19 -24.44 -40.19
CA THR A 64 -13.48 -23.36 -39.52
C THR A 64 -14.24 -22.96 -38.25
N MET A 65 -13.49 -22.81 -37.16
CA MET A 65 -14.03 -22.20 -35.94
C MET A 65 -13.57 -20.76 -35.85
N TYR A 66 -14.51 -19.87 -35.52
CA TYR A 66 -14.20 -18.46 -35.35
C TYR A 66 -14.30 -18.13 -33.87
N VAL A 67 -13.25 -17.51 -33.34
CA VAL A 67 -13.10 -17.27 -31.91
C VAL A 67 -12.90 -15.78 -31.69
N HIS A 68 -13.43 -15.27 -30.58
CA HIS A 68 -13.32 -13.86 -30.26
C HIS A 68 -12.99 -13.70 -28.78
N SER A 69 -12.36 -12.58 -28.46
CA SER A 69 -11.90 -12.32 -27.10
C SER A 69 -12.54 -11.07 -26.51
N ALA A 70 -12.32 -10.87 -25.22
CA ALA A 70 -12.59 -9.58 -24.57
C ALA A 70 -11.71 -8.50 -25.20
N TYR A 71 -11.97 -7.24 -24.84
CA TYR A 71 -11.14 -6.13 -25.32
C TYR A 71 -9.66 -6.52 -25.23
N PRO A 72 -8.84 -6.28 -26.27
CA PRO A 72 -9.15 -5.46 -27.44
C PRO A 72 -9.80 -6.17 -28.63
N ASN A 73 -10.49 -7.29 -28.36
CA ASN A 73 -11.33 -7.95 -29.35
C ASN A 73 -10.52 -8.60 -30.47
N HIS A 74 -9.61 -9.49 -30.05
CA HIS A 74 -8.91 -10.38 -30.98
C HIS A 74 -9.92 -11.33 -31.62
N VAL A 75 -9.75 -11.57 -32.92
CA VAL A 75 -10.57 -12.52 -33.66
C VAL A 75 -9.65 -13.53 -34.34
N TYR A 76 -10.04 -14.79 -34.28
CA TYR A 76 -9.24 -15.88 -34.85
C TYR A 76 -10.13 -16.80 -35.66
N ALA A 77 -9.56 -17.31 -36.74
CA ALA A 77 -10.15 -18.43 -37.47
C ALA A 77 -9.23 -19.63 -37.27
N LEU A 78 -9.82 -20.72 -36.78
CA LEU A 78 -9.10 -21.97 -36.55
C LEU A 78 -9.52 -22.98 -37.60
N ASP A 79 -8.55 -23.52 -38.32
CA ASP A 79 -8.77 -24.56 -39.32
C ASP A 79 -8.82 -25.91 -38.61
N LEU A 80 -10.02 -26.48 -38.50
CA LEU A 80 -10.24 -27.71 -37.72
C LEU A 80 -9.81 -28.99 -38.44
N THR A 81 -9.30 -28.86 -39.66
CA THR A 81 -8.79 -30.03 -40.39
C THR A 81 -7.33 -30.35 -40.04
N GLN A 82 -6.70 -29.49 -39.23
CA GLN A 82 -5.26 -29.57 -39.01
C GLN A 82 -4.83 -30.31 -37.72
N LYS A 83 -5.71 -31.16 -37.19
CA LYS A 83 -5.33 -32.18 -36.22
C LYS A 83 -4.61 -31.65 -34.96
N PRO A 84 -5.31 -30.94 -34.07
CA PRO A 84 -6.75 -30.73 -34.09
C PRO A 84 -7.17 -29.40 -34.70
N TYR A 85 -6.25 -28.44 -34.72
CA TYR A 85 -6.51 -27.16 -35.34
C TYR A 85 -5.19 -26.47 -35.65
N ALA A 86 -5.27 -25.52 -36.57
CA ALA A 86 -4.20 -24.55 -36.78
C ALA A 86 -4.84 -23.19 -36.85
N ILE A 87 -4.07 -22.15 -36.53
CA ILE A 87 -4.58 -20.78 -36.65
C ILE A 87 -4.49 -20.39 -38.12
N LYS A 88 -5.66 -20.23 -38.74
CA LYS A 88 -5.76 -19.89 -40.15
C LYS A 88 -5.48 -18.41 -40.37
N TRP A 89 -6.09 -17.57 -39.55
CA TRP A 89 -5.79 -16.15 -39.55
C TRP A 89 -6.18 -15.52 -38.23
N GLN A 90 -5.68 -14.31 -38.00
CA GLN A 90 -6.10 -13.53 -36.85
C GLN A 90 -6.21 -12.06 -37.20
N TYR A 91 -7.07 -11.37 -36.47
CA TYR A 91 -7.31 -9.96 -36.69
C TYR A 91 -7.55 -9.28 -35.36
N THR A 92 -6.89 -8.13 -35.16
CA THR A 92 -7.16 -7.30 -34.01
C THR A 92 -7.38 -5.87 -34.49
N PRO A 93 -8.55 -5.29 -34.20
CA PRO A 93 -8.81 -3.93 -34.63
C PRO A 93 -8.04 -2.93 -33.80
N VAL A 94 -7.71 -1.80 -34.42
CA VAL A 94 -7.19 -0.64 -33.71
C VAL A 94 -8.38 0.02 -33.03
N GLN A 95 -8.25 0.31 -31.75
CA GLN A 95 -9.34 0.91 -30.98
C GLN A 95 -8.89 2.11 -30.15
N ASN A 96 -9.86 2.97 -29.88
CA ASN A 96 -9.71 4.05 -28.92
C ASN A 96 -9.82 3.47 -27.51
N SER A 97 -8.69 3.47 -26.80
CA SER A 97 -8.63 2.91 -25.44
C SER A 97 -9.55 3.60 -24.43
N GLN A 98 -10.05 4.79 -24.77
CA GLN A 98 -11.02 5.49 -23.93
C GLN A 98 -12.31 4.68 -23.75
N ALA A 99 -12.57 3.74 -24.66
CA ALA A 99 -13.72 2.85 -24.54
C ALA A 99 -13.75 2.10 -23.19
N VAL A 100 -12.57 1.72 -22.69
CA VAL A 100 -12.49 0.93 -21.46
C VAL A 100 -13.10 1.69 -20.29
N ALA A 101 -12.86 2.99 -20.23
CA ALA A 101 -13.36 3.83 -19.12
C ALA A 101 -14.87 4.04 -19.12
N VAL A 102 -15.52 3.86 -20.27
CA VAL A 102 -16.98 4.05 -20.35
C VAL A 102 -17.74 2.72 -20.48
N ALA A 103 -17.04 1.60 -20.24
CA ALA A 103 -17.70 0.30 -20.14
C ALA A 103 -18.25 0.12 -18.73
N CYS A 104 -19.56 -0.04 -18.59
CA CYS A 104 -20.19 -0.15 -17.27
C CYS A 104 -19.84 -1.44 -16.53
N CYS A 105 -19.71 -2.51 -17.29
CA CYS A 105 -19.95 -3.85 -16.75
C CYS A 105 -18.96 -4.89 -17.29
N ASP A 106 -17.70 -4.47 -17.38
CA ASP A 106 -16.57 -5.23 -17.92
C ASP A 106 -16.46 -5.11 -19.44
N VAL A 107 -15.26 -5.34 -19.95
CA VAL A 107 -14.94 -5.11 -21.36
C VAL A 107 -15.24 -6.35 -22.21
N VAL A 108 -16.46 -6.86 -22.05
CA VAL A 108 -16.90 -8.08 -22.71
C VAL A 108 -17.36 -7.81 -24.14
N ASN A 109 -17.45 -8.88 -24.91
CA ASN A 109 -18.06 -8.84 -26.24
C ASN A 109 -18.78 -10.15 -26.47
N ARG A 110 -20.02 -10.08 -26.96
CA ARG A 110 -20.85 -11.27 -27.07
C ARG A 110 -20.68 -12.06 -28.36
N GLY A 111 -19.84 -11.57 -29.26
CA GLY A 111 -19.33 -12.42 -30.33
C GLY A 111 -19.64 -12.07 -31.76
N LEU A 112 -19.20 -12.96 -32.62
CA LEU A 112 -19.19 -12.75 -34.06
C LEU A 112 -20.48 -13.18 -34.72
N ALA A 113 -20.68 -12.66 -35.93
CA ALA A 113 -21.69 -13.18 -36.86
C ALA A 113 -20.99 -13.60 -38.15
N TYR A 114 -21.65 -14.49 -38.88
CA TYR A 114 -21.15 -14.96 -40.16
C TYR A 114 -22.23 -14.81 -41.23
N ALA A 115 -21.85 -14.38 -42.43
CA ALA A 115 -22.74 -14.48 -43.60
C ALA A 115 -21.97 -14.22 -44.89
N ASN A 116 -22.31 -14.98 -45.92
CA ASN A 116 -21.84 -14.71 -47.28
C ASN A 116 -20.32 -14.54 -47.35
N GLY A 117 -19.60 -15.49 -46.77
CA GLY A 117 -18.14 -15.48 -46.82
C GLY A 117 -17.47 -14.40 -46.00
N LYS A 118 -18.20 -13.80 -45.05
CA LYS A 118 -17.67 -12.74 -44.21
C LYS A 118 -17.95 -12.99 -42.74
N ILE A 119 -17.05 -12.48 -41.92
CA ILE A 119 -17.21 -12.45 -40.47
C ILE A 119 -17.48 -11.01 -40.08
N PHE A 120 -18.46 -10.80 -39.21
CA PHE A 120 -18.81 -9.47 -38.71
C PHE A 120 -18.53 -9.42 -37.23
N MET A 121 -17.85 -8.36 -36.81
CA MET A 121 -17.52 -8.18 -35.41
C MET A 121 -17.84 -6.77 -34.96
N THR A 122 -18.16 -6.65 -33.68
CA THR A 122 -18.24 -5.35 -33.05
C THR A 122 -17.03 -5.14 -32.16
N THR A 123 -16.72 -3.88 -31.89
CA THR A 123 -15.64 -3.52 -31.00
C THR A 123 -16.17 -2.67 -29.85
N LEU A 124 -15.50 -2.76 -28.71
CA LEU A 124 -15.90 -1.97 -27.55
C LEU A 124 -16.01 -0.48 -27.90
N ASP A 125 -15.08 0.02 -28.71
CA ASP A 125 -15.07 1.45 -29.06
C ASP A 125 -16.05 1.87 -30.16
N GLY A 126 -16.94 0.97 -30.57
CA GLY A 126 -18.12 1.37 -31.35
C GLY A 126 -18.08 1.11 -32.83
N GLN A 127 -17.19 0.22 -33.27
CA GLN A 127 -17.08 -0.11 -34.69
C GLN A 127 -17.84 -1.38 -35.03
N ILE A 128 -18.36 -1.42 -36.25
CA ILE A 128 -18.82 -2.66 -36.87
C ILE A 128 -17.85 -2.93 -38.03
N ILE A 129 -17.29 -4.13 -38.07
CA ILE A 129 -16.21 -4.46 -39.01
C ILE A 129 -16.53 -5.76 -39.73
N ALA A 130 -16.31 -5.77 -41.05
CA ALA A 130 -16.47 -6.96 -41.88
C ALA A 130 -15.10 -7.48 -42.33
N LEU A 131 -14.87 -8.77 -42.09
CA LEU A 131 -13.63 -9.44 -42.45
C LEU A 131 -13.95 -10.53 -43.45
N ASP A 132 -13.01 -10.81 -44.36
CA ASP A 132 -13.12 -11.96 -45.25
C ASP A 132 -12.99 -13.21 -44.39
N ALA A 133 -13.98 -14.09 -44.44
CA ALA A 133 -14.00 -15.26 -43.56
C ALA A 133 -12.86 -16.25 -43.83
N ASN A 134 -12.34 -16.24 -45.06
CA ASN A 134 -11.27 -17.17 -45.43
C ASN A 134 -9.87 -16.64 -45.19
N THR A 135 -9.69 -15.32 -45.29
CA THR A 135 -8.34 -14.73 -45.17
C THR A 135 -8.15 -13.80 -43.96
N GLY A 136 -9.25 -13.33 -43.36
CA GLY A 136 -9.16 -12.37 -42.27
C GLY A 136 -8.94 -10.94 -42.71
N LYS A 137 -8.91 -10.70 -44.02
CA LYS A 137 -8.71 -9.35 -44.55
C LYS A 137 -9.89 -8.46 -44.22
N GLU A 138 -9.58 -7.26 -43.75
CA GLU A 138 -10.59 -6.26 -43.43
C GLU A 138 -11.21 -5.77 -44.74
N LEU A 139 -12.53 -5.90 -44.86
CA LEU A 139 -13.25 -5.51 -46.08
C LEU A 139 -13.87 -4.13 -45.95
N TRP A 140 -14.53 -3.90 -44.83
CA TRP A 140 -15.01 -2.58 -44.49
C TRP A 140 -15.17 -2.42 -42.99
N LYS A 141 -15.20 -1.17 -42.55
CA LYS A 141 -15.46 -0.85 -41.16
C LYS A 141 -16.23 0.45 -41.10
N MET A 142 -17.10 0.55 -40.11
CA MET A 142 -17.91 1.74 -39.90
C MET A 142 -18.01 2.07 -38.42
N LYS A 143 -18.09 3.36 -38.12
CA LYS A 143 -18.30 3.84 -36.76
C LYS A 143 -19.79 3.87 -36.49
N HIS A 144 -20.24 3.05 -35.54
CA HIS A 144 -21.65 2.97 -35.17
C HIS A 144 -21.95 3.68 -33.84
N ALA A 145 -20.97 3.67 -32.93
CA ALA A 145 -21.13 4.29 -31.62
C ALA A 145 -19.93 5.18 -31.28
N ASP A 146 -20.17 6.12 -30.39
CA ASP A 146 -19.21 7.18 -30.07
C ASP A 146 -18.85 7.17 -28.59
N VAL A 147 -17.62 6.75 -28.27
CA VAL A 147 -17.18 6.65 -26.88
C VAL A 147 -17.16 8.01 -26.15
N THR A 148 -17.05 9.10 -26.89
CA THR A 148 -17.05 10.43 -26.26
C THR A 148 -18.43 10.83 -25.73
N LYS A 149 -19.47 10.11 -26.16
CA LYS A 149 -20.83 10.24 -25.60
C LYS A 149 -21.16 9.14 -24.59
N GLY A 150 -20.16 8.35 -24.20
CA GLY A 150 -20.36 7.27 -23.25
C GLY A 150 -20.95 6.01 -23.89
N GLU A 151 -20.85 5.90 -25.21
CA GLU A 151 -21.35 4.74 -25.94
C GLU A 151 -20.25 3.71 -26.15
N THR A 152 -20.63 2.44 -26.05
CA THR A 152 -19.74 1.33 -26.37
C THR A 152 -20.59 0.30 -27.11
N ILE A 153 -19.94 -0.72 -27.67
CA ILE A 153 -20.68 -1.86 -28.18
C ILE A 153 -20.13 -3.12 -27.51
N THR A 154 -21.03 -3.92 -26.94
CA THR A 154 -20.68 -5.23 -26.41
C THR A 154 -21.48 -6.37 -27.01
N GLY A 155 -22.61 -6.06 -27.64
CA GLY A 155 -23.48 -7.08 -28.19
C GLY A 155 -22.99 -7.67 -29.49
N ALA A 156 -23.43 -8.90 -29.77
CA ALA A 156 -23.15 -9.57 -31.03
C ALA A 156 -24.11 -9.05 -32.10
N PRO A 157 -23.57 -8.77 -33.30
CA PRO A 157 -24.46 -8.36 -34.38
C PRO A 157 -25.25 -9.57 -34.93
N LEU A 158 -26.30 -9.29 -35.70
CA LEU A 158 -27.08 -10.33 -36.37
C LEU A 158 -27.20 -9.98 -37.84
N VAL A 159 -26.93 -10.94 -38.72
CA VAL A 159 -27.15 -10.73 -40.16
C VAL A 159 -28.54 -11.24 -40.53
N VAL A 160 -29.32 -10.35 -41.13
CA VAL A 160 -30.64 -10.66 -41.65
C VAL A 160 -30.70 -10.14 -43.08
N LYS A 161 -30.99 -11.04 -44.01
CA LYS A 161 -30.99 -10.73 -45.44
C LYS A 161 -29.62 -10.16 -45.82
N ASP A 162 -29.57 -8.95 -46.37
CA ASP A 162 -28.31 -8.35 -46.79
C ASP A 162 -27.84 -7.27 -45.82
N LYS A 163 -28.28 -7.35 -44.58
CA LYS A 163 -28.00 -6.32 -43.57
C LYS A 163 -27.44 -6.93 -42.31
N VAL A 164 -26.48 -6.23 -41.71
CA VAL A 164 -25.99 -6.60 -40.38
C VAL A 164 -26.58 -5.59 -39.40
N LEU A 165 -27.20 -6.12 -38.34
CA LEU A 165 -27.91 -5.32 -37.34
C LEU A 165 -27.03 -5.16 -36.12
N VAL A 166 -26.84 -3.92 -35.68
CA VAL A 166 -25.87 -3.58 -34.65
C VAL A 166 -26.51 -2.67 -33.62
N GLY A 167 -26.32 -2.99 -32.34
CA GLY A 167 -26.87 -2.21 -31.24
C GLY A 167 -25.83 -1.31 -30.60
N VAL A 168 -26.15 -0.84 -29.40
CA VAL A 168 -25.27 0.06 -28.68
C VAL A 168 -25.47 -0.19 -27.19
N SER A 169 -24.46 0.19 -26.42
CA SER A 169 -24.53 0.16 -24.97
C SER A 169 -24.35 1.56 -24.43
N GLY A 170 -24.75 1.76 -23.17
CA GLY A 170 -24.65 3.06 -22.51
C GLY A 170 -25.88 3.54 -21.75
N GLY A 171 -26.72 2.61 -21.30
CA GLY A 171 -27.86 2.95 -20.45
C GLY A 171 -27.50 3.57 -19.10
N GLU A 172 -26.24 3.44 -18.69
CA GLU A 172 -25.73 4.12 -17.49
C GLU A 172 -25.00 5.43 -17.81
N PHE A 173 -25.04 5.82 -19.09
CA PHE A 173 -24.34 7.00 -19.59
C PHE A 173 -25.26 7.96 -20.35
N GLY A 174 -26.58 7.81 -20.17
CA GLY A 174 -27.55 8.68 -20.82
C GLY A 174 -27.63 8.57 -22.34
N VAL A 175 -27.17 7.45 -22.87
CA VAL A 175 -27.12 7.21 -24.31
C VAL A 175 -28.52 6.96 -24.85
N ARG A 176 -28.75 7.43 -26.08
CA ARG A 176 -29.98 7.10 -26.80
C ARG A 176 -29.84 5.77 -27.51
N GLY A 177 -30.52 4.76 -26.97
CA GLY A 177 -30.46 3.42 -27.52
C GLY A 177 -31.06 3.35 -28.91
N ARG A 178 -30.49 2.49 -29.74
CA ARG A 178 -30.92 2.32 -31.11
C ARG A 178 -30.32 1.06 -31.72
N VAL A 179 -30.94 0.60 -32.80
CA VAL A 179 -30.37 -0.45 -33.64
C VAL A 179 -30.11 0.15 -35.02
N GLY A 180 -28.92 -0.08 -35.56
CA GLY A 180 -28.60 0.32 -36.92
C GLY A 180 -28.43 -0.87 -37.83
N ALA A 181 -28.78 -0.70 -39.10
CA ALA A 181 -28.60 -1.73 -40.11
C ALA A 181 -27.58 -1.25 -41.15
N TYR A 182 -26.64 -2.11 -41.49
CA TYR A 182 -25.57 -1.80 -42.43
C TYR A 182 -25.55 -2.85 -43.54
N ASP A 183 -25.42 -2.40 -44.78
CA ASP A 183 -25.34 -3.35 -45.88
C ASP A 183 -24.10 -4.22 -45.72
N ILE A 184 -24.27 -5.54 -45.87
CA ILE A 184 -23.15 -6.44 -45.57
C ILE A 184 -22.00 -6.39 -46.59
N ASN A 185 -22.27 -5.92 -47.80
CA ASN A 185 -21.27 -5.87 -48.86
C ASN A 185 -20.49 -4.56 -48.88
N THR A 186 -21.19 -3.45 -48.62
CA THR A 186 -20.58 -2.11 -48.72
C THR A 186 -20.33 -1.47 -47.35
N GLY A 187 -21.06 -1.91 -46.32
CA GLY A 187 -21.01 -1.28 -45.02
C GLY A 187 -21.85 -0.03 -44.89
N ASN A 188 -22.58 0.36 -45.94
CA ASN A 188 -23.38 1.58 -45.88
C ASN A 188 -24.55 1.44 -44.92
N ARG A 189 -24.75 2.45 -44.07
CA ARG A 189 -25.87 2.48 -43.15
C ARG A 189 -27.17 2.59 -43.93
N VAL A 190 -28.15 1.76 -43.60
CA VAL A 190 -29.43 1.74 -44.29
C VAL A 190 -30.55 2.40 -43.47
N TRP A 191 -30.59 2.09 -42.18
CA TRP A 191 -31.53 2.73 -41.28
C TRP A 191 -31.03 2.68 -39.84
N LEU A 192 -31.68 3.47 -38.98
CA LEU A 192 -31.34 3.58 -37.59
C LEU A 192 -32.62 3.76 -36.78
N ALA A 193 -32.92 2.78 -35.93
CA ALA A 193 -34.19 2.72 -35.20
C ALA A 193 -33.97 2.96 -33.71
N TYR A 194 -34.45 4.10 -33.22
CA TYR A 194 -34.25 4.50 -31.82
C TYR A 194 -35.32 3.92 -30.90
N SER A 195 -34.98 3.85 -29.62
CA SER A 195 -35.88 3.30 -28.60
C SER A 195 -36.72 4.37 -27.92
N GLN A 196 -36.55 5.62 -28.34
CA GLN A 196 -37.30 6.73 -27.79
C GLN A 196 -37.18 7.93 -28.73
N GLY A 197 -37.84 9.03 -28.38
CA GLY A 197 -37.85 10.22 -29.21
C GLY A 197 -39.02 10.24 -30.16
N PRO A 198 -39.01 11.19 -31.11
CA PRO A 198 -40.11 11.30 -32.07
C PRO A 198 -40.24 10.08 -32.98
N ASP A 199 -41.42 9.91 -33.56
CA ASP A 199 -41.71 8.73 -34.40
C ASP A 199 -40.74 8.58 -35.56
N GLU A 200 -40.25 9.69 -36.11
CA GLU A 200 -39.30 9.64 -37.24
C GLU A 200 -38.00 8.95 -36.85
N GLU A 201 -37.67 8.98 -35.57
CA GLU A 201 -36.48 8.30 -35.06
C GLU A 201 -36.79 6.89 -34.55
N VAL A 202 -37.95 6.72 -33.90
CA VAL A 202 -38.32 5.38 -33.40
C VAL A 202 -38.59 4.42 -34.57
N LEU A 203 -39.18 4.96 -35.64
CA LEU A 203 -39.57 4.19 -36.85
C LEU A 203 -40.70 3.22 -36.58
N LEU A 204 -41.92 3.68 -36.86
CA LEU A 204 -43.13 2.89 -36.67
C LEU A 204 -43.74 2.57 -38.02
N ASP A 205 -44.19 1.33 -38.21
CA ASP A 205 -44.93 1.01 -39.42
C ASP A 205 -46.39 1.44 -39.24
N SER A 206 -47.12 1.54 -40.35
CA SER A 206 -48.51 2.01 -40.31
C SER A 206 -49.45 1.11 -39.49
N ASP A 207 -49.08 -0.16 -39.35
CA ASP A 207 -49.86 -1.11 -38.54
C ASP A 207 -49.29 -1.33 -37.14
N PHE A 208 -48.43 -0.42 -36.66
CA PHE A 208 -47.79 -0.56 -35.35
C PHE A 208 -48.80 -0.76 -34.22
N ASN A 209 -48.68 -1.89 -33.51
CA ASN A 209 -49.56 -2.22 -32.39
C ASN A 209 -51.06 -2.14 -32.71
N LYS A 210 -51.41 -2.42 -33.96
CA LYS A 210 -52.79 -2.32 -34.44
C LYS A 210 -53.77 -3.09 -33.56
N GLU A 211 -53.36 -4.30 -33.16
CA GLU A 211 -54.23 -5.18 -32.37
C GLU A 211 -54.23 -4.82 -30.89
N PHE A 212 -53.20 -4.12 -30.44
CA PHE A 212 -53.05 -3.79 -29.02
C PHE A 212 -52.65 -2.34 -28.82
N PRO A 213 -53.59 -1.42 -29.08
CA PRO A 213 -53.30 0.00 -28.84
C PRO A 213 -52.97 0.30 -27.38
N GLN A 214 -53.46 -0.54 -26.46
CA GLN A 214 -53.12 -0.43 -25.04
C GLN A 214 -51.61 -0.63 -24.74
N HIS A 215 -50.89 -1.26 -25.67
CA HIS A 215 -49.43 -1.39 -25.55
C HIS A 215 -48.65 -0.13 -25.96
N GLY A 216 -49.35 0.88 -26.46
CA GLY A 216 -48.74 2.14 -26.84
C GLY A 216 -48.72 2.37 -28.34
N GLY A 217 -48.39 3.59 -28.74
CA GLY A 217 -48.52 4.00 -30.13
C GLY A 217 -47.70 5.23 -30.48
N PRO A 218 -48.03 5.87 -31.60
CA PRO A 218 -47.37 7.08 -32.08
C PRO A 218 -47.28 8.15 -30.99
N GLY A 219 -46.12 8.78 -30.89
CA GLY A 219 -45.89 9.88 -29.96
C GLY A 219 -45.40 9.48 -28.58
N ASP A 220 -45.54 8.20 -28.22
CA ASP A 220 -45.19 7.74 -26.87
C ASP A 220 -43.69 7.82 -26.58
N GLY A 221 -42.87 7.84 -27.62
CA GLY A 221 -41.42 8.01 -27.44
C GLY A 221 -41.01 9.35 -26.86
N THR A 222 -41.91 10.34 -26.90
CA THR A 222 -41.69 11.62 -26.20
C THR A 222 -42.75 11.94 -25.14
N LYS A 223 -44.01 11.58 -25.43
CA LYS A 223 -45.13 11.97 -24.56
C LYS A 223 -45.11 11.29 -23.19
N THR A 224 -44.45 10.14 -23.09
CA THR A 224 -44.38 9.39 -21.84
C THR A 224 -43.14 9.75 -21.00
N TRP A 225 -42.52 10.90 -21.30
CA TRP A 225 -41.38 11.43 -20.54
C TRP A 225 -41.66 12.86 -20.12
N PRO A 226 -41.12 13.29 -18.96
CA PRO A 226 -41.21 14.71 -18.63
C PRO A 226 -40.24 15.51 -19.50
N GLY A 227 -40.69 16.65 -20.01
CA GLY A 227 -39.84 17.53 -20.81
C GLY A 227 -39.16 16.80 -21.96
N GLU A 228 -37.85 16.97 -22.08
CA GLU A 228 -37.08 16.28 -23.11
C GLU A 228 -36.14 15.23 -22.49
N GLN A 229 -36.57 14.62 -21.39
CA GLN A 229 -35.75 13.63 -20.70
C GLN A 229 -35.44 12.41 -21.57
N TRP A 230 -36.28 12.15 -22.57
CA TRP A 230 -36.03 11.11 -23.56
C TRP A 230 -34.71 11.29 -24.32
N LYS A 231 -34.19 12.51 -24.37
CA LYS A 231 -32.90 12.75 -25.02
C LYS A 231 -31.75 12.05 -24.29
N LEU A 232 -31.96 11.72 -23.01
CA LEU A 232 -31.02 10.91 -22.24
C LEU A 232 -31.65 9.57 -21.86
N GLY A 233 -32.45 9.02 -22.78
CA GLY A 233 -33.43 8.01 -22.42
C GLY A 233 -33.04 6.55 -22.39
N GLY A 234 -31.78 6.20 -22.61
CA GLY A 234 -31.36 4.80 -22.55
C GLY A 234 -32.08 3.95 -23.59
N GLY A 235 -32.67 2.83 -23.16
CA GLY A 235 -33.27 1.90 -24.11
C GLY A 235 -32.24 1.33 -25.06
N THR A 236 -31.03 1.08 -24.54
CA THR A 236 -29.95 0.53 -25.34
C THR A 236 -30.21 -0.95 -25.67
N THR A 237 -29.38 -1.52 -26.54
CA THR A 237 -29.78 -2.67 -27.36
C THR A 237 -28.65 -3.68 -27.46
N TRP A 238 -28.10 -4.02 -26.29
CA TRP A 238 -26.85 -4.77 -26.16
C TRP A 238 -27.07 -6.27 -26.02
N GLY A 239 -28.32 -6.73 -26.04
CA GLY A 239 -28.64 -8.14 -25.89
C GLY A 239 -28.70 -8.89 -27.22
N TRP A 240 -29.47 -9.97 -27.23
CA TRP A 240 -29.50 -10.90 -28.36
C TRP A 240 -30.67 -10.61 -29.26
N TYR A 241 -30.45 -10.68 -30.57
CA TYR A 241 -31.52 -10.46 -31.55
C TYR A 241 -31.96 -11.78 -32.17
N SER A 242 -33.25 -11.86 -32.48
CA SER A 242 -33.85 -13.02 -33.14
C SER A 242 -34.65 -12.60 -34.37
N TYR A 243 -35.03 -13.58 -35.18
CA TYR A 243 -35.64 -13.30 -36.48
C TYR A 243 -36.55 -14.44 -36.89
N ASP A 244 -37.72 -14.09 -37.41
CA ASP A 244 -38.62 -15.06 -38.04
C ASP A 244 -38.77 -14.68 -39.51
N PRO A 245 -38.12 -15.42 -40.42
CA PRO A 245 -38.24 -15.10 -41.84
C PRO A 245 -39.66 -15.21 -42.42
N ALA A 246 -40.49 -16.11 -41.89
CA ALA A 246 -41.87 -16.27 -42.37
C ALA A 246 -42.75 -15.05 -42.06
N LEU A 247 -42.44 -14.35 -40.97
CA LEU A 247 -43.18 -13.13 -40.61
C LEU A 247 -42.46 -11.86 -41.04
N ASP A 248 -41.19 -11.98 -41.43
CA ASP A 248 -40.36 -10.84 -41.79
C ASP A 248 -40.29 -9.85 -40.62
N LEU A 249 -40.00 -10.39 -39.45
CA LEU A 249 -39.82 -9.59 -38.24
C LEU A 249 -38.56 -10.03 -37.51
N PHE A 250 -37.77 -9.05 -37.05
CA PHE A 250 -36.72 -9.35 -36.09
C PHE A 250 -37.10 -8.76 -34.73
N TYR A 251 -36.56 -9.33 -33.66
CA TYR A 251 -36.98 -9.03 -32.31
C TYR A 251 -35.80 -8.78 -31.39
N TYR A 252 -35.98 -7.86 -30.46
CA TYR A 252 -34.97 -7.54 -29.46
C TYR A 252 -35.61 -6.75 -28.34
N GLY A 253 -34.85 -6.61 -27.26
CA GLY A 253 -35.30 -5.83 -26.11
C GLY A 253 -34.42 -4.64 -25.82
N THR A 254 -34.96 -3.70 -25.04
CA THR A 254 -34.28 -2.44 -24.79
C THR A 254 -34.01 -2.24 -23.31
N SER A 255 -32.95 -1.49 -23.03
CA SER A 255 -32.49 -1.27 -21.66
C SER A 255 -33.35 -0.30 -20.86
N ASN A 256 -32.95 -0.14 -19.60
CA ASN A 256 -33.43 0.88 -18.69
C ASN A 256 -33.48 2.28 -19.30
N PRO A 257 -34.39 3.13 -18.80
CA PRO A 257 -34.59 4.48 -19.34
C PRO A 257 -33.55 5.56 -18.97
N GLY A 258 -32.29 5.21 -18.86
CA GLY A 258 -31.23 6.17 -18.57
C GLY A 258 -30.95 6.33 -17.09
N THR A 259 -31.17 7.52 -16.54
CA THR A 259 -30.90 7.71 -15.12
C THR A 259 -31.63 6.68 -14.26
N TRP A 260 -30.91 6.20 -13.24
CA TRP A 260 -31.44 5.25 -12.27
C TRP A 260 -32.30 5.95 -11.21
N ASN A 261 -32.34 7.27 -11.24
CA ASN A 261 -33.19 8.05 -10.35
C ASN A 261 -34.53 8.29 -11.03
N ALA A 262 -35.50 7.43 -10.74
CA ALA A 262 -36.82 7.48 -11.41
C ALA A 262 -37.55 8.82 -11.19
N GLU A 263 -37.27 9.51 -10.09
CA GLU A 263 -37.83 10.84 -9.82
C GLU A 263 -37.63 11.81 -11.01
N GLN A 264 -36.48 11.72 -11.67
CA GLN A 264 -36.17 12.60 -12.81
C GLN A 264 -36.88 12.18 -14.11
N ARG A 265 -37.58 11.06 -14.08
CA ARG A 265 -38.34 10.56 -15.22
C ARG A 265 -39.83 10.48 -14.92
N LYS A 266 -40.24 11.03 -13.79
CA LYS A 266 -41.62 10.86 -13.33
C LYS A 266 -42.62 11.53 -14.28
N GLY A 267 -43.79 10.91 -14.40
CA GLY A 267 -44.89 11.47 -15.17
C GLY A 267 -45.40 10.58 -16.28
N GLY A 268 -44.62 9.57 -16.66
CA GLY A 268 -45.03 8.66 -17.72
C GLY A 268 -44.25 7.36 -17.74
N ASP A 269 -44.61 6.50 -18.69
CA ASP A 269 -44.01 5.17 -18.84
C ASP A 269 -42.55 5.14 -19.29
N ASN A 270 -42.06 6.26 -19.85
CA ASN A 270 -40.71 6.31 -20.41
C ASN A 270 -40.54 5.31 -21.56
N LYS A 271 -41.49 5.25 -22.48
CA LYS A 271 -41.39 4.35 -23.62
C LYS A 271 -40.35 4.89 -24.62
N TRP A 272 -39.57 4.02 -25.28
CA TRP A 272 -39.69 2.57 -25.25
C TRP A 272 -38.48 1.91 -24.58
N SER A 273 -38.15 2.36 -23.37
CA SER A 273 -37.24 1.62 -22.50
C SER A 273 -37.91 0.33 -22.04
N CYS A 274 -37.11 -0.65 -21.65
CA CYS A 274 -37.61 -1.90 -21.08
C CYS A 274 -38.71 -2.53 -21.94
N THR A 275 -38.47 -2.57 -23.25
CA THR A 275 -39.46 -2.93 -24.25
C THR A 275 -39.01 -4.07 -25.15
N ILE A 276 -39.94 -4.93 -25.52
CA ILE A 276 -39.75 -5.90 -26.60
C ILE A 276 -40.21 -5.26 -27.91
N PHE A 277 -39.31 -5.15 -28.88
CA PHE A 277 -39.62 -4.64 -30.22
C PHE A 277 -39.69 -5.77 -31.25
N ALA A 278 -40.63 -5.64 -32.18
CA ALA A 278 -40.69 -6.44 -33.39
C ALA A 278 -40.65 -5.49 -34.58
N ARG A 279 -39.61 -5.61 -35.41
CA ARG A 279 -39.39 -4.67 -36.52
C ARG A 279 -39.16 -5.38 -37.84
N ARG A 280 -39.48 -4.66 -38.92
CA ARG A 280 -39.21 -5.12 -40.27
C ARG A 280 -37.72 -4.90 -40.58
N PRO A 281 -36.98 -5.94 -40.99
CA PRO A 281 -35.55 -5.76 -41.26
C PRO A 281 -35.23 -4.86 -42.46
N ASP A 282 -36.11 -4.79 -43.45
CA ASP A 282 -35.87 -3.97 -44.65
C ASP A 282 -35.80 -2.48 -44.31
N THR A 283 -36.71 -2.03 -43.44
CA THR A 283 -36.92 -0.61 -43.17
C THR A 283 -36.64 -0.18 -41.73
N GLY A 284 -36.52 -1.15 -40.83
CA GLY A 284 -36.42 -0.86 -39.41
C GLY A 284 -37.72 -0.48 -38.73
N LYS A 285 -38.83 -0.43 -39.48
CA LYS A 285 -40.10 0.03 -38.91
C LYS A 285 -40.73 -1.00 -37.99
N ALA A 286 -41.20 -0.55 -36.83
CA ALA A 286 -41.79 -1.43 -35.84
C ALA A 286 -43.21 -1.85 -36.19
N ARG A 287 -43.45 -3.15 -36.10
CA ARG A 287 -44.79 -3.73 -36.28
C ARG A 287 -45.52 -3.82 -34.95
N TRP A 288 -44.77 -4.12 -33.89
CA TRP A 288 -45.35 -4.08 -32.55
C TRP A 288 -44.29 -3.86 -31.50
N ALA A 289 -44.73 -3.51 -30.30
CA ALA A 289 -43.83 -3.30 -29.18
C ALA A 289 -44.60 -3.43 -27.88
N TYR A 290 -43.98 -4.08 -26.90
CA TYR A 290 -44.57 -4.29 -25.58
C TYR A 290 -43.57 -3.90 -24.51
N GLN A 291 -43.92 -2.90 -23.71
CA GLN A 291 -43.06 -2.46 -22.61
C GLN A 291 -43.33 -3.29 -21.36
N MET A 292 -42.30 -4.00 -20.91
CA MET A 292 -42.44 -4.87 -19.74
C MET A 292 -42.46 -4.11 -18.42
N THR A 293 -41.64 -3.07 -18.32
CA THR A 293 -41.48 -2.37 -17.05
C THR A 293 -41.62 -0.85 -17.27
N PRO A 294 -42.86 -0.35 -17.25
CA PRO A 294 -43.11 1.09 -17.32
C PRO A 294 -42.49 1.86 -16.16
N TRP A 295 -41.87 3.00 -16.48
CA TRP A 295 -41.27 3.87 -15.48
C TRP A 295 -40.39 3.06 -14.53
N ASP A 296 -39.40 2.39 -15.11
CA ASP A 296 -38.51 1.54 -14.34
C ASP A 296 -37.83 2.31 -13.22
N SER A 297 -37.70 1.67 -12.06
CA SER A 297 -36.94 2.25 -10.94
C SER A 297 -35.95 1.24 -10.35
N TRP A 298 -35.65 0.16 -11.10
CA TRP A 298 -34.81 -0.93 -10.62
C TRP A 298 -33.63 -1.32 -11.52
N ASP A 299 -33.48 -0.65 -12.67
CA ASP A 299 -32.54 -1.06 -13.73
C ASP A 299 -32.87 -2.46 -14.29
N TYR A 300 -34.16 -2.75 -14.45
CA TYR A 300 -34.57 -4.00 -15.09
C TYR A 300 -34.50 -3.86 -16.62
N ASP A 301 -33.29 -3.89 -17.17
CA ASP A 301 -33.12 -3.84 -18.63
C ASP A 301 -33.93 -4.94 -19.29
N GLY A 302 -34.53 -4.63 -20.44
CA GLY A 302 -35.35 -5.59 -21.18
C GLY A 302 -34.62 -6.38 -22.25
N VAL A 303 -33.29 -6.36 -22.24
CA VAL A 303 -32.49 -6.81 -23.39
C VAL A 303 -32.32 -8.32 -23.53
N ASN A 304 -32.81 -9.10 -22.58
CA ASN A 304 -32.59 -10.54 -22.67
C ASN A 304 -33.22 -11.12 -23.94
N GLU A 305 -32.71 -12.29 -24.34
CA GLU A 305 -33.06 -12.86 -25.63
C GLU A 305 -34.55 -13.08 -25.82
N MET A 306 -34.94 -13.12 -27.09
CA MET A 306 -36.31 -13.32 -27.51
C MET A 306 -36.36 -14.65 -28.26
N ILE A 307 -36.60 -15.72 -27.53
CA ILE A 307 -36.61 -17.06 -28.12
C ILE A 307 -37.93 -17.23 -28.87
N LEU A 308 -37.89 -17.88 -30.05
CA LEU A 308 -39.06 -17.95 -30.92
C LEU A 308 -39.52 -19.39 -31.16
N PRO A 309 -40.07 -20.05 -30.12
CA PRO A 309 -40.57 -21.40 -30.30
C PRO A 309 -42.00 -21.40 -30.83
N ASP A 310 -42.40 -22.52 -31.43
CA ASP A 310 -43.80 -22.76 -31.75
C ASP A 310 -44.35 -23.66 -30.64
N LEU A 311 -45.24 -23.10 -29.82
CA LEU A 311 -45.77 -23.81 -28.66
C LEU A 311 -47.24 -24.14 -28.87
N THR A 312 -47.71 -25.17 -28.17
CA THR A 312 -49.11 -25.54 -28.21
C THR A 312 -49.86 -24.79 -27.10
N VAL A 313 -50.66 -23.81 -27.49
CA VAL A 313 -51.40 -22.97 -26.55
C VAL A 313 -52.89 -23.30 -26.67
N LYS A 314 -53.46 -23.83 -25.58
N LYS A 314 -53.46 -23.83 -25.58
CA LYS A 314 -54.84 -24.30 -25.59
CA LYS A 314 -54.84 -24.31 -25.58
C LYS A 314 -55.12 -25.26 -26.75
C LYS A 314 -55.11 -25.26 -26.75
N GLY A 315 -54.17 -26.16 -27.03
CA GLY A 315 -54.29 -27.11 -28.14
C GLY A 315 -53.92 -26.59 -29.53
N LYS A 316 -53.59 -25.31 -29.64
CA LYS A 316 -53.36 -24.66 -30.92
C LYS A 316 -51.87 -24.34 -31.08
N LYS A 317 -51.25 -24.82 -32.17
CA LYS A 317 -49.86 -24.49 -32.46
C LYS A 317 -49.78 -23.00 -32.75
N THR A 318 -48.92 -22.31 -32.00
CA THR A 318 -48.88 -20.85 -31.97
C THR A 318 -47.43 -20.39 -32.07
N PRO A 319 -47.15 -19.42 -32.96
CA PRO A 319 -45.81 -18.85 -33.04
C PRO A 319 -45.58 -17.87 -31.89
N CYS A 320 -44.75 -18.27 -30.94
CA CYS A 320 -44.55 -17.53 -29.72
C CYS A 320 -43.21 -16.82 -29.68
N LEU A 321 -43.10 -15.90 -28.71
CA LEU A 321 -41.85 -15.31 -28.32
C LEU A 321 -41.78 -15.53 -26.81
N VAL A 322 -40.65 -16.05 -26.34
CA VAL A 322 -40.46 -16.33 -24.92
C VAL A 322 -39.23 -15.59 -24.43
N HIS A 323 -39.38 -14.90 -23.30
CA HIS A 323 -38.37 -13.99 -22.83
C HIS A 323 -38.33 -14.00 -21.31
N PHE A 324 -37.15 -14.32 -20.78
CA PHE A 324 -36.93 -14.35 -19.34
C PHE A 324 -36.29 -13.04 -18.94
N ASP A 325 -37.12 -12.13 -18.45
CA ASP A 325 -36.68 -10.75 -18.27
C ASP A 325 -35.89 -10.55 -16.99
N ARG A 326 -35.03 -9.53 -17.00
CA ARG A 326 -34.37 -9.07 -15.78
C ARG A 326 -35.37 -8.87 -14.64
N ASN A 327 -36.58 -8.40 -14.94
CA ASN A 327 -37.55 -8.11 -13.89
C ASN A 327 -38.10 -9.35 -13.15
N GLY A 328 -37.69 -10.54 -13.60
CA GLY A 328 -38.04 -11.78 -12.92
C GLY A 328 -39.24 -12.53 -13.47
N PHE A 329 -39.92 -11.94 -14.46
CA PHE A 329 -41.05 -12.58 -15.13
C PHE A 329 -40.62 -13.26 -16.43
N GLY A 330 -41.18 -14.46 -16.64
CA GLY A 330 -41.02 -15.21 -17.88
C GLY A 330 -42.21 -14.93 -18.75
N TYR A 331 -41.98 -14.23 -19.86
CA TYR A 331 -43.02 -13.76 -20.74
C TYR A 331 -43.19 -14.69 -21.93
N VAL A 332 -44.45 -14.95 -22.29
CA VAL A 332 -44.78 -15.64 -23.53
C VAL A 332 -45.72 -14.73 -24.29
N LEU A 333 -45.31 -14.32 -25.50
CA LEU A 333 -46.11 -13.46 -26.34
C LEU A 333 -46.38 -14.16 -27.68
N ASP A 334 -47.46 -13.75 -28.33
CA ASP A 334 -47.69 -14.11 -29.73
C ASP A 334 -46.74 -13.23 -30.55
N ARG A 335 -45.82 -13.83 -31.29
CA ARG A 335 -44.78 -13.04 -31.96
C ARG A 335 -45.28 -12.31 -33.22
N ARG A 336 -46.51 -12.58 -33.63
CA ARG A 336 -47.13 -11.85 -34.73
C ARG A 336 -47.60 -10.47 -34.31
N THR A 337 -48.07 -10.33 -33.07
CA THR A 337 -48.82 -9.15 -32.64
C THR A 337 -48.37 -8.52 -31.33
N GLY A 338 -47.59 -9.25 -30.53
CA GLY A 338 -47.24 -8.81 -29.19
C GLY A 338 -48.28 -9.12 -28.13
N GLN A 339 -49.28 -9.94 -28.47
CA GLN A 339 -50.27 -10.37 -27.48
C GLN A 339 -49.59 -11.10 -26.33
N LEU A 340 -49.91 -10.73 -25.10
CA LEU A 340 -49.36 -11.41 -23.93
C LEU A 340 -50.17 -12.68 -23.67
N ILE A 341 -49.50 -13.82 -23.77
CA ILE A 341 -50.13 -15.13 -23.53
C ILE A 341 -49.96 -15.53 -22.07
N GLU A 342 -48.74 -15.38 -21.57
CA GLU A 342 -48.44 -15.69 -20.18
C GLU A 342 -47.30 -14.83 -19.66
N ALA A 343 -47.35 -14.54 -18.36
CA ALA A 343 -46.24 -13.86 -17.68
C ALA A 343 -46.26 -14.24 -16.21
N GLN A 344 -45.28 -15.05 -15.80
CA GLN A 344 -45.20 -15.56 -14.43
C GLN A 344 -43.75 -15.49 -13.97
N PRO A 345 -43.53 -15.36 -12.65
CA PRO A 345 -42.16 -15.28 -12.16
C PRO A 345 -41.36 -16.58 -12.33
N PHE A 346 -40.15 -16.48 -12.87
CA PHE A 346 -39.23 -17.61 -12.94
C PHE A 346 -38.18 -17.59 -11.83
N VAL A 347 -38.17 -16.51 -11.04
CA VAL A 347 -37.42 -16.41 -9.79
C VAL A 347 -38.32 -15.76 -8.75
N TYR A 348 -37.85 -15.70 -7.50
CA TYR A 348 -38.58 -14.98 -6.46
C TYR A 348 -38.66 -13.49 -6.83
N VAL A 349 -39.89 -12.98 -6.87
CA VAL A 349 -40.19 -11.59 -7.21
C VAL A 349 -40.98 -10.96 -6.07
N ASN A 350 -40.55 -9.80 -5.58
CA ASN A 350 -41.32 -9.07 -4.58
C ASN A 350 -41.61 -7.59 -4.91
N TRP A 351 -41.20 -7.14 -6.09
CA TRP A 351 -41.47 -5.75 -6.51
C TRP A 351 -42.86 -5.61 -7.14
N ALA A 352 -43.43 -6.74 -7.56
CA ALA A 352 -44.78 -6.76 -8.15
C ALA A 352 -45.53 -8.01 -7.71
N LYS A 353 -46.85 -7.89 -7.64
CA LYS A 353 -47.72 -9.03 -7.29
C LYS A 353 -47.86 -9.96 -8.48
N GLU A 354 -47.99 -9.36 -9.66
CA GLU A 354 -48.28 -10.08 -10.90
C GLU A 354 -48.20 -9.09 -12.05
N ILE A 355 -48.34 -9.60 -13.28
CA ILE A 355 -48.61 -8.76 -14.44
C ILE A 355 -50.12 -8.81 -14.66
N SER A 356 -50.76 -7.64 -14.71
CA SER A 356 -52.21 -7.57 -14.82
C SER A 356 -52.70 -8.17 -16.13
N LYS A 357 -53.72 -9.01 -16.05
CA LYS A 357 -54.34 -9.55 -17.26
C LYS A 357 -55.27 -8.53 -17.91
N GLU A 358 -55.66 -7.49 -17.16
CA GLU A 358 -56.53 -6.44 -17.68
C GLU A 358 -55.79 -5.48 -18.63
N ASN A 359 -54.59 -5.05 -18.23
CA ASN A 359 -53.85 -4.05 -19.01
C ASN A 359 -52.37 -4.37 -19.28
N ASP A 360 -51.95 -5.61 -18.98
CA ASP A 360 -50.57 -6.05 -19.23
C ASP A 360 -49.48 -5.20 -18.55
N ARG A 361 -49.83 -4.56 -17.44
CA ARG A 361 -48.88 -3.77 -16.68
C ARG A 361 -48.60 -4.45 -15.35
N PRO A 362 -47.35 -4.35 -14.86
CA PRO A 362 -47.07 -4.88 -13.53
C PRO A 362 -47.97 -4.27 -12.47
N VAL A 363 -48.48 -5.10 -11.57
CA VAL A 363 -49.20 -4.64 -10.40
C VAL A 363 -48.15 -4.49 -9.31
N GLU A 364 -47.70 -3.25 -9.11
CA GLU A 364 -46.54 -2.98 -8.27
C GLU A 364 -46.87 -3.05 -6.79
N ILE A 365 -45.88 -3.45 -6.01
CA ILE A 365 -45.93 -3.37 -4.56
C ILE A 365 -45.24 -2.04 -4.21
N PRO A 366 -46.02 -1.03 -3.77
CA PRO A 366 -45.49 0.33 -3.67
C PRO A 366 -44.27 0.51 -2.76
N GLU A 367 -44.16 -0.31 -1.72
CA GLU A 367 -43.01 -0.25 -0.81
C GLU A 367 -41.68 -0.65 -1.46
N LYS A 368 -41.73 -1.30 -2.62
CA LYS A 368 -40.53 -1.72 -3.33
C LYS A 368 -40.15 -0.83 -4.52
N ARG A 369 -40.96 0.18 -4.81
CA ARG A 369 -40.58 1.16 -5.84
C ARG A 369 -39.59 2.14 -5.24
N THR A 370 -38.51 2.39 -5.95
CA THR A 370 -37.42 3.20 -5.39
C THR A 370 -37.74 4.69 -5.49
N LYS A 371 -36.98 5.50 -4.75
CA LYS A 371 -37.21 6.93 -4.71
C LYS A 371 -35.91 7.69 -4.46
N GLN A 372 -35.99 9.01 -4.57
CA GLN A 372 -34.83 9.87 -4.45
C GLN A 372 -34.52 10.21 -3.01
N GLY A 373 -33.32 9.87 -2.56
CA GLY A 373 -32.81 10.30 -1.27
C GLY A 373 -33.29 9.47 -0.08
N VAL A 374 -33.98 8.37 -0.36
CA VAL A 374 -34.44 7.44 0.67
C VAL A 374 -34.17 6.04 0.15
N ASP A 375 -33.65 5.18 1.01
CA ASP A 375 -33.32 3.82 0.61
C ASP A 375 -34.59 2.98 0.52
N THR A 376 -34.59 2.01 -0.38
CA THR A 376 -35.64 1.01 -0.45
C THR A 376 -34.95 -0.33 -0.29
N LYS A 377 -35.37 -1.10 0.71
CA LYS A 377 -34.63 -2.31 1.09
C LYS A 377 -35.32 -3.59 0.67
N GLY A 378 -34.51 -4.59 0.34
CA GLY A 378 -35.00 -5.95 0.15
C GLY A 378 -35.82 -6.14 -1.11
N ILE A 379 -35.32 -5.62 -2.22
CA ILE A 379 -35.97 -5.75 -3.52
C ILE A 379 -35.42 -6.99 -4.22
N CYS A 380 -36.30 -7.87 -4.67
CA CYS A 380 -35.89 -9.07 -5.42
C CYS A 380 -36.73 -9.16 -6.69
N PRO A 381 -36.11 -9.43 -7.84
CA PRO A 381 -34.66 -9.59 -7.97
C PRO A 381 -33.94 -8.27 -7.88
N ASN A 382 -32.62 -8.30 -7.74
CA ASN A 382 -31.86 -7.06 -7.81
C ASN A 382 -31.67 -6.64 -9.27
N SER A 383 -30.89 -5.58 -9.48
CA SER A 383 -30.72 -5.01 -10.81
C SER A 383 -30.07 -5.97 -11.80
N MET A 384 -29.32 -6.96 -11.31
CA MET A 384 -28.75 -7.99 -12.17
C MET A 384 -29.84 -8.93 -12.69
N GLY A 385 -31.01 -8.86 -12.06
CA GLY A 385 -32.23 -9.46 -12.58
C GLY A 385 -32.41 -10.92 -12.23
N GLY A 386 -33.58 -11.45 -12.57
CA GLY A 386 -33.84 -12.89 -12.44
C GLY A 386 -32.83 -13.68 -13.25
N LYS A 387 -32.50 -13.15 -14.43
CA LYS A 387 -31.27 -13.51 -15.13
C LYS A 387 -30.80 -12.28 -15.89
N ASP A 388 -29.50 -12.24 -16.16
CA ASP A 388 -28.93 -11.18 -16.96
C ASP A 388 -28.80 -11.71 -18.39
N GLN A 389 -27.84 -11.20 -19.14
CA GLN A 389 -27.71 -11.50 -20.57
C GLN A 389 -27.52 -12.97 -20.93
N GLN A 390 -26.94 -13.75 -20.03
CA GLN A 390 -26.68 -15.18 -20.26
C GLN A 390 -27.95 -15.87 -20.81
N PRO A 391 -27.89 -16.35 -22.06
CA PRO A 391 -29.12 -16.78 -22.72
C PRO A 391 -29.64 -18.17 -22.34
N ALA A 392 -30.96 -18.28 -22.17
CA ALA A 392 -31.64 -19.55 -21.97
C ALA A 392 -31.66 -20.40 -23.24
N ALA A 393 -31.97 -21.68 -23.07
CA ALA A 393 -32.13 -22.62 -24.17
C ALA A 393 -33.54 -23.23 -24.15
N PHE A 394 -33.97 -23.72 -25.30
CA PHE A 394 -35.28 -24.37 -25.48
C PHE A 394 -35.06 -25.72 -26.13
N SER A 395 -35.74 -26.76 -25.64
CA SER A 395 -35.77 -28.05 -26.34
C SER A 395 -37.11 -28.27 -27.02
N PRO A 396 -37.12 -28.42 -28.35
CA PRO A 396 -38.38 -28.75 -29.03
C PRO A 396 -38.89 -30.16 -28.68
N GLN A 397 -38.00 -31.02 -28.18
CA GLN A 397 -38.39 -32.37 -27.76
C GLN A 397 -39.25 -32.34 -26.49
N THR A 398 -38.82 -31.58 -25.50
CA THR A 398 -39.54 -31.49 -24.22
C THR A 398 -40.55 -30.34 -24.18
N GLY A 399 -40.35 -29.32 -25.01
CA GLY A 399 -41.18 -28.12 -24.98
C GLY A 399 -40.87 -27.20 -23.82
N LEU A 400 -39.74 -27.43 -23.15
CA LEU A 400 -39.37 -26.70 -21.94
C LEU A 400 -38.13 -25.87 -22.13
N PHE A 401 -37.90 -24.98 -21.15
CA PHE A 401 -36.78 -24.05 -21.18
C PHE A 401 -35.78 -24.36 -20.08
N TYR A 402 -34.52 -24.10 -20.38
CA TYR A 402 -33.41 -24.36 -19.47
C TYR A 402 -32.72 -23.03 -19.26
N VAL A 403 -32.81 -22.52 -18.04
CA VAL A 403 -32.57 -21.10 -17.78
C VAL A 403 -31.53 -20.89 -16.70
N PRO A 404 -30.44 -20.17 -17.02
CA PRO A 404 -29.49 -19.79 -16.00
C PRO A 404 -30.07 -18.62 -15.22
N THR A 405 -29.99 -18.65 -13.89
CA THR A 405 -30.63 -17.60 -13.10
C THR A 405 -29.75 -17.08 -11.97
N ASN A 406 -30.14 -15.90 -11.50
CA ASN A 406 -29.57 -15.26 -10.34
C ASN A 406 -30.52 -15.42 -9.17
N ASN A 407 -29.97 -15.48 -7.96
CA ASN A 407 -30.74 -15.50 -6.73
C ASN A 407 -30.20 -14.43 -5.79
N MET A 408 -30.62 -13.20 -6.04
CA MET A 408 -30.08 -12.06 -5.31
C MET A 408 -31.14 -11.00 -5.06
N CYS A 409 -30.85 -10.11 -4.13
CA CYS A 409 -31.73 -8.99 -3.81
C CYS A 409 -30.86 -7.75 -3.58
N MET A 410 -31.50 -6.62 -3.29
CA MET A 410 -30.75 -5.37 -3.10
C MET A 410 -31.49 -4.34 -2.27
N ASN A 411 -30.71 -3.37 -1.79
CA ASN A 411 -31.21 -2.07 -1.38
C ASN A 411 -30.84 -1.10 -2.50
N TYR A 412 -31.70 -0.12 -2.78
CA TYR A 412 -31.49 0.79 -3.92
C TYR A 412 -32.04 2.15 -3.53
N GLU A 413 -31.16 3.17 -3.57
CA GLU A 413 -31.54 4.54 -3.26
C GLU A 413 -31.30 5.41 -4.48
N GLY A 414 -32.34 6.09 -4.93
CA GLY A 414 -32.19 7.09 -6.00
C GLY A 414 -31.42 8.30 -5.49
N VAL A 415 -30.63 8.90 -6.39
CA VAL A 415 -29.85 10.10 -6.09
C VAL A 415 -29.93 11.02 -7.30
N GLU A 416 -30.00 12.33 -7.09
CA GLU A 416 -30.04 13.27 -8.20
C GLU A 416 -28.85 13.05 -9.14
N ALA A 417 -29.12 12.95 -10.44
CA ALA A 417 -28.08 12.75 -11.45
C ALA A 417 -27.96 13.97 -12.35
N THR A 418 -26.72 14.39 -12.60
CA THR A 418 -26.43 15.49 -13.52
C THR A 418 -25.72 14.92 -14.74
N TYR A 419 -26.14 15.33 -15.92
CA TYR A 419 -25.56 14.81 -17.17
C TYR A 419 -24.33 15.59 -17.62
N THR A 420 -23.25 14.85 -17.85
CA THR A 420 -22.07 15.34 -18.55
C THR A 420 -21.72 14.30 -19.60
N ALA A 421 -21.72 14.70 -20.88
CA ALA A 421 -21.49 13.77 -21.98
C ALA A 421 -20.16 13.05 -21.81
N GLY A 422 -20.19 11.72 -21.85
CA GLY A 422 -18.99 10.91 -21.66
C GLY A 422 -18.78 10.46 -20.23
N ALA A 423 -19.54 11.02 -19.28
CA ALA A 423 -19.45 10.63 -17.87
C ALA A 423 -20.69 9.83 -17.48
N PRO A 424 -20.60 9.03 -16.41
CA PRO A 424 -21.77 8.28 -15.97
C PRO A 424 -22.98 9.15 -15.65
N TYR A 425 -24.17 8.61 -15.93
CA TYR A 425 -25.43 9.28 -15.67
C TYR A 425 -26.33 8.24 -14.99
N VAL A 426 -25.98 7.93 -13.75
CA VAL A 426 -26.64 6.87 -13.00
C VAL A 426 -27.62 7.50 -12.01
N GLY A 427 -27.15 7.87 -10.83
CA GLY A 427 -28.02 8.45 -9.81
C GLY A 427 -28.68 7.38 -8.95
N ALA A 428 -27.85 6.47 -8.44
CA ALA A 428 -28.32 5.50 -7.47
C ALA A 428 -27.18 4.95 -6.64
N ASN A 429 -27.48 4.65 -5.38
CA ASN A 429 -26.58 3.89 -4.51
C ASN A 429 -27.24 2.54 -4.28
N VAL A 430 -26.54 1.47 -4.63
CA VAL A 430 -27.13 0.14 -4.61
C VAL A 430 -26.23 -0.81 -3.83
N LEU A 431 -26.84 -1.58 -2.93
CA LEU A 431 -26.14 -2.63 -2.21
C LEU A 431 -26.83 -3.95 -2.53
N MET A 432 -26.04 -4.94 -2.94
CA MET A 432 -26.57 -6.22 -3.36
C MET A 432 -26.18 -7.33 -2.38
N TYR A 433 -27.03 -8.35 -2.33
CA TYR A 433 -26.79 -9.50 -1.45
C TYR A 433 -27.60 -10.70 -1.91
N SER A 434 -27.57 -11.78 -1.13
CA SER A 434 -28.17 -13.05 -1.54
C SER A 434 -29.70 -13.00 -1.57
N GLY A 435 -30.27 -14.02 -2.20
CA GLY A 435 -31.71 -14.10 -2.43
C GLY A 435 -32.57 -14.16 -1.18
N HIS A 436 -33.87 -13.97 -1.40
CA HIS A 436 -34.87 -13.91 -0.35
C HIS A 436 -34.45 -12.97 0.77
N GLU A 437 -34.20 -11.72 0.38
CA GLU A 437 -33.83 -10.65 1.30
C GLU A 437 -32.62 -11.00 2.17
N GLY A 438 -31.61 -11.60 1.55
CA GLY A 438 -30.36 -11.93 2.24
C GLY A 438 -30.34 -13.22 3.04
N LYS A 439 -31.46 -13.94 3.04
CA LYS A 439 -31.58 -15.16 3.84
C LYS A 439 -30.88 -16.37 3.22
N ASP A 440 -30.75 -16.40 1.90
CA ASP A 440 -30.18 -17.55 1.22
C ASP A 440 -28.65 -17.58 1.29
N ASP A 441 -28.08 -18.78 1.24
CA ASP A 441 -26.63 -18.94 1.22
C ASP A 441 -26.08 -19.22 -0.18
N TYR A 442 -26.93 -19.06 -1.20
CA TYR A 442 -26.54 -19.29 -2.58
C TYR A 442 -27.07 -18.14 -3.43
N TYR A 443 -26.39 -17.88 -4.55
CA TYR A 443 -26.61 -16.68 -5.35
C TYR A 443 -27.08 -16.97 -6.76
N GLY A 444 -27.26 -18.25 -7.10
CA GLY A 444 -27.65 -18.62 -8.44
C GLY A 444 -28.44 -19.92 -8.49
N ALA A 445 -28.99 -20.20 -9.67
CA ALA A 445 -29.65 -21.48 -9.90
C ALA A 445 -29.79 -21.75 -11.39
N PHE A 446 -29.68 -23.01 -11.76
CA PHE A 446 -29.97 -23.44 -13.12
C PHE A 446 -31.29 -24.20 -13.05
N ILE A 447 -32.25 -23.80 -13.86
CA ILE A 447 -33.61 -24.33 -13.75
C ILE A 447 -34.14 -24.86 -15.06
N CYS A 448 -35.11 -25.77 -14.94
CA CYS A 448 -35.96 -26.15 -16.05
C CYS A 448 -37.31 -25.51 -15.77
N TYR A 449 -37.84 -24.80 -16.78
CA TYR A 449 -39.02 -23.97 -16.59
C TYR A 449 -40.04 -24.22 -17.69
N ASP A 450 -41.29 -24.38 -17.27
CA ASP A 450 -42.41 -24.54 -18.18
C ASP A 450 -43.04 -23.17 -18.35
N ALA A 451 -42.83 -22.56 -19.51
CA ALA A 451 -43.21 -21.16 -19.75
C ALA A 451 -44.72 -20.93 -19.77
N LEU A 452 -45.47 -21.84 -20.39
CA LEU A 452 -46.93 -21.67 -20.47
C LEU A 452 -47.61 -21.95 -19.13
N LYS A 453 -47.13 -22.94 -18.39
CA LYS A 453 -47.67 -23.24 -17.06
C LYS A 453 -47.16 -22.25 -16.02
N GLY A 454 -46.03 -21.62 -16.32
CA GLY A 454 -45.45 -20.62 -15.44
C GLY A 454 -44.91 -21.24 -14.17
N LYS A 455 -44.22 -22.37 -14.32
CA LYS A 455 -43.77 -23.17 -13.18
C LYS A 455 -42.37 -23.73 -13.43
N ARG A 456 -41.54 -23.73 -12.40
CA ARG A 456 -40.30 -24.49 -12.42
C ARG A 456 -40.61 -25.98 -12.38
N VAL A 457 -39.84 -26.74 -13.14
CA VAL A 457 -39.93 -28.19 -13.19
C VAL A 457 -38.87 -28.79 -12.26
N TRP A 458 -37.64 -28.30 -12.37
CA TRP A 458 -36.59 -28.61 -11.39
C TRP A 458 -35.62 -27.46 -11.27
N GLU A 459 -34.81 -27.48 -10.21
CA GLU A 459 -33.83 -26.43 -9.98
C GLU A 459 -32.56 -26.98 -9.34
N ILE A 460 -31.42 -26.47 -9.82
CA ILE A 460 -30.11 -26.78 -9.27
C ILE A 460 -29.65 -25.50 -8.59
N HIS A 461 -29.55 -25.51 -7.27
CA HIS A 461 -29.00 -24.35 -6.57
C HIS A 461 -27.50 -24.27 -6.85
N GLU A 462 -27.03 -23.06 -7.12
CA GLU A 462 -25.64 -22.82 -7.47
C GLU A 462 -25.12 -21.76 -6.54
N HIS A 463 -23.89 -21.94 -6.06
CA HIS A 463 -23.37 -20.97 -5.10
C HIS A 463 -23.27 -19.58 -5.72
N PHE A 464 -22.75 -19.51 -6.94
CA PHE A 464 -22.63 -18.24 -7.65
C PHE A 464 -23.75 -18.09 -8.67
N PRO A 465 -24.04 -16.84 -9.06
CA PRO A 465 -24.97 -16.61 -10.16
C PRO A 465 -24.54 -17.45 -11.36
N VAL A 466 -25.50 -18.00 -12.10
CA VAL A 466 -25.17 -18.76 -13.30
C VAL A 466 -25.13 -17.78 -14.46
N TRP A 467 -23.92 -17.48 -14.93
CA TRP A 467 -23.70 -16.43 -15.93
C TRP A 467 -23.23 -17.04 -17.25
N SER A 468 -23.82 -18.17 -17.59
CA SER A 468 -23.43 -18.96 -18.75
C SER A 468 -24.70 -19.50 -19.38
N GLY A 469 -24.86 -19.29 -20.68
CA GLY A 469 -26.06 -19.69 -21.41
C GLY A 469 -25.95 -21.10 -21.93
N PRO A 470 -26.85 -22.00 -21.49
CA PRO A 470 -26.66 -23.41 -21.83
C PRO A 470 -26.87 -23.75 -23.29
N VAL A 471 -26.22 -24.81 -23.73
CA VAL A 471 -26.61 -25.50 -24.97
C VAL A 471 -27.34 -26.76 -24.55
N VAL A 472 -28.46 -27.03 -25.20
CA VAL A 472 -29.27 -28.21 -24.92
C VAL A 472 -29.27 -29.07 -26.17
N THR A 473 -29.26 -30.39 -25.99
CA THR A 473 -29.14 -31.28 -27.14
C THR A 473 -30.14 -32.43 -27.14
N ALA A 474 -30.29 -33.03 -28.30
CA ALA A 474 -31.11 -34.23 -28.48
C ALA A 474 -30.55 -35.45 -27.75
N GLY A 475 -29.32 -35.34 -27.21
CA GLY A 475 -28.77 -36.36 -26.33
C GLY A 475 -29.30 -36.29 -24.90
N GLY A 476 -30.22 -35.36 -24.63
CA GLY A 476 -30.85 -35.24 -23.31
C GLY A 476 -30.01 -34.48 -22.31
N LEU A 477 -29.13 -33.61 -22.82
CA LEU A 477 -28.14 -32.91 -22.00
C LEU A 477 -28.26 -31.41 -22.13
N ALA A 478 -27.99 -30.73 -21.01
CA ALA A 478 -27.71 -29.29 -21.00
C ALA A 478 -26.30 -29.10 -20.47
N PHE A 479 -25.50 -28.29 -21.15
CA PHE A 479 -24.16 -27.92 -20.69
C PHE A 479 -24.17 -26.46 -20.27
N TYR A 480 -23.57 -26.16 -19.13
CA TYR A 480 -23.36 -24.76 -18.72
C TYR A 480 -22.15 -24.68 -17.80
N GLY A 481 -21.63 -23.47 -17.63
CA GLY A 481 -20.49 -23.23 -16.74
C GLY A 481 -20.87 -22.43 -15.52
N THR A 482 -20.03 -22.54 -14.48
CA THR A 482 -20.21 -21.77 -13.25
C THR A 482 -19.09 -20.74 -13.11
N MET A 483 -19.35 -19.75 -12.26
CA MET A 483 -18.41 -18.63 -12.11
C MET A 483 -17.16 -18.97 -11.31
N ASP A 484 -17.12 -20.15 -10.68
CA ASP A 484 -15.86 -20.62 -10.11
C ASP A 484 -15.18 -21.70 -10.97
N GLY A 485 -15.61 -21.82 -12.23
CA GLY A 485 -14.84 -22.55 -13.22
C GLY A 485 -15.31 -23.95 -13.55
N TRP A 486 -16.41 -24.40 -12.96
CA TRP A 486 -16.91 -25.74 -13.26
C TRP A 486 -17.75 -25.75 -14.53
N PHE A 487 -17.37 -26.61 -15.47
CA PHE A 487 -18.17 -26.86 -16.65
C PHE A 487 -18.93 -28.17 -16.42
N LYS A 488 -20.25 -28.12 -16.62
CA LYS A 488 -21.14 -29.19 -16.20
C LYS A 488 -22.08 -29.62 -17.31
N ALA A 489 -22.39 -30.92 -17.32
CA ALA A 489 -23.46 -31.47 -18.14
C ALA A 489 -24.52 -32.04 -17.21
N VAL A 490 -25.77 -31.65 -17.44
CA VAL A 490 -26.88 -32.13 -16.62
C VAL A 490 -27.93 -32.83 -17.47
N ASP A 491 -28.61 -33.79 -16.84
CA ASP A 491 -29.73 -34.50 -17.45
C ASP A 491 -30.91 -33.53 -17.54
N ILE A 492 -31.41 -33.24 -18.74
CA ILE A 492 -32.48 -32.25 -18.85
C ILE A 492 -33.80 -32.69 -18.21
N LYS A 493 -34.00 -34.00 -18.06
CA LYS A 493 -35.23 -34.48 -17.43
C LYS A 493 -35.27 -34.27 -15.92
N THR A 494 -34.11 -34.32 -15.26
CA THR A 494 -34.05 -34.33 -13.80
C THR A 494 -33.16 -33.27 -13.15
N GLY A 495 -32.25 -32.68 -13.91
CA GLY A 495 -31.26 -31.76 -13.36
C GLY A 495 -30.05 -32.44 -12.72
N LYS A 496 -29.96 -33.76 -12.79
CA LYS A 496 -28.80 -34.44 -12.21
C LYS A 496 -27.54 -34.11 -12.99
N VAL A 497 -26.47 -33.78 -12.27
CA VAL A 497 -25.18 -33.51 -12.89
C VAL A 497 -24.55 -34.86 -13.26
N LEU A 498 -24.28 -35.05 -14.55
CA LEU A 498 -23.77 -36.29 -15.09
C LEU A 498 -22.27 -36.26 -15.34
N TRP A 499 -21.71 -35.06 -15.47
CA TRP A 499 -20.31 -34.88 -15.79
C TRP A 499 -19.93 -33.45 -15.43
N GLN A 500 -18.72 -33.27 -14.91
CA GLN A 500 -18.18 -31.93 -14.68
C GLN A 500 -16.67 -31.92 -14.57
N GLN A 501 -16.09 -30.76 -14.91
CA GLN A 501 -14.66 -30.57 -14.81
C GLN A 501 -14.38 -29.13 -14.41
N LYS A 502 -13.35 -28.95 -13.57
CA LYS A 502 -12.97 -27.61 -13.12
C LYS A 502 -11.94 -27.02 -14.08
N LEU A 503 -12.32 -25.91 -14.70
CA LEU A 503 -11.48 -25.20 -15.65
C LEU A 503 -10.76 -24.05 -14.93
N GLY A 504 -9.92 -23.32 -15.67
CA GLY A 504 -8.96 -22.42 -15.05
C GLY A 504 -9.49 -21.09 -14.55
N SER A 505 -10.66 -20.67 -15.03
CA SER A 505 -11.27 -19.41 -14.65
C SER A 505 -12.78 -19.56 -14.71
N GLY A 506 -13.49 -18.72 -13.99
CA GLY A 506 -14.95 -18.71 -14.04
C GLY A 506 -15.45 -18.63 -15.47
N ILE A 507 -16.56 -19.31 -15.73
CA ILE A 507 -17.11 -19.42 -17.07
C ILE A 507 -18.28 -18.48 -17.20
N ILE A 508 -18.15 -17.50 -18.10
CA ILE A 508 -19.29 -16.68 -18.48
C ILE A 508 -19.55 -16.78 -19.98
N GLY A 509 -18.93 -17.77 -20.62
CA GLY A 509 -19.23 -18.08 -22.00
C GLY A 509 -20.47 -18.96 -22.13
N ASN A 510 -21.03 -18.95 -23.34
CA ASN A 510 -22.15 -19.81 -23.68
C ASN A 510 -21.61 -20.97 -24.52
N PRO A 511 -21.66 -22.20 -23.99
CA PRO A 511 -21.09 -23.31 -24.75
C PRO A 511 -21.82 -23.61 -26.05
N ILE A 512 -21.09 -24.25 -26.96
CA ILE A 512 -21.66 -24.71 -28.21
C ILE A 512 -21.36 -26.18 -28.39
N THR A 513 -22.03 -26.80 -29.36
CA THR A 513 -21.66 -28.14 -29.76
C THR A 513 -21.74 -28.20 -31.27
N PHE A 514 -20.87 -29.00 -31.86
CA PHE A 514 -20.69 -29.04 -33.31
C PHE A 514 -20.05 -30.36 -33.71
N LEU A 515 -20.02 -30.61 -35.02
CA LEU A 515 -19.25 -31.73 -35.56
C LEU A 515 -17.97 -31.21 -36.18
N GLY A 516 -16.86 -31.85 -35.86
CA GLY A 516 -15.59 -31.54 -36.51
C GLY A 516 -15.57 -32.14 -37.90
N PRO A 517 -14.53 -31.83 -38.70
CA PRO A 517 -14.34 -32.49 -40.00
C PRO A 517 -14.24 -34.02 -39.90
N ASP A 518 -13.77 -34.51 -38.76
CA ASP A 518 -13.74 -35.94 -38.45
C ASP A 518 -15.12 -36.57 -38.19
N LYS A 519 -16.16 -35.74 -38.20
CA LYS A 519 -17.55 -36.15 -37.95
C LYS A 519 -17.81 -36.57 -36.49
N LYS A 520 -16.89 -36.22 -35.60
CA LYS A 520 -17.07 -36.45 -34.17
C LYS A 520 -17.71 -35.20 -33.55
N GLN A 521 -18.53 -35.40 -32.51
CA GLN A 521 -19.16 -34.29 -31.81
C GLN A 521 -18.22 -33.70 -30.74
N TYR A 522 -18.13 -32.38 -30.73
CA TYR A 522 -17.35 -31.63 -29.75
C TYR A 522 -18.27 -30.67 -29.01
N VAL A 523 -17.87 -30.33 -27.78
CA VAL A 523 -18.52 -29.30 -26.99
C VAL A 523 -17.44 -28.29 -26.62
N ALA A 524 -17.69 -27.01 -26.88
CA ALA A 524 -16.68 -25.96 -26.68
C ALA A 524 -17.24 -24.85 -25.81
N VAL A 525 -16.38 -24.27 -24.98
CA VAL A 525 -16.80 -23.16 -24.12
C VAL A 525 -15.62 -22.25 -23.80
N TYR A 526 -15.90 -20.96 -23.64
CA TYR A 526 -14.91 -20.01 -23.13
C TYR A 526 -14.85 -20.05 -21.61
N SER A 527 -13.64 -19.93 -21.09
CA SER A 527 -13.37 -19.68 -19.68
C SER A 527 -12.71 -18.32 -19.60
N GLY A 528 -13.03 -17.57 -18.54
CA GLY A 528 -12.48 -16.23 -18.37
C GLY A 528 -13.52 -15.37 -17.69
N VAL A 529 -13.40 -15.24 -16.37
CA VAL A 529 -14.45 -14.64 -15.58
C VAL A 529 -14.48 -13.12 -15.77
N GLY A 530 -15.65 -12.54 -15.58
CA GLY A 530 -15.83 -11.11 -15.71
C GLY A 530 -17.31 -10.83 -15.83
N GLY A 531 -17.67 -9.86 -16.66
CA GLY A 531 -19.04 -9.39 -16.73
C GLY A 531 -19.39 -8.63 -15.47
N TRP A 532 -20.67 -8.32 -15.29
CA TRP A 532 -21.05 -7.42 -14.19
C TRP A 532 -20.78 -8.04 -12.82
N PHE A 533 -21.28 -9.25 -12.57
CA PHE A 533 -21.05 -9.87 -11.27
C PHE A 533 -19.56 -10.14 -11.02
N GLY A 534 -18.80 -10.39 -12.09
CA GLY A 534 -17.37 -10.65 -11.97
C GLY A 534 -16.48 -9.43 -12.00
N ILE A 535 -17.06 -8.22 -11.99
CA ILE A 535 -16.27 -7.00 -12.18
C ILE A 535 -15.22 -6.79 -11.09
N ALA A 536 -15.51 -7.18 -9.85
CA ALA A 536 -14.53 -7.06 -8.78
C ALA A 536 -13.23 -7.81 -9.11
N VAL A 537 -13.36 -8.96 -9.76
CA VAL A 537 -12.20 -9.74 -10.15
C VAL A 537 -11.59 -9.21 -11.45
N ALA A 538 -12.42 -8.98 -12.47
CA ALA A 538 -11.92 -8.53 -13.77
C ALA A 538 -11.20 -7.17 -13.68
N GLN A 539 -11.73 -6.29 -12.84
CA GLN A 539 -11.20 -4.93 -12.71
C GLN A 539 -10.38 -4.74 -11.42
N ASN A 540 -10.19 -5.82 -10.66
CA ASN A 540 -9.36 -5.80 -9.45
C ASN A 540 -9.79 -4.71 -8.46
N LEU A 541 -11.08 -4.70 -8.14
CA LEU A 541 -11.65 -3.70 -7.23
C LEU A 541 -11.63 -4.22 -5.81
N PRO A 542 -11.28 -3.34 -4.85
CA PRO A 542 -11.17 -3.71 -3.44
C PRO A 542 -12.52 -3.86 -2.76
N PRO A 543 -12.58 -4.60 -1.63
CA PRO A 543 -13.84 -4.81 -0.93
C PRO A 543 -14.32 -3.62 -0.09
N ASP A 544 -13.49 -2.60 0.12
CA ASP A 544 -13.82 -1.58 1.13
C ASP A 544 -15.02 -0.71 0.74
N ASP A 545 -15.32 -0.62 -0.56
CA ASP A 545 -16.50 0.11 -1.02
C ASP A 545 -17.43 -0.86 -1.75
N PRO A 546 -18.41 -1.42 -1.01
CA PRO A 546 -19.32 -2.41 -1.59
C PRO A 546 -20.32 -1.83 -2.58
N TYR A 547 -20.50 -0.50 -2.57
CA TYR A 547 -21.35 0.18 -3.54
C TYR A 547 -20.74 0.24 -4.93
N ALA A 548 -19.43 0.02 -5.05
CA ALA A 548 -18.74 0.12 -6.33
C ALA A 548 -19.25 -0.92 -7.33
N GLY A 549 -19.07 -0.63 -8.62
CA GLY A 549 -19.59 -1.49 -9.67
C GLY A 549 -21.11 -1.57 -9.65
N LEU A 550 -21.77 -0.46 -9.30
CA LEU A 550 -23.23 -0.40 -9.21
C LEU A 550 -23.80 -1.46 -8.24
N GLY A 551 -23.06 -1.75 -7.18
CA GLY A 551 -23.44 -2.75 -6.19
C GLY A 551 -22.77 -4.11 -6.37
N ALA A 552 -22.17 -4.36 -7.52
CA ALA A 552 -21.59 -5.67 -7.83
C ALA A 552 -20.40 -6.04 -6.95
N VAL A 553 -19.66 -5.05 -6.47
CA VAL A 553 -18.45 -5.36 -5.71
C VAL A 553 -18.79 -6.03 -4.38
N GLY A 554 -19.69 -5.42 -3.61
CA GLY A 554 -20.08 -5.97 -2.32
C GLY A 554 -20.60 -7.38 -2.41
N VAL A 555 -21.51 -7.63 -3.34
CA VAL A 555 -22.12 -8.95 -3.44
C VAL A 555 -21.13 -10.02 -3.91
N ALA A 556 -20.21 -9.65 -4.80
CA ALA A 556 -19.20 -10.62 -5.25
C ALA A 556 -18.31 -11.01 -4.08
N TYR A 557 -17.90 -10.04 -3.26
CA TYR A 557 -17.07 -10.36 -2.10
C TYR A 557 -17.84 -11.20 -1.08
N GLN A 558 -19.12 -10.88 -0.86
CA GLN A 558 -19.92 -11.64 0.10
C GLN A 558 -20.13 -13.09 -0.35
N ALA A 559 -20.27 -13.28 -1.66
CA ALA A 559 -20.37 -14.63 -2.24
C ALA A 559 -19.03 -15.37 -2.29
N GLY A 560 -17.93 -14.62 -2.13
CA GLY A 560 -16.59 -15.21 -2.15
C GLY A 560 -15.98 -15.41 -3.53
N LEU A 561 -16.45 -14.65 -4.52
CA LEU A 561 -15.95 -14.83 -5.89
C LEU A 561 -14.44 -14.54 -6.02
N PRO A 562 -13.95 -13.43 -5.44
CA PRO A 562 -12.51 -13.18 -5.51
C PRO A 562 -11.63 -14.28 -4.90
N LYS A 563 -12.16 -15.07 -3.96
CA LYS A 563 -11.43 -16.23 -3.41
C LYS A 563 -11.59 -17.49 -4.25
N ALA A 564 -12.49 -17.47 -5.24
CA ALA A 564 -12.85 -18.67 -5.99
C ALA A 564 -12.30 -18.71 -7.41
N THR A 565 -11.81 -17.59 -7.93
CA THR A 565 -11.41 -17.54 -9.33
C THR A 565 -10.41 -16.43 -9.62
N THR A 566 -9.58 -16.68 -10.62
CA THR A 566 -8.67 -15.71 -11.20
C THR A 566 -9.17 -15.35 -12.59
N VAL A 567 -8.60 -14.31 -13.18
CA VAL A 567 -8.92 -13.95 -14.56
C VAL A 567 -8.19 -14.86 -15.55
N GLY A 568 -8.74 -14.94 -16.75
CA GLY A 568 -8.20 -15.81 -17.80
C GLY A 568 -8.88 -15.54 -19.12
N GLY A 569 -8.60 -16.38 -20.11
CA GLY A 569 -9.20 -16.27 -21.43
C GLY A 569 -8.80 -17.47 -22.25
N GLU A 570 -9.61 -18.52 -22.18
CA GLU A 570 -9.25 -19.79 -22.79
C GLU A 570 -10.49 -20.43 -23.38
N LEU A 571 -10.33 -21.01 -24.57
CA LEU A 571 -11.35 -21.83 -25.20
C LEU A 571 -11.02 -23.30 -24.91
N TYR A 572 -11.97 -24.03 -24.33
CA TYR A 572 -11.81 -25.45 -24.04
C TYR A 572 -12.75 -26.26 -24.93
N VAL A 573 -12.23 -27.32 -25.55
CA VAL A 573 -13.03 -28.15 -26.45
C VAL A 573 -12.97 -29.61 -26.01
N PHE A 574 -14.15 -30.18 -25.77
CA PHE A 574 -14.30 -31.52 -25.21
C PHE A 574 -14.90 -32.47 -26.23
N ALA A 575 -14.57 -33.75 -26.07
CA ALA A 575 -15.15 -34.84 -26.87
C ALA A 575 -15.06 -36.14 -26.08
N LEU A 576 -15.77 -37.16 -26.56
CA LEU A 576 -15.71 -38.47 -25.91
C LEU A 576 -14.35 -39.13 -26.11
N ASN B 1 -20.40 -8.36 23.88
CA ASN B 1 -19.33 -9.30 23.44
C ASN B 1 -18.83 -10.07 24.67
N ASP B 2 -18.89 -11.41 24.60
CA ASP B 2 -18.59 -12.24 25.76
C ASP B 2 -17.20 -11.99 26.37
N GLU B 3 -16.20 -11.86 25.51
CA GLU B 3 -14.83 -11.59 25.98
C GLU B 3 -14.77 -10.24 26.71
N LEU B 4 -15.44 -9.23 26.16
CA LEU B 4 -15.42 -7.90 26.76
C LEU B 4 -16.20 -7.83 28.07
N ILE B 5 -17.29 -8.58 28.18
CA ILE B 5 -18.04 -8.69 29.42
C ILE B 5 -17.14 -9.27 30.52
N LYS B 6 -16.33 -10.25 30.13
CA LYS B 6 -15.31 -10.82 31.02
C LYS B 6 -14.23 -9.79 31.34
N LEU B 7 -13.59 -9.25 30.31
CA LEU B 7 -12.42 -8.38 30.49
C LEU B 7 -12.70 -7.08 31.22
N GLU B 8 -13.90 -6.52 31.05
CA GLU B 8 -14.23 -5.23 31.66
C GLU B 8 -14.28 -5.30 33.19
N LYS B 9 -14.50 -6.49 33.74
CA LYS B 9 -14.54 -6.69 35.19
C LYS B 9 -13.15 -6.76 35.83
N GLU B 10 -12.11 -6.97 35.02
CA GLU B 10 -10.74 -7.16 35.52
C GLU B 10 -10.11 -5.82 35.89
N PRO B 11 -9.84 -5.59 37.20
CA PRO B 11 -9.36 -4.27 37.65
C PRO B 11 -8.09 -3.75 36.96
N GLY B 12 -7.20 -4.65 36.56
CA GLY B 12 -5.94 -4.24 35.95
C GLY B 12 -6.03 -3.79 34.51
N GLN B 13 -7.17 -4.02 33.88
CA GLN B 13 -7.33 -3.79 32.44
C GLN B 13 -8.13 -2.52 32.15
N TRP B 14 -7.97 -1.99 30.93
CA TRP B 14 -8.79 -0.89 30.44
C TRP B 14 -9.07 -1.17 28.96
N VAL B 15 -10.14 -1.94 28.72
CA VAL B 15 -10.36 -2.58 27.41
C VAL B 15 -11.32 -1.84 26.48
N MET B 16 -11.98 -0.80 26.97
CA MET B 16 -12.74 0.12 26.12
C MET B 16 -12.64 1.53 26.68
N GLN B 17 -12.96 2.52 25.85
CA GLN B 17 -12.60 3.91 26.16
C GLN B 17 -13.06 4.39 27.52
N ASN B 18 -14.31 4.08 27.89
CA ASN B 18 -14.86 4.50 29.17
C ASN B 18 -14.94 3.34 30.16
N LYS B 19 -13.92 2.48 30.10
CA LYS B 19 -13.68 1.37 31.05
C LYS B 19 -14.57 0.16 30.80
N ASN B 20 -15.87 0.39 30.71
CA ASN B 20 -16.82 -0.71 30.62
C ASN B 20 -18.02 -0.31 29.77
N TYR B 21 -18.91 -1.27 29.54
CA TYR B 21 -20.08 -1.02 28.71
C TYR B 21 -21.01 0.03 29.34
N ALA B 22 -21.00 0.14 30.67
CA ALA B 22 -21.80 1.14 31.37
C ALA B 22 -21.19 2.54 31.32
N ASN B 23 -19.96 2.67 30.81
CA ASN B 23 -19.27 3.96 30.66
C ASN B 23 -19.03 4.67 32.00
N THR B 24 -18.77 3.92 33.07
CA THR B 24 -18.61 4.55 34.38
C THR B 24 -17.25 5.21 34.58
N ARG B 25 -16.24 4.77 33.83
CA ARG B 25 -14.87 5.31 33.96
C ARG B 25 -14.34 5.16 35.39
N TYR B 26 -14.74 4.06 36.04
CA TYR B 26 -14.38 3.75 37.42
C TYR B 26 -13.45 2.55 37.46
N SER B 27 -12.41 2.64 38.30
CA SER B 27 -11.48 1.53 38.51
C SER B 27 -11.48 1.10 39.97
N GLU B 28 -11.52 -0.21 40.20
CA GLU B 28 -11.45 -0.76 41.56
C GLU B 28 -10.04 -0.69 42.16
N LEU B 29 -9.04 -0.35 41.35
CA LEU B 29 -7.66 -0.30 41.85
C LEU B 29 -7.50 0.73 42.97
N ASN B 30 -6.75 0.37 44.01
CA ASN B 30 -6.55 1.26 45.14
C ASN B 30 -5.11 1.30 45.69
N GLN B 31 -4.14 0.87 44.88
CA GLN B 31 -2.73 1.00 45.26
C GLN B 31 -2.38 2.47 45.41
N ILE B 32 -2.87 3.27 44.47
CA ILE B 32 -2.76 4.72 44.54
C ILE B 32 -4.02 5.26 45.22
N ASN B 33 -3.85 6.06 46.27
CA ASN B 33 -4.97 6.54 47.06
C ASN B 33 -4.68 7.91 47.68
N THR B 34 -5.66 8.46 48.40
CA THR B 34 -5.54 9.83 48.92
C THR B 34 -4.36 10.00 49.87
N LYS B 35 -3.94 8.91 50.51
CA LYS B 35 -2.84 8.95 51.47
C LYS B 35 -1.46 8.97 50.82
N ASN B 36 -1.32 8.37 49.63
CA ASN B 36 0.01 8.25 49.00
C ASN B 36 0.16 8.92 47.63
N VAL B 37 -0.90 9.54 47.11
CA VAL B 37 -0.87 10.11 45.76
C VAL B 37 0.18 11.23 45.62
N SER B 38 0.55 11.87 46.73
CA SER B 38 1.64 12.87 46.71
C SER B 38 2.99 12.29 46.24
N ARG B 39 3.13 10.97 46.30
CA ARG B 39 4.35 10.30 45.82
C ARG B 39 4.32 9.92 44.33
N LEU B 40 3.25 10.30 43.63
CA LEU B 40 3.09 9.96 42.22
C LEU B 40 4.09 10.73 41.38
N ARG B 41 4.80 10.03 40.49
CA ARG B 41 5.80 10.65 39.61
C ARG B 41 5.73 9.98 38.24
N LEU B 42 6.35 10.60 37.24
CA LEU B 42 6.36 10.04 35.90
C LEU B 42 7.21 8.77 35.86
N ALA B 43 6.61 7.70 35.33
CA ALA B 43 7.29 6.43 35.14
C ALA B 43 7.93 6.41 33.76
N TRP B 44 7.12 6.72 32.74
CA TRP B 44 7.61 6.83 31.37
C TRP B 44 6.67 7.63 30.50
N SER B 45 7.14 8.00 29.31
CA SER B 45 6.29 8.67 28.34
C SER B 45 6.56 8.14 26.93
N PHE B 46 5.66 8.48 26.02
CA PHE B 46 5.70 7.98 24.65
C PHE B 46 5.08 9.03 23.72
N SER B 47 5.84 9.47 22.72
CA SER B 47 5.33 10.42 21.74
C SER B 47 4.45 9.72 20.70
N THR B 48 3.29 10.31 20.41
CA THR B 48 2.36 9.73 19.44
C THR B 48 2.80 10.02 18.01
N GLY B 49 3.75 10.94 17.83
CA GLY B 49 4.22 11.31 16.50
C GLY B 49 3.26 12.17 15.70
N ALA B 50 2.27 12.75 16.37
CA ALA B 50 1.32 13.66 15.74
C ALA B 50 1.12 14.89 16.61
N LEU B 51 0.68 15.98 16.00
CA LEU B 51 0.31 17.19 16.72
C LEU B 51 -1.21 17.34 16.69
N ARG B 52 -1.70 18.42 17.30
CA ARG B 52 -3.13 18.73 17.39
C ARG B 52 -3.84 17.82 18.43
N GLY B 53 -5.16 17.92 18.53
CA GLY B 53 -5.88 17.38 19.68
C GLY B 53 -5.78 15.89 19.86
N HIS B 54 -5.38 15.46 21.05
CA HIS B 54 -5.31 14.04 21.40
C HIS B 54 -6.39 13.67 22.41
N GLU B 55 -7.53 13.22 21.86
CA GLU B 55 -8.68 12.85 22.66
C GLU B 55 -8.71 11.35 22.91
N GLY B 56 -9.70 10.93 23.70
CA GLY B 56 -9.78 9.56 24.14
C GLY B 56 -8.59 9.19 25.02
N GLY B 57 -8.31 7.90 25.08
CA GLY B 57 -7.19 7.40 25.87
C GLY B 57 -6.72 6.08 25.32
N PRO B 58 -5.60 5.58 25.85
CA PRO B 58 -5.11 4.28 25.43
C PRO B 58 -5.98 3.15 25.99
N LEU B 59 -5.83 1.97 25.39
CA LEU B 59 -6.40 0.76 25.95
C LEU B 59 -5.27 -0.08 26.51
N VAL B 60 -5.56 -0.84 27.57
CA VAL B 60 -4.63 -1.83 28.09
C VAL B 60 -5.36 -3.17 28.08
N VAL B 61 -4.88 -4.09 27.25
CA VAL B 61 -5.43 -5.42 27.13
C VAL B 61 -4.29 -6.42 27.26
N GLY B 62 -4.38 -7.31 28.24
CA GLY B 62 -3.27 -8.17 28.61
C GLY B 62 -2.09 -7.33 29.06
N THR B 63 -0.93 -7.59 28.45
CA THR B 63 0.29 -6.83 28.73
C THR B 63 0.60 -5.82 27.61
N THR B 64 -0.39 -5.52 26.77
CA THR B 64 -0.19 -4.60 25.65
C THR B 64 -1.01 -3.34 25.87
N MET B 65 -0.39 -2.19 25.64
CA MET B 65 -1.11 -0.91 25.61
C MET B 65 -1.29 -0.48 24.16
N TYR B 66 -2.51 -0.09 23.81
CA TYR B 66 -2.81 0.38 22.46
C TYR B 66 -3.01 1.89 22.49
N VAL B 67 -2.30 2.58 21.61
CA VAL B 67 -2.24 4.05 21.61
C VAL B 67 -2.67 4.56 20.25
N HIS B 68 -3.37 5.68 20.22
CA HIS B 68 -3.82 6.29 18.96
C HIS B 68 -3.58 7.80 18.97
N SER B 69 -3.40 8.36 17.79
CA SER B 69 -3.09 9.78 17.65
C SER B 69 -4.17 10.52 16.89
N ALA B 70 -4.01 11.84 16.85
CA ALA B 70 -4.76 12.70 15.95
C ALA B 70 -4.43 12.32 14.51
N TYR B 71 -5.13 12.92 13.56
CA TYR B 71 -4.83 12.71 12.15
C TYR B 71 -3.30 12.83 11.93
N PRO B 72 -2.67 11.92 11.18
CA PRO B 72 -3.30 10.92 10.31
C PRO B 72 -3.62 9.55 10.95
N ASN B 73 -3.81 9.54 12.27
CA ASN B 73 -4.33 8.39 12.99
C ASN B 73 -3.35 7.23 13.06
N HIS B 74 -2.16 7.52 13.59
CA HIS B 74 -1.19 6.49 13.90
C HIS B 74 -1.76 5.62 15.01
N VAL B 75 -1.49 4.32 14.93
CA VAL B 75 -1.89 3.37 15.97
C VAL B 75 -0.65 2.57 16.36
N TYR B 76 -0.43 2.42 17.67
CA TYR B 76 0.73 1.70 18.18
C TYR B 76 0.30 0.68 19.21
N ALA B 77 0.99 -0.46 19.21
CA ALA B 77 0.89 -1.42 20.30
C ALA B 77 2.20 -1.36 21.07
N LEU B 78 2.10 -1.17 22.39
CA LEU B 78 3.27 -1.08 23.25
C LEU B 78 3.32 -2.33 24.13
N ASP B 79 4.45 -3.04 24.08
CA ASP B 79 4.65 -4.24 24.89
C ASP B 79 5.13 -3.82 26.27
N LEU B 80 4.26 -3.92 27.27
CA LEU B 80 4.57 -3.45 28.63
C LEU B 80 5.50 -4.37 29.43
N THR B 81 5.88 -5.51 28.87
CA THR B 81 6.85 -6.41 29.54
C THR B 81 8.30 -5.99 29.30
N GLN B 82 8.52 -4.95 28.49
CA GLN B 82 9.88 -4.60 28.02
C GLN B 82 10.54 -3.44 28.77
N LYS B 83 10.13 -3.22 30.04
CA LYS B 83 10.85 -2.34 30.96
C LYS B 83 11.32 -0.99 30.37
N PRO B 84 10.44 0.01 30.28
CA PRO B 84 9.03 -0.09 30.64
C PRO B 84 8.13 -0.49 29.46
N TYR B 85 8.60 -0.25 28.24
CA TYR B 85 7.87 -0.64 27.05
C TYR B 85 8.79 -0.75 25.83
N ALA B 86 8.30 -1.45 24.83
CA ALA B 86 8.87 -1.45 23.48
C ALA B 86 7.72 -1.33 22.52
N ILE B 87 7.97 -0.74 21.34
CA ILE B 87 6.94 -0.65 20.31
C ILE B 87 6.81 -2.03 19.66
N LYS B 88 5.68 -2.69 19.89
CA LYS B 88 5.44 -4.03 19.36
C LYS B 88 5.08 -3.96 17.88
N TRP B 89 4.18 -3.03 17.54
CA TRP B 89 3.88 -2.73 16.15
C TRP B 89 3.28 -1.35 15.99
N GLN B 90 3.27 -0.85 14.76
CA GLN B 90 2.57 0.39 14.45
C GLN B 90 1.89 0.32 13.10
N TYR B 91 0.80 1.09 12.99
CA TYR B 91 -0.01 1.13 11.78
C TYR B 91 -0.46 2.55 11.52
N THR B 92 -0.37 2.97 10.27
CA THR B 92 -0.90 4.25 9.84
C THR B 92 -1.69 4.03 8.55
N PRO B 93 -2.99 4.37 8.56
CA PRO B 93 -3.79 4.12 7.37
C PRO B 93 -3.53 5.13 6.27
N VAL B 94 -3.76 4.72 5.03
CA VAL B 94 -3.79 5.65 3.90
C VAL B 94 -5.12 6.38 3.97
N GLN B 95 -5.08 7.71 3.84
CA GLN B 95 -6.27 8.53 3.96
C GLN B 95 -6.30 9.62 2.90
N ASN B 96 -7.53 10.04 2.56
CA ASN B 96 -7.75 11.23 1.77
C ASN B 96 -7.59 12.46 2.65
N SER B 97 -6.55 13.24 2.41
CA SER B 97 -6.25 14.42 3.22
C SER B 97 -7.31 15.52 3.13
N GLN B 98 -8.21 15.44 2.15
CA GLN B 98 -9.36 16.35 2.10
C GLN B 98 -10.24 16.29 3.35
N ALA B 99 -10.17 15.16 4.07
CA ALA B 99 -10.83 15.02 5.37
C ALA B 99 -10.51 16.17 6.31
N VAL B 100 -9.26 16.64 6.29
CA VAL B 100 -8.84 17.73 7.18
C VAL B 100 -9.68 18.98 6.95
N ALA B 101 -9.98 19.28 5.69
CA ALA B 101 -10.75 20.47 5.33
C ALA B 101 -12.22 20.44 5.77
N VAL B 102 -12.76 19.26 6.05
CA VAL B 102 -14.18 19.14 6.45
C VAL B 102 -14.34 18.68 7.91
N ALA B 103 -13.28 18.77 8.69
CA ALA B 103 -13.37 18.55 10.13
C ALA B 103 -13.78 19.87 10.78
N CYS B 104 -14.92 19.88 11.47
CA CYS B 104 -15.41 21.11 12.10
C CYS B 104 -14.53 21.60 13.25
N CYS B 105 -14.02 20.65 14.02
CA CYS B 105 -13.67 20.91 15.41
C CYS B 105 -12.35 20.24 15.83
N ASP B 106 -11.37 20.35 14.93
CA ASP B 106 -10.03 19.74 15.03
C ASP B 106 -10.02 18.28 14.55
N VAL B 107 -8.82 17.83 14.19
CA VAL B 107 -8.63 16.51 13.57
C VAL B 107 -8.43 15.42 14.62
N VAL B 108 -9.32 15.40 15.61
CA VAL B 108 -9.24 14.49 16.74
C VAL B 108 -9.80 13.10 16.40
N ASN B 109 -9.47 12.14 17.25
CA ASN B 109 -10.07 10.81 17.20
C ASN B 109 -10.20 10.31 18.62
N ARG B 110 -11.38 9.77 18.95
CA ARG B 110 -11.68 9.37 20.34
C ARG B 110 -11.24 7.97 20.70
N GLY B 111 -10.67 7.24 19.75
CA GLY B 111 -9.86 6.07 20.06
C GLY B 111 -10.33 4.72 19.60
N LEU B 112 -9.60 3.73 20.08
CA LEU B 112 -9.69 2.37 19.60
C LEU B 112 -10.71 1.56 20.38
N ALA B 113 -11.14 0.46 19.76
CA ALA B 113 -11.85 -0.59 20.47
C ALA B 113 -11.08 -1.89 20.29
N TYR B 114 -11.30 -2.82 21.20
CA TYR B 114 -10.68 -4.13 21.15
C TYR B 114 -11.74 -5.21 21.27
N ALA B 115 -11.60 -6.28 20.50
CA ALA B 115 -12.38 -7.50 20.74
C ALA B 115 -11.79 -8.67 19.96
N ASN B 116 -11.80 -9.85 20.59
CA ASN B 116 -11.45 -11.11 19.92
C ASN B 116 -10.15 -11.03 19.12
N GLY B 117 -9.09 -10.59 19.79
CA GLY B 117 -7.77 -10.48 19.16
C GLY B 117 -7.67 -9.46 18.05
N LYS B 118 -8.58 -8.50 18.02
CA LYS B 118 -8.61 -7.48 16.98
C LYS B 118 -8.69 -6.09 17.59
N ILE B 119 -8.06 -5.13 16.90
CA ILE B 119 -8.17 -3.72 17.24
C ILE B 119 -9.01 -3.06 16.15
N PHE B 120 -9.95 -2.21 16.56
CA PHE B 120 -10.81 -1.49 15.63
C PHE B 120 -10.55 -0.01 15.77
N MET B 121 -10.31 0.65 14.63
CA MET B 121 -10.04 2.07 14.60
C MET B 121 -10.92 2.74 13.56
N THR B 122 -11.18 4.01 13.79
CA THR B 122 -11.81 4.85 12.78
C THR B 122 -10.78 5.84 12.27
N THR B 123 -11.00 6.34 11.06
CA THR B 123 -10.14 7.37 10.48
C THR B 123 -10.96 8.62 10.16
N LEU B 124 -10.28 9.76 10.21
CA LEU B 124 -10.94 11.02 9.90
C LEU B 124 -11.65 10.97 8.55
N ASP B 125 -11.03 10.35 7.55
CA ASP B 125 -11.61 10.32 6.20
C ASP B 125 -12.70 9.25 6.00
N GLY B 126 -13.12 8.59 7.07
CA GLY B 126 -14.38 7.82 7.05
C GLY B 126 -14.28 6.31 6.95
N GLN B 127 -13.14 5.75 7.32
CA GLN B 127 -12.96 4.30 7.31
C GLN B 127 -13.12 3.70 8.69
N ILE B 128 -13.60 2.46 8.71
CA ILE B 128 -13.55 1.60 9.89
C ILE B 128 -12.59 0.49 9.50
N ILE B 129 -11.59 0.23 10.34
CA ILE B 129 -10.50 -0.67 10.02
C ILE B 129 -10.28 -1.65 11.16
N ALA B 130 -10.20 -2.94 10.84
CA ALA B 130 -9.88 -3.96 11.81
C ALA B 130 -8.42 -4.39 11.62
N LEU B 131 -7.67 -4.43 12.73
CA LEU B 131 -6.29 -4.84 12.73
C LEU B 131 -6.13 -6.08 13.63
N ASP B 132 -5.17 -6.93 13.28
CA ASP B 132 -4.77 -8.01 14.17
C ASP B 132 -4.10 -7.37 15.39
N ALA B 133 -4.64 -7.65 16.57
CA ALA B 133 -4.17 -7.03 17.81
C ALA B 133 -2.72 -7.38 18.16
N ASN B 134 -2.26 -8.56 17.72
CA ASN B 134 -0.92 -9.02 18.05
C ASN B 134 0.15 -8.62 17.04
N THR B 135 -0.24 -8.43 15.77
CA THR B 135 0.71 -8.12 14.70
C THR B 135 0.53 -6.75 14.06
N GLY B 136 -0.63 -6.12 14.25
CA GLY B 136 -0.91 -4.82 13.63
C GLY B 136 -1.26 -4.88 12.16
N LYS B 137 -1.44 -6.09 11.63
CA LYS B 137 -1.74 -6.25 10.23
C LYS B 137 -3.23 -6.03 9.98
N GLU B 138 -3.52 -5.43 8.84
CA GLU B 138 -4.86 -5.11 8.42
C GLU B 138 -5.64 -6.40 8.12
N LEU B 139 -6.81 -6.55 8.72
CA LEU B 139 -7.68 -7.71 8.48
C LEU B 139 -8.80 -7.37 7.49
N TRP B 140 -9.46 -6.24 7.73
CA TRP B 140 -10.45 -5.71 6.80
C TRP B 140 -10.65 -4.20 7.01
N LYS B 141 -11.16 -3.55 5.97
CA LYS B 141 -11.45 -2.12 5.99
C LYS B 141 -12.75 -1.85 5.25
N MET B 142 -13.51 -0.87 5.71
CA MET B 142 -14.73 -0.44 5.02
CA MET B 142 -14.74 -0.45 5.04
C MET B 142 -14.85 1.07 5.00
N LYS B 143 -15.30 1.58 3.86
CA LYS B 143 -15.60 2.99 3.69
C LYS B 143 -16.99 3.20 4.30
N HIS B 144 -17.04 3.88 5.44
CA HIS B 144 -18.28 4.12 6.17
C HIS B 144 -18.84 5.52 5.89
N ALA B 145 -17.96 6.48 5.65
CA ALA B 145 -18.35 7.87 5.42
C ALA B 145 -17.60 8.46 4.24
N ASP B 146 -18.14 9.56 3.72
CA ASP B 146 -17.67 10.16 2.47
C ASP B 146 -17.31 11.63 2.66
N VAL B 147 -16.02 11.96 2.59
CA VAL B 147 -15.58 13.34 2.79
C VAL B 147 -16.11 14.33 1.75
N THR B 148 -16.46 13.84 0.55
CA THR B 148 -17.02 14.72 -0.49
C THR B 148 -18.43 15.21 -0.14
N LYS B 149 -19.06 14.56 0.84
CA LYS B 149 -20.34 15.00 1.39
C LYS B 149 -20.18 15.74 2.73
N GLY B 150 -18.94 16.08 3.08
CA GLY B 150 -18.65 16.75 4.34
C GLY B 150 -18.69 15.84 5.56
N GLU B 151 -18.57 14.53 5.35
CA GLU B 151 -18.59 13.57 6.44
C GLU B 151 -17.17 13.26 6.88
N THR B 152 -17.01 13.03 8.18
CA THR B 152 -15.76 12.55 8.75
C THR B 152 -16.13 11.58 9.85
N ILE B 153 -15.15 10.89 10.41
CA ILE B 153 -15.38 10.12 11.64
C ILE B 153 -14.34 10.56 12.66
N THR B 154 -14.83 10.88 13.86
CA THR B 154 -13.96 11.20 14.99
C THR B 154 -14.25 10.33 16.22
N GLY B 155 -15.43 9.70 16.28
CA GLY B 155 -15.82 8.92 17.45
C GLY B 155 -15.16 7.55 17.53
N ALA B 156 -15.05 7.04 18.75
CA ALA B 156 -14.56 5.69 18.98
C ALA B 156 -15.67 4.68 18.65
N PRO B 157 -15.32 3.60 17.96
CA PRO B 157 -16.31 2.55 17.71
C PRO B 157 -16.55 1.72 18.96
N LEU B 158 -17.64 0.96 18.98
CA LEU B 158 -17.97 0.06 20.09
C LEU B 158 -18.26 -1.32 19.56
N VAL B 159 -17.65 -2.33 20.16
CA VAL B 159 -17.92 -3.72 19.81
C VAL B 159 -18.99 -4.29 20.74
N VAL B 160 -20.06 -4.80 20.15
CA VAL B 160 -21.13 -5.46 20.88
C VAL B 160 -21.43 -6.77 20.17
N LYS B 161 -21.36 -7.88 20.91
CA LYS B 161 -21.47 -9.21 20.34
C LYS B 161 -20.46 -9.38 19.19
N ASP B 162 -20.92 -9.75 18.00
CA ASP B 162 -20.04 -9.92 16.84
C ASP B 162 -20.11 -8.73 15.87
N LYS B 163 -20.43 -7.55 16.39
CA LYS B 163 -20.58 -6.35 15.56
C LYS B 163 -19.80 -5.20 16.12
N VAL B 164 -19.25 -4.39 15.21
CA VAL B 164 -18.63 -3.12 15.61
C VAL B 164 -19.53 -1.99 15.11
N LEU B 165 -19.85 -1.08 16.03
CA LEU B 165 -20.79 0.00 15.80
C LEU B 165 -20.01 1.28 15.53
N VAL B 166 -20.34 1.94 14.41
CA VAL B 166 -19.57 3.07 13.90
C VAL B 166 -20.52 4.21 13.55
N GLY B 167 -20.23 5.39 14.07
CA GLY B 167 -21.03 6.58 13.78
C GLY B 167 -20.42 7.45 12.71
N VAL B 168 -20.80 8.71 12.70
CA VAL B 168 -20.35 9.66 11.69
C VAL B 168 -20.40 11.07 12.28
N SER B 169 -19.62 11.97 11.69
CA SER B 169 -19.65 13.38 12.03
C SER B 169 -20.05 14.20 10.82
N GLY B 170 -20.50 15.43 11.07
CA GLY B 170 -20.89 16.36 10.02
C GLY B 170 -22.18 17.14 10.23
N GLY B 171 -22.61 17.31 11.48
CA GLY B 171 -23.78 18.14 11.79
C GLY B 171 -23.66 19.60 11.38
N GLU B 172 -22.44 20.06 11.10
CA GLU B 172 -22.20 21.39 10.56
C GLU B 172 -22.04 21.37 9.03
N PHE B 173 -22.24 20.20 8.42
CA PHE B 173 -22.12 20.03 6.97
C PHE B 173 -23.38 19.40 6.35
N GLY B 174 -24.49 19.43 7.08
CA GLY B 174 -25.77 18.90 6.56
C GLY B 174 -25.79 17.40 6.37
N VAL B 175 -24.93 16.69 7.09
CA VAL B 175 -24.82 15.24 6.97
C VAL B 175 -26.01 14.56 7.65
N ARG B 176 -26.46 13.44 7.09
CA ARG B 176 -27.47 12.62 7.74
C ARG B 176 -26.80 11.65 8.71
N GLY B 177 -26.98 11.93 10.01
CA GLY B 177 -26.40 11.11 11.04
C GLY B 177 -26.98 9.71 11.04
N ARG B 178 -26.13 8.75 11.41
CA ARG B 178 -26.48 7.34 11.38
C ARG B 178 -25.45 6.53 12.16
N VAL B 179 -25.83 5.32 12.56
CA VAL B 179 -24.91 4.36 13.14
C VAL B 179 -24.96 3.10 12.26
N GLY B 180 -23.79 2.62 11.86
CA GLY B 180 -23.67 1.38 11.10
C GLY B 180 -23.08 0.27 11.95
N ALA B 181 -23.54 -0.96 11.71
CA ALA B 181 -22.99 -2.13 12.37
C ALA B 181 -22.29 -3.00 11.34
N TYR B 182 -21.06 -3.41 11.64
CA TYR B 182 -20.25 -4.23 10.74
C TYR B 182 -19.85 -5.51 11.44
N ASP B 183 -19.92 -6.63 10.73
CA ASP B 183 -19.49 -7.89 11.29
C ASP B 183 -18.00 -7.82 11.59
N ILE B 184 -17.61 -8.14 12.83
CA ILE B 184 -16.20 -7.96 13.25
C ILE B 184 -15.22 -8.90 12.57
N ASN B 185 -15.71 -10.02 12.05
CA ASN B 185 -14.85 -10.98 11.37
C ASN B 185 -14.68 -10.69 9.88
N THR B 186 -15.77 -10.33 9.21
CA THR B 186 -15.77 -10.16 7.76
C THR B 186 -15.72 -8.70 7.31
N GLY B 187 -16.19 -7.79 8.16
CA GLY B 187 -16.34 -6.39 7.78
C GLY B 187 -17.63 -6.08 7.02
N ASN B 188 -18.46 -7.08 6.78
CA ASN B 188 -19.70 -6.83 6.05
C ASN B 188 -20.70 -6.06 6.91
N ARG B 189 -21.35 -5.06 6.32
CA ARG B 189 -22.33 -4.27 7.04
C ARG B 189 -23.60 -5.07 7.28
N VAL B 190 -24.12 -4.99 8.50
CA VAL B 190 -25.31 -5.75 8.89
C VAL B 190 -26.55 -4.87 8.91
N TRP B 191 -26.43 -3.67 9.47
CA TRP B 191 -27.53 -2.69 9.44
C TRP B 191 -26.99 -1.27 9.52
N LEU B 192 -27.89 -0.32 9.23
CA LEU B 192 -27.56 1.10 9.23
C LEU B 192 -28.80 1.85 9.70
N ALA B 193 -28.66 2.55 10.82
CA ALA B 193 -29.79 3.18 11.49
C ALA B 193 -29.64 4.69 11.49
N TYR B 194 -30.52 5.38 10.77
CA TYR B 194 -30.45 6.84 10.65
C TYR B 194 -31.14 7.54 11.83
N SER B 195 -30.76 8.80 12.03
CA SER B 195 -31.33 9.62 13.10
C SER B 195 -32.54 10.44 12.64
N GLN B 196 -32.90 10.32 11.37
CA GLN B 196 -34.03 11.05 10.82
C GLN B 196 -34.44 10.39 9.51
N GLY B 197 -35.49 10.90 8.89
CA GLY B 197 -36.02 10.29 7.68
C GLY B 197 -37.14 9.32 7.98
N PRO B 198 -37.58 8.57 6.97
CA PRO B 198 -38.68 7.62 7.16
C PRO B 198 -38.33 6.48 8.13
N ASP B 199 -39.36 5.85 8.68
CA ASP B 199 -39.17 4.76 9.65
C ASP B 199 -38.28 3.65 9.13
N GLU B 200 -38.33 3.39 7.82
CA GLU B 200 -37.52 2.34 7.20
C GLU B 200 -36.02 2.64 7.26
N GLU B 201 -35.67 3.92 7.40
CA GLU B 201 -34.26 4.31 7.58
C GLU B 201 -33.88 4.50 9.05
N VAL B 202 -34.81 5.00 9.86
CA VAL B 202 -34.57 5.20 11.29
C VAL B 202 -34.42 3.85 12.00
N LEU B 203 -35.24 2.88 11.57
CA LEU B 203 -35.30 1.53 12.14
C LEU B 203 -35.94 1.52 13.53
N LEU B 204 -37.25 1.27 13.56
CA LEU B 204 -37.99 1.22 14.81
C LEU B 204 -38.46 -0.20 15.08
N ASP B 205 -38.39 -0.64 16.32
CA ASP B 205 -38.94 -1.93 16.67
C ASP B 205 -40.45 -1.76 16.91
N SER B 206 -41.17 -2.87 16.93
CA SER B 206 -42.63 -2.83 17.08
C SER B 206 -43.08 -2.24 18.42
N ASP B 207 -42.21 -2.33 19.43
CA ASP B 207 -42.52 -1.79 20.76
C ASP B 207 -41.84 -0.42 21.02
N PHE B 208 -41.50 0.30 19.95
CA PHE B 208 -40.80 1.59 20.07
C PHE B 208 -41.62 2.61 20.87
N ASN B 209 -41.04 3.10 21.98
CA ASN B 209 -41.69 4.06 22.87
C ASN B 209 -43.10 3.64 23.31
N LYS B 210 -43.29 2.33 23.48
CA LYS B 210 -44.60 1.78 23.83
C LYS B 210 -45.14 2.40 25.13
N GLU B 211 -44.27 2.53 26.12
CA GLU B 211 -44.66 3.05 27.43
C GLU B 211 -44.85 4.56 27.44
N PHE B 212 -44.13 5.27 26.56
CA PHE B 212 -44.17 6.72 26.52
C PHE B 212 -44.31 7.24 25.09
N PRO B 213 -45.50 7.05 24.49
CA PRO B 213 -45.72 7.50 23.11
C PRO B 213 -45.59 9.02 22.95
N GLN B 214 -45.77 9.76 24.05
CA GLN B 214 -45.55 11.20 24.05
C GLN B 214 -44.09 11.59 23.75
N HIS B 215 -43.15 10.64 23.87
CA HIS B 215 -41.76 10.89 23.47
C HIS B 215 -41.54 10.80 21.96
N GLY B 216 -42.59 10.45 21.21
CA GLY B 216 -42.50 10.37 19.76
C GLY B 216 -42.64 8.94 19.28
N GLY B 217 -42.78 8.80 17.96
CA GLY B 217 -43.12 7.52 17.37
C GLY B 217 -42.93 7.50 15.87
N PRO B 218 -43.56 6.52 15.19
CA PRO B 218 -43.52 6.37 13.74
C PRO B 218 -43.83 7.67 13.00
N GLY B 219 -43.03 7.97 11.97
CA GLY B 219 -43.24 9.15 11.15
C GLY B 219 -42.53 10.42 11.59
N ASP B 220 -42.15 10.49 12.86
CA ASP B 220 -41.56 11.72 13.41
C ASP B 220 -40.22 12.11 12.78
N GLY B 221 -39.51 11.14 12.20
CA GLY B 221 -38.26 11.41 11.49
C GLY B 221 -38.40 12.27 10.25
N THR B 222 -39.60 12.39 9.70
CA THR B 222 -39.89 13.34 8.61
C THR B 222 -40.94 14.38 8.98
N LYS B 223 -41.98 13.97 9.70
CA LYS B 223 -43.13 14.85 9.98
C LYS B 223 -42.82 16.02 10.90
N THR B 224 -41.75 15.93 11.67
CA THR B 224 -41.36 17.01 12.58
C THR B 224 -40.37 17.98 11.93
N TRP B 225 -40.31 17.95 10.59
CA TRP B 225 -39.47 18.86 9.80
C TRP B 225 -40.31 19.53 8.71
N PRO B 226 -39.95 20.78 8.34
CA PRO B 226 -40.57 21.40 7.18
C PRO B 226 -40.04 20.77 5.89
N GLY B 227 -40.93 20.52 4.93
CA GLY B 227 -40.55 19.96 3.64
C GLY B 227 -39.69 18.72 3.78
N GLU B 228 -38.56 18.70 3.08
CA GLU B 228 -37.61 17.60 3.18
C GLU B 228 -36.31 18.03 3.87
N GLN B 229 -36.42 18.94 4.84
CA GLN B 229 -35.25 19.48 5.52
C GLN B 229 -34.47 18.40 6.28
N TRP B 230 -35.18 17.34 6.70
CA TRP B 230 -34.55 16.17 7.30
C TRP B 230 -33.46 15.53 6.43
N LYS B 231 -33.49 15.73 5.11
CA LYS B 231 -32.43 15.23 4.24
C LYS B 231 -31.07 15.89 4.53
N LEU B 232 -31.08 17.03 5.20
CA LEU B 232 -29.88 17.70 5.66
C LEU B 232 -29.88 17.77 7.19
N GLY B 233 -30.43 16.74 7.83
CA GLY B 233 -30.92 16.85 9.21
C GLY B 233 -29.95 16.59 10.36
N GLY B 234 -28.67 16.39 10.09
CA GLY B 234 -27.71 16.19 11.18
C GLY B 234 -28.03 14.96 12.01
N GLY B 235 -28.12 15.13 13.33
CA GLY B 235 -28.30 13.98 14.22
C GLY B 235 -27.13 13.00 14.11
N THR B 236 -25.92 13.54 13.95
CA THR B 236 -24.73 12.71 13.84
C THR B 236 -24.39 12.07 15.17
N THR B 237 -23.42 11.16 15.17
CA THR B 237 -23.32 10.13 16.19
C THR B 237 -21.88 9.91 16.63
N TRP B 238 -21.24 11.02 16.96
CA TRP B 238 -19.80 11.10 17.16
C TRP B 238 -19.36 10.96 18.62
N GLY B 239 -20.33 10.77 19.52
CA GLY B 239 -20.05 10.63 20.94
C GLY B 239 -19.80 9.19 21.35
N TRP B 240 -20.06 8.93 22.63
CA TRP B 240 -19.73 7.64 23.25
C TRP B 240 -20.96 6.74 23.29
N TYR B 241 -20.75 5.45 23.04
CA TYR B 241 -21.84 4.47 23.07
C TYR B 241 -21.72 3.60 24.32
N SER B 242 -22.87 3.20 24.86
CA SER B 242 -22.94 2.31 26.01
C SER B 242 -23.86 1.14 25.71
N TYR B 243 -23.82 0.12 26.55
CA TYR B 243 -24.51 -1.13 26.28
C TYR B 243 -24.88 -1.80 27.59
N ASP B 244 -26.10 -2.32 27.66
CA ASP B 244 -26.54 -3.17 28.78
C ASP B 244 -26.87 -4.55 28.21
N PRO B 245 -25.97 -5.53 28.43
CA PRO B 245 -26.17 -6.90 27.94
C PRO B 245 -27.45 -7.57 28.45
N ALA B 246 -27.86 -7.26 29.68
CA ALA B 246 -29.04 -7.86 30.29
C ALA B 246 -30.33 -7.44 29.59
N LEU B 247 -30.38 -6.18 29.13
CA LEU B 247 -31.54 -5.65 28.42
C LEU B 247 -31.41 -5.78 26.90
N ASP B 248 -30.20 -6.09 26.43
CA ASP B 248 -29.90 -6.17 25.00
C ASP B 248 -30.23 -4.84 24.31
N LEU B 249 -29.75 -3.75 24.91
CA LEU B 249 -29.88 -2.42 24.33
C LEU B 249 -28.54 -1.70 24.38
N PHE B 250 -28.20 -1.02 23.29
CA PHE B 250 -27.08 -0.08 23.32
C PHE B 250 -27.64 1.32 23.18
N TYR B 251 -26.90 2.30 23.70
CA TYR B 251 -27.40 3.66 23.86
C TYR B 251 -26.40 4.67 23.31
N TYR B 252 -26.92 5.73 22.73
CA TYR B 252 -26.11 6.83 22.24
C TYR B 252 -26.98 8.05 22.01
N GLY B 253 -26.32 9.18 21.78
CA GLY B 253 -27.00 10.44 21.55
C GLY B 253 -26.71 10.98 20.17
N THR B 254 -27.55 11.90 19.72
CA THR B 254 -27.45 12.45 18.37
C THR B 254 -27.25 13.95 18.38
N SER B 255 -26.59 14.44 17.33
CA SER B 255 -26.20 15.84 17.22
C SER B 255 -27.37 16.77 16.90
N ASN B 256 -27.02 18.05 16.79
CA ASN B 256 -27.91 19.10 16.32
C ASN B 256 -28.55 18.77 14.98
N PRO B 257 -29.71 19.39 14.67
CA PRO B 257 -30.44 19.10 13.44
C PRO B 257 -29.93 19.76 12.15
N GLY B 258 -28.61 19.91 11.99
CA GLY B 258 -28.04 20.42 10.75
C GLY B 258 -27.83 21.92 10.81
N THR B 259 -28.54 22.66 9.96
CA THR B 259 -28.37 24.11 9.94
C THR B 259 -28.59 24.72 11.33
N TRP B 260 -27.74 25.69 11.65
CA TRP B 260 -27.80 26.42 12.92
C TRP B 260 -28.86 27.53 12.87
N ASN B 261 -29.41 27.79 11.69
CA ASN B 261 -30.52 28.73 11.53
C ASN B 261 -31.85 28.02 11.72
N ALA B 262 -32.37 28.04 12.95
CA ALA B 262 -33.60 27.31 13.30
C ALA B 262 -34.82 27.75 12.49
N GLU B 263 -34.81 28.97 11.97
CA GLU B 263 -35.84 29.47 11.06
C GLU B 263 -36.09 28.51 9.88
N GLN B 264 -35.01 27.95 9.33
CA GLN B 264 -35.11 27.02 8.20
C GLN B 264 -35.58 25.61 8.60
N ARG B 265 -35.77 25.38 9.89
CA ARG B 265 -36.27 24.10 10.39
C ARG B 265 -37.58 24.25 11.16
N LYS B 266 -38.21 25.43 11.06
CA LYS B 266 -39.36 25.73 11.90
C LYS B 266 -40.56 24.87 11.50
N GLY B 267 -41.43 24.60 12.47
CA GLY B 267 -42.64 23.82 12.22
C GLY B 267 -42.73 22.51 12.98
N GLY B 268 -41.64 22.11 13.63
CA GLY B 268 -41.63 20.86 14.36
C GLY B 268 -40.37 20.61 15.17
N ASP B 269 -40.37 19.49 15.88
CA ASP B 269 -39.30 19.13 16.80
C ASP B 269 -37.97 18.74 16.15
N ASN B 270 -37.97 18.49 14.84
CA ASN B 270 -36.76 18.02 14.12
C ASN B 270 -36.21 16.69 14.71
N LYS B 271 -37.11 15.74 14.96
CA LYS B 271 -36.67 14.45 15.49
C LYS B 271 -35.97 13.67 14.38
N TRP B 272 -34.92 12.89 14.70
CA TRP B 272 -34.45 12.63 16.06
C TRP B 272 -33.06 13.24 16.29
N SER B 273 -32.93 14.53 16.01
CA SER B 273 -31.77 15.30 16.45
C SER B 273 -31.83 15.44 17.96
N CYS B 274 -30.68 15.67 18.58
CA CYS B 274 -30.62 15.96 20.02
C CYS B 274 -31.39 14.93 20.84
N THR B 275 -31.15 13.66 20.53
CA THR B 275 -31.96 12.56 21.05
C THR B 275 -31.09 11.48 21.69
N ILE B 276 -31.62 10.87 22.75
CA ILE B 276 -31.07 9.65 23.34
C ILE B 276 -31.78 8.47 22.71
N PHE B 277 -31.01 7.59 22.05
CA PHE B 277 -31.55 6.36 21.45
C PHE B 277 -31.20 5.14 22.27
N ALA B 278 -32.14 4.20 22.34
CA ALA B 278 -31.87 2.85 22.83
C ALA B 278 -32.24 1.89 21.71
N ARG B 279 -31.27 1.12 21.23
CA ARG B 279 -31.47 0.23 20.10
C ARG B 279 -30.99 -1.20 20.37
N ARG B 280 -31.61 -2.14 19.67
CA ARG B 280 -31.21 -3.55 19.70
C ARG B 280 -29.95 -3.71 18.85
N PRO B 281 -28.87 -4.27 19.42
CA PRO B 281 -27.64 -4.41 18.63
C PRO B 281 -27.69 -5.42 17.48
N ASP B 282 -28.56 -6.44 17.56
CA ASP B 282 -28.68 -7.44 16.49
C ASP B 282 -29.25 -6.83 15.22
N THR B 283 -30.25 -5.97 15.37
CA THR B 283 -31.02 -5.46 14.24
C THR B 283 -30.92 -3.95 14.03
N GLY B 284 -30.40 -3.23 15.02
CA GLY B 284 -30.39 -1.77 14.98
C GLY B 284 -31.73 -1.11 15.28
N LYS B 285 -32.79 -1.89 15.53
CA LYS B 285 -34.12 -1.32 15.72
C LYS B 285 -34.23 -0.63 17.07
N ALA B 286 -34.84 0.56 17.07
CA ALA B 286 -34.99 1.36 18.28
C ALA B 286 -36.12 0.84 19.18
N ARG B 287 -35.81 0.69 20.46
CA ARG B 287 -36.77 0.29 21.49
C ARG B 287 -37.39 1.52 22.15
N TRP B 288 -36.59 2.55 22.34
CA TRP B 288 -37.10 3.82 22.81
C TRP B 288 -36.18 4.95 22.40
N ALA B 289 -36.70 6.17 22.46
CA ALA B 289 -35.92 7.36 22.17
C ALA B 289 -36.52 8.56 22.87
N TYR B 290 -35.67 9.42 23.41
CA TYR B 290 -36.12 10.62 24.07
C TYR B 290 -35.32 11.81 23.54
N GLN B 291 -36.04 12.78 22.99
CA GLN B 291 -35.41 14.01 22.48
C GLN B 291 -35.29 15.04 23.58
N MET B 292 -34.06 15.44 23.86
CA MET B 292 -33.78 16.40 24.94
C MET B 292 -34.08 17.85 24.54
N THR B 293 -33.72 18.20 23.31
CA THR B 293 -33.84 19.58 22.84
C THR B 293 -34.61 19.64 21.52
N PRO B 294 -35.95 19.65 21.58
CA PRO B 294 -36.74 19.83 20.37
C PRO B 294 -36.49 21.17 19.68
N TRP B 295 -36.40 21.13 18.35
CA TRP B 295 -36.20 22.32 17.52
C TRP B 295 -35.04 23.16 18.05
N ASP B 296 -33.87 22.52 18.13
CA ASP B 296 -32.67 23.17 18.65
C ASP B 296 -32.38 24.49 17.93
N SER B 297 -32.00 25.50 18.70
CA SER B 297 -31.53 26.77 18.13
C SER B 297 -30.19 27.21 18.73
N TRP B 298 -29.50 26.28 19.39
CA TRP B 298 -28.27 26.59 20.13
C TRP B 298 -27.06 25.73 19.78
N ASP B 299 -27.22 24.75 18.90
CA ASP B 299 -26.21 23.70 18.66
C ASP B 299 -25.95 22.85 19.92
N TYR B 300 -27.00 22.53 20.67
CA TYR B 300 -26.87 21.64 21.83
C TYR B 300 -26.90 20.18 21.38
N ASP B 301 -25.79 19.70 20.83
CA ASP B 301 -25.69 18.27 20.41
C ASP B 301 -26.02 17.36 21.59
N GLY B 302 -26.71 16.26 21.30
CA GLY B 302 -27.09 15.29 22.35
C GLY B 302 -26.13 14.14 22.56
N VAL B 303 -24.92 14.24 22.00
CA VAL B 303 -24.02 13.08 21.84
C VAL B 303 -23.24 12.67 23.09
N ASN B 304 -23.32 13.45 24.16
CA ASN B 304 -22.56 13.09 25.35
C ASN B 304 -22.93 11.71 25.86
N GLU B 305 -22.00 11.11 26.60
CA GLU B 305 -22.10 9.72 27.03
C GLU B 305 -23.38 9.39 27.82
N MET B 306 -23.73 8.11 27.77
CA MET B 306 -24.91 7.58 28.42
C MET B 306 -24.45 6.59 29.48
N ILE B 307 -24.21 7.10 30.69
CA ILE B 307 -23.70 6.27 31.77
C ILE B 307 -24.85 5.44 32.32
N LEU B 308 -24.57 4.18 32.64
CA LEU B 308 -25.63 3.22 33.01
C LEU B 308 -25.46 2.69 34.44
N PRO B 309 -25.74 3.54 35.45
CA PRO B 309 -25.70 3.10 36.83
C PRO B 309 -27.03 2.51 37.29
N ASP B 310 -27.01 1.80 38.41
CA ASP B 310 -28.24 1.39 39.09
C ASP B 310 -28.37 2.24 40.34
N LEU B 311 -29.46 2.99 40.42
CA LEU B 311 -29.69 3.95 41.50
C LEU B 311 -31.04 3.70 42.16
N THR B 312 -31.13 4.03 43.44
CA THR B 312 -32.39 3.93 44.15
C THR B 312 -33.21 5.19 43.92
N VAL B 313 -34.35 5.01 43.25
CA VAL B 313 -35.22 6.09 42.80
C VAL B 313 -36.59 5.89 43.44
N LYS B 314 -37.04 6.87 44.21
CA LYS B 314 -38.30 6.77 44.95
C LYS B 314 -38.42 5.42 45.69
N GLY B 315 -37.32 5.03 46.34
CA GLY B 315 -37.28 3.83 47.15
C GLY B 315 -37.06 2.50 46.43
N LYS B 316 -36.94 2.53 45.11
CA LYS B 316 -36.71 1.32 44.31
C LYS B 316 -35.38 1.40 43.58
N LYS B 317 -34.55 0.37 43.72
CA LYS B 317 -33.33 0.27 42.93
C LYS B 317 -33.73 0.10 41.47
N THR B 318 -33.20 0.94 40.61
CA THR B 318 -33.68 1.11 39.24
C THR B 318 -32.50 1.13 38.27
N PRO B 319 -32.63 0.45 37.11
CA PRO B 319 -31.60 0.57 36.08
C PRO B 319 -31.74 1.90 35.35
N CYS B 320 -30.77 2.79 35.56
CA CYS B 320 -30.85 4.15 35.06
C CYS B 320 -29.91 4.39 33.89
N LEU B 321 -30.14 5.50 33.22
CA LEU B 321 -29.22 6.07 32.26
C LEU B 321 -29.02 7.51 32.72
N VAL B 322 -27.76 7.93 32.84
CA VAL B 322 -27.45 9.30 33.27
C VAL B 322 -26.62 10.00 32.21
N HIS B 323 -27.00 11.24 31.91
CA HIS B 323 -26.45 11.94 30.77
C HIS B 323 -26.37 13.44 31.06
N PHE B 324 -25.16 13.97 30.98
CA PHE B 324 -24.91 15.39 31.18
C PHE B 324 -24.85 16.04 29.82
N ASP B 325 -25.96 16.65 29.42
CA ASP B 325 -26.11 17.12 28.05
C ASP B 325 -25.44 18.46 27.82
N ARG B 326 -25.08 18.71 26.57
CA ARG B 326 -24.65 20.04 26.13
C ARG B 326 -25.63 21.14 26.59
N ASN B 327 -26.92 20.85 26.59
CA ASN B 327 -27.93 21.87 26.96
C ASN B 327 -27.89 22.30 28.43
N GLY B 328 -27.06 21.62 29.23
CA GLY B 328 -26.80 22.04 30.60
C GLY B 328 -27.59 21.29 31.66
N PHE B 329 -28.47 20.39 31.22
CA PHE B 329 -29.23 19.56 32.16
C PHE B 329 -28.60 18.18 32.32
N GLY B 330 -28.65 17.69 33.55
CA GLY B 330 -28.19 16.35 33.89
C GLY B 330 -29.42 15.45 33.95
N TYR B 331 -29.54 14.60 32.95
CA TYR B 331 -30.73 13.74 32.79
C TYR B 331 -30.55 12.41 33.47
N VAL B 332 -31.64 11.93 34.08
CA VAL B 332 -31.71 10.57 34.59
C VAL B 332 -32.96 9.96 33.99
N LEU B 333 -32.78 8.87 33.25
CA LEU B 333 -33.90 8.12 32.67
C LEU B 333 -33.86 6.67 33.13
N ASP B 334 -35.01 6.01 33.04
CA ASP B 334 -35.08 4.56 33.21
C ASP B 334 -34.59 3.98 31.89
N ARG B 335 -33.50 3.21 31.92
CA ARG B 335 -32.88 2.74 30.68
C ARG B 335 -33.65 1.60 30.00
N ARG B 336 -34.68 1.08 30.65
CA ARG B 336 -35.56 0.09 30.01
C ARG B 336 -36.56 0.74 29.04
N THR B 337 -37.09 1.90 29.41
CA THR B 337 -38.23 2.50 28.73
C THR B 337 -38.03 3.93 28.24
N GLY B 338 -37.00 4.61 28.72
CA GLY B 338 -36.82 6.03 28.47
C GLY B 338 -37.65 6.94 29.35
N GLN B 339 -38.25 6.40 30.42
CA GLN B 339 -38.99 7.23 31.38
C GLN B 339 -38.06 8.31 31.92
N LEU B 340 -38.52 9.55 31.95
CA LEU B 340 -37.71 10.64 32.51
C LEU B 340 -37.89 10.64 34.03
N ILE B 341 -36.78 10.39 34.74
CA ILE B 341 -36.79 10.32 36.20
C ILE B 341 -36.43 11.67 36.81
N GLU B 342 -35.40 12.31 36.24
CA GLU B 342 -34.96 13.60 36.74
C GLU B 342 -34.19 14.35 35.67
N ALA B 343 -34.29 15.67 35.71
CA ALA B 343 -33.48 16.53 34.86
C ALA B 343 -33.33 17.87 35.55
N GLN B 344 -32.09 18.18 35.96
CA GLN B 344 -31.79 19.43 36.65
C GLN B 344 -30.49 19.99 36.09
N PRO B 345 -30.30 21.32 36.15
CA PRO B 345 -29.06 21.90 35.63
C PRO B 345 -27.81 21.51 36.41
N PHE B 346 -26.75 21.14 35.69
CA PHE B 346 -25.43 20.89 36.32
C PHE B 346 -24.47 22.06 36.06
N VAL B 347 -24.89 23.00 35.22
CA VAL B 347 -24.23 24.30 35.06
C VAL B 347 -25.31 25.36 35.07
N TYR B 348 -24.90 26.61 35.07
CA TYR B 348 -25.84 27.71 34.95
C TYR B 348 -26.56 27.63 33.59
N VAL B 349 -27.88 27.61 33.65
CA VAL B 349 -28.72 27.52 32.46
C VAL B 349 -29.71 28.68 32.47
N ASN B 350 -29.84 29.36 31.33
CA ASN B 350 -30.84 30.42 31.21
C ASN B 350 -31.72 30.38 29.95
N TRP B 351 -31.57 29.33 29.13
CA TRP B 351 -32.38 29.19 27.92
C TRP B 351 -33.71 28.51 28.25
N ALA B 352 -33.77 27.84 29.40
CA ALA B 352 -34.98 27.16 29.85
C ALA B 352 -35.15 27.38 31.35
N LYS B 353 -36.39 27.46 31.79
CA LYS B 353 -36.72 27.50 33.23
C LYS B 353 -36.43 26.15 33.89
N GLU B 354 -36.73 25.08 33.16
CA GLU B 354 -36.68 23.72 33.69
C GLU B 354 -37.00 22.76 32.56
N ILE B 355 -36.83 21.46 32.82
CA ILE B 355 -37.46 20.43 32.01
C ILE B 355 -38.71 20.02 32.77
N SER B 356 -39.87 20.16 32.14
CA SER B 356 -41.13 19.87 32.79
C SER B 356 -41.31 18.38 33.08
N LYS B 357 -41.74 18.06 34.30
CA LYS B 357 -42.13 16.69 34.66
C LYS B 357 -43.53 16.36 34.09
N GLU B 358 -44.26 17.38 33.65
CA GLU B 358 -45.60 17.22 33.13
C GLU B 358 -45.59 16.62 31.71
N ASN B 359 -44.72 17.14 30.85
CA ASN B 359 -44.62 16.65 29.46
C ASN B 359 -43.20 16.30 28.97
N ASP B 360 -42.23 16.32 29.88
CA ASP B 360 -40.83 15.98 29.58
C ASP B 360 -40.18 16.87 28.50
N ARG B 361 -40.67 18.10 28.36
CA ARG B 361 -40.13 19.05 27.40
C ARG B 361 -39.55 20.25 28.14
N PRO B 362 -38.51 20.88 27.55
CA PRO B 362 -38.02 22.13 28.14
C PRO B 362 -39.11 23.19 28.23
N VAL B 363 -39.14 23.91 29.34
CA VAL B 363 -39.94 25.10 29.48
C VAL B 363 -39.03 26.25 29.10
N GLU B 364 -39.14 26.69 27.85
CA GLU B 364 -38.19 27.64 27.27
C GLU B 364 -38.42 29.05 27.76
N ILE B 365 -37.34 29.81 27.78
CA ILE B 365 -37.39 31.25 27.98
C ILE B 365 -37.32 31.86 26.58
N PRO B 366 -38.44 32.41 26.08
CA PRO B 366 -38.50 32.83 24.67
C PRO B 366 -37.43 33.84 24.27
N GLU B 367 -37.03 34.69 25.20
CA GLU B 367 -35.98 35.70 24.94
C GLU B 367 -34.62 35.09 24.60
N LYS B 368 -34.41 33.81 24.95
CA LYS B 368 -33.12 33.15 24.70
C LYS B 368 -33.13 32.18 23.51
N ARG B 369 -34.29 32.00 22.88
CA ARG B 369 -34.35 31.21 21.65
C ARG B 369 -33.84 32.08 20.49
N THR B 370 -32.99 31.51 19.65
CA THR B 370 -32.33 32.28 18.60
C THR B 370 -33.22 32.43 17.37
N LYS B 371 -32.85 33.35 16.49
CA LYS B 371 -33.67 33.68 15.34
C LYS B 371 -32.83 34.25 14.20
N GLN B 372 -33.44 34.38 13.03
CA GLN B 372 -32.74 34.80 11.83
C GLN B 372 -32.63 36.32 11.76
N GLY B 373 -31.41 36.82 11.56
CA GLY B 373 -31.17 38.24 11.33
C GLY B 373 -31.32 39.14 12.55
N VAL B 374 -31.47 38.54 13.72
CA VAL B 374 -31.55 39.29 14.98
C VAL B 374 -30.69 38.56 15.98
N ASP B 375 -29.81 39.29 16.65
CA ASP B 375 -28.89 38.69 17.61
C ASP B 375 -29.65 38.40 18.90
N THR B 376 -29.29 37.29 19.55
CA THR B 376 -29.81 36.95 20.86
C THR B 376 -28.60 36.90 21.78
N LYS B 377 -28.64 37.68 22.87
CA LYS B 377 -27.47 37.88 23.71
C LYS B 377 -27.54 37.18 25.05
N GLY B 378 -26.38 36.72 25.53
CA GLY B 378 -26.24 36.19 26.89
C GLY B 378 -26.93 34.85 27.13
N ILE B 379 -26.76 33.94 26.17
CA ILE B 379 -27.31 32.58 26.30
C ILE B 379 -26.31 31.69 27.02
N CYS B 380 -26.76 30.99 28.07
CA CYS B 380 -25.90 30.07 28.82
C CYS B 380 -26.64 28.74 28.99
N PRO B 381 -25.98 27.60 28.75
CA PRO B 381 -24.59 27.55 28.27
C PRO B 381 -24.47 27.94 26.80
N ASN B 382 -23.25 28.17 26.35
CA ASN B 382 -23.04 28.40 24.93
C ASN B 382 -23.05 27.08 24.17
N SER B 383 -22.82 27.14 22.87
CA SER B 383 -22.89 25.95 22.01
C SER B 383 -21.93 24.82 22.42
N MET B 384 -20.83 25.16 23.09
CA MET B 384 -19.91 24.14 23.61
C MET B 384 -20.54 23.38 24.78
N GLY B 385 -21.61 23.93 25.32
CA GLY B 385 -22.49 23.22 26.23
C GLY B 385 -22.05 23.28 27.67
N GLY B 386 -22.90 22.75 28.56
CA GLY B 386 -22.53 22.59 29.96
C GLY B 386 -21.30 21.72 30.08
N LYS B 387 -21.23 20.71 29.22
CA LYS B 387 -19.99 20.04 28.91
C LYS B 387 -20.07 19.54 27.48
N ASP B 388 -18.91 19.36 26.86
CA ASP B 388 -18.83 18.82 25.52
C ASP B 388 -18.51 17.32 25.65
N GLN B 389 -17.86 16.74 24.65
CA GLN B 389 -17.66 15.29 24.58
C GLN B 389 -16.91 14.66 25.76
N GLN B 390 -16.01 15.43 26.39
CA GLN B 390 -15.22 14.95 27.54
C GLN B 390 -16.10 14.21 28.56
N PRO B 391 -15.90 12.89 28.71
CA PRO B 391 -16.85 12.08 29.49
C PRO B 391 -16.77 12.20 31.01
N ALA B 392 -17.92 12.27 31.67
CA ALA B 392 -18.00 12.20 33.12
C ALA B 392 -17.69 10.81 33.65
N ALA B 393 -17.41 10.72 34.95
CA ALA B 393 -17.20 9.44 35.62
C ALA B 393 -18.27 9.22 36.70
N PHE B 394 -18.51 7.96 37.03
CA PHE B 394 -19.43 7.57 38.10
C PHE B 394 -18.74 6.57 39.01
N SER B 395 -18.80 6.81 40.32
CA SER B 395 -18.30 5.84 41.30
C SER B 395 -19.46 5.06 41.91
N PRO B 396 -19.48 3.72 41.74
CA PRO B 396 -20.49 2.93 42.43
C PRO B 396 -20.31 2.91 43.95
N GLN B 397 -19.12 3.28 44.43
CA GLN B 397 -18.86 3.40 45.87
C GLN B 397 -19.56 4.61 46.48
N THR B 398 -19.46 5.76 45.82
CA THR B 398 -20.07 6.99 46.33
C THR B 398 -21.49 7.21 45.80
N GLY B 399 -21.78 6.67 44.62
CA GLY B 399 -23.07 6.89 43.96
C GLY B 399 -23.18 8.28 43.35
N LEU B 400 -22.05 8.96 43.19
CA LEU B 400 -22.01 10.32 42.66
C LEU B 400 -21.23 10.38 41.35
N PHE B 401 -21.37 11.51 40.67
CA PHE B 401 -20.75 11.72 39.36
C PHE B 401 -19.68 12.78 39.45
N TYR B 402 -18.68 12.66 38.59
CA TYR B 402 -17.55 13.56 38.58
C TYR B 402 -17.45 14.08 37.16
N VAL B 403 -17.72 15.36 37.00
CA VAL B 403 -18.08 15.91 35.70
C VAL B 403 -17.16 17.05 35.32
N PRO B 404 -16.47 16.94 34.16
CA PRO B 404 -15.75 18.09 33.64
C PRO B 404 -16.75 19.04 32.98
N THR B 405 -16.65 20.33 33.26
CA THR B 405 -17.63 21.28 32.75
C THR B 405 -17.03 22.54 32.15
N ASN B 406 -17.86 23.20 31.36
CA ASN B 406 -17.58 24.49 30.77
C ASN B 406 -18.37 25.54 31.53
N ASN B 407 -17.81 26.74 31.59
CA ASN B 407 -18.50 27.89 32.18
C ASN B 407 -18.41 29.04 31.18
N MET B 408 -19.33 29.03 30.21
CA MET B 408 -19.29 29.99 29.11
C MET B 408 -20.71 30.35 28.66
N CYS B 409 -20.81 31.48 27.98
CA CYS B 409 -22.09 31.94 27.42
C CYS B 409 -21.82 32.47 26.01
N MET B 410 -22.87 32.93 25.33
CA MET B 410 -22.72 33.41 23.96
C MET B 410 -23.80 34.38 23.50
N ASN B 411 -23.47 35.11 22.43
CA ASN B 411 -24.45 35.72 21.55
C ASN B 411 -24.53 34.85 20.30
N TYR B 412 -25.72 34.74 19.72
CA TYR B 412 -25.97 33.79 18.62
C TYR B 412 -27.03 34.43 17.73
N GLU B 413 -26.66 34.64 16.47
CA GLU B 413 -27.57 35.18 15.47
C GLU B 413 -27.70 34.16 14.34
N GLY B 414 -28.93 33.78 14.03
CA GLY B 414 -29.18 32.93 12.87
C GLY B 414 -29.03 33.69 11.57
N VAL B 415 -28.51 33.01 10.55
CA VAL B 415 -28.32 33.57 9.21
C VAL B 415 -28.75 32.52 8.19
N GLU B 416 -29.32 32.96 7.07
CA GLU B 416 -29.77 32.01 6.05
C GLU B 416 -28.59 31.17 5.56
N ALA B 417 -28.79 29.84 5.52
CA ALA B 417 -27.76 28.89 5.09
C ALA B 417 -28.17 28.21 3.78
N THR B 418 -27.22 28.08 2.87
CA THR B 418 -27.43 27.44 1.57
C THR B 418 -26.57 26.18 1.50
N TYR B 419 -27.15 25.08 1.04
CA TYR B 419 -26.44 23.81 1.00
C TYR B 419 -25.62 23.61 -0.28
N THR B 420 -24.34 23.29 -0.09
CA THR B 420 -23.48 22.78 -1.15
C THR B 420 -22.74 21.58 -0.58
N ALA B 421 -22.93 20.41 -1.19
CA ALA B 421 -22.35 19.19 -0.66
C ALA B 421 -20.83 19.32 -0.56
N GLY B 422 -20.29 18.96 0.60
CA GLY B 422 -18.86 19.11 0.87
C GLY B 422 -18.46 20.43 1.49
N ALA B 423 -19.39 21.39 1.56
CA ALA B 423 -19.13 22.69 2.19
C ALA B 423 -19.94 22.84 3.48
N PRO B 424 -19.50 23.73 4.38
CA PRO B 424 -20.25 23.96 5.62
C PRO B 424 -21.71 24.37 5.39
N TYR B 425 -22.59 23.90 6.28
CA TYR B 425 -24.01 24.22 6.23
C TYR B 425 -24.41 24.64 7.63
N VAL B 426 -24.01 25.86 7.99
CA VAL B 426 -24.15 26.34 9.35
C VAL B 426 -25.28 27.38 9.40
N GLY B 427 -24.96 28.65 9.15
CA GLY B 427 -25.98 29.70 9.17
C GLY B 427 -26.13 30.34 10.55
N ALA B 428 -25.02 30.71 11.15
CA ALA B 428 -25.05 31.43 12.41
C ALA B 428 -23.76 32.21 12.61
N ASN B 429 -23.89 33.35 13.30
CA ASN B 429 -22.74 34.10 13.79
C ASN B 429 -22.79 34.01 15.30
N VAL B 430 -21.71 33.50 15.90
CA VAL B 430 -21.69 33.21 17.33
C VAL B 430 -20.47 33.84 17.99
N LEU B 431 -20.71 34.63 19.03
CA LEU B 431 -19.66 35.22 19.84
C LEU B 431 -19.72 34.54 21.20
N MET B 432 -18.60 33.98 21.63
CA MET B 432 -18.54 33.23 22.89
C MET B 432 -17.70 33.97 23.91
N TYR B 433 -18.07 33.80 25.18
CA TYR B 433 -17.35 34.45 26.26
C TYR B 433 -17.57 33.69 27.57
N SER B 434 -17.03 34.23 28.67
CA SER B 434 -17.06 33.53 29.96
C SER B 434 -18.47 33.43 30.55
N GLY B 435 -18.61 32.61 31.58
CA GLY B 435 -19.90 32.28 32.16
C GLY B 435 -20.61 33.43 32.86
N HIS B 436 -21.88 33.18 33.18
CA HIS B 436 -22.78 34.17 33.77
C HIS B 436 -22.77 35.47 32.96
N GLU B 437 -23.10 35.34 31.68
CA GLU B 437 -23.18 36.45 30.74
C GLU B 437 -21.89 37.29 30.67
N GLY B 438 -20.75 36.62 30.73
CA GLY B 438 -19.45 37.26 30.56
C GLY B 438 -18.84 37.88 31.81
N LYS B 439 -19.51 37.71 32.96
CA LYS B 439 -19.06 38.31 34.21
C LYS B 439 -17.96 37.52 34.91
N ASP B 440 -17.86 36.22 34.61
CA ASP B 440 -16.89 35.35 35.28
C ASP B 440 -15.50 35.48 34.68
N ASP B 441 -14.48 35.22 35.50
CA ASP B 441 -13.08 35.27 35.06
C ASP B 441 -12.49 33.88 34.80
N TYR B 442 -13.34 32.86 34.83
CA TYR B 442 -12.94 31.48 34.63
C TYR B 442 -13.91 30.82 33.66
N TYR B 443 -13.43 29.84 32.92
CA TYR B 443 -14.16 29.27 31.79
C TYR B 443 -14.49 27.79 31.95
N GLY B 444 -14.15 27.20 33.10
CA GLY B 444 -14.41 25.79 33.34
C GLY B 444 -14.59 25.46 34.81
N ALA B 445 -15.02 24.23 35.08
CA ALA B 445 -15.06 23.74 36.45
C ALA B 445 -15.11 22.23 36.45
N PHE B 446 -14.46 21.64 37.45
CA PHE B 446 -14.58 20.21 37.68
C PHE B 446 -15.46 20.04 38.90
N ILE B 447 -16.55 19.29 38.75
CA ILE B 447 -17.55 19.19 39.82
C ILE B 447 -17.83 17.76 40.23
N CYS B 448 -18.35 17.62 41.46
CA CYS B 448 -19.03 16.42 41.91
C CYS B 448 -20.52 16.75 41.89
N TYR B 449 -21.32 15.88 41.31
CA TYR B 449 -22.74 16.14 41.08
C TYR B 449 -23.58 14.96 41.53
N ASP B 450 -24.67 15.26 42.22
CA ASP B 450 -25.63 14.27 42.70
C ASP B 450 -26.82 14.30 41.76
N ALA B 451 -26.95 13.24 40.96
CA ALA B 451 -27.91 13.21 39.85
C ALA B 451 -29.37 13.29 40.28
N LEU B 452 -29.73 12.53 41.31
CA LEU B 452 -31.13 12.46 41.75
C LEU B 452 -31.53 13.64 42.61
N LYS B 453 -30.60 14.15 43.43
CA LYS B 453 -30.83 15.40 44.15
C LYS B 453 -30.76 16.58 43.19
N GLY B 454 -30.07 16.40 42.07
CA GLY B 454 -29.95 17.42 41.05
C GLY B 454 -29.19 18.64 41.56
N LYS B 455 -28.07 18.38 42.22
CA LYS B 455 -27.29 19.44 42.85
C LYS B 455 -25.80 19.15 42.81
N ARG B 456 -25.01 20.21 42.65
CA ARG B 456 -23.57 20.12 42.82
C ARG B 456 -23.25 19.83 44.29
N VAL B 457 -22.23 19.00 44.48
CA VAL B 457 -21.76 18.64 45.81
C VAL B 457 -20.54 19.50 46.16
N TRP B 458 -19.59 19.55 45.24
CA TRP B 458 -18.50 20.52 45.32
C TRP B 458 -18.06 20.91 43.91
N GLU B 459 -17.27 21.98 43.83
CA GLU B 459 -16.77 22.45 42.55
C GLU B 459 -15.37 23.03 42.67
N ILE B 460 -14.56 22.74 41.65
CA ILE B 460 -13.24 23.32 41.49
C ILE B 460 -13.31 24.20 40.25
N HIS B 461 -13.22 25.52 40.45
CA HIS B 461 -13.17 26.45 39.33
C HIS B 461 -11.85 26.30 38.59
N GLU B 462 -11.93 26.28 37.27
CA GLU B 462 -10.76 26.10 36.42
C GLU B 462 -10.72 27.25 35.44
N HIS B 463 -9.53 27.82 35.22
CA HIS B 463 -9.46 28.96 34.33
C HIS B 463 -9.96 28.62 32.94
N PHE B 464 -9.56 27.47 32.43
CA PHE B 464 -9.99 27.02 31.10
C PHE B 464 -11.09 25.97 31.21
N PRO B 465 -11.88 25.80 30.13
CA PRO B 465 -12.83 24.70 30.12
C PRO B 465 -12.13 23.38 30.46
N VAL B 466 -12.80 22.51 31.21
CA VAL B 466 -12.23 21.21 31.49
C VAL B 466 -12.64 20.26 30.38
N TRP B 467 -11.67 19.92 29.53
CA TRP B 467 -11.92 19.15 28.30
C TRP B 467 -11.28 17.77 28.39
N SER B 468 -11.33 17.18 29.59
CA SER B 468 -10.67 15.92 29.91
C SER B 468 -11.63 15.13 30.79
N GLY B 469 -11.89 13.88 30.41
CA GLY B 469 -12.83 13.03 31.12
C GLY B 469 -12.15 12.28 32.24
N PRO B 470 -12.60 12.49 33.48
CA PRO B 470 -11.85 11.90 34.60
C PRO B 470 -11.93 10.39 34.70
N VAL B 471 -10.92 9.81 35.34
CA VAL B 471 -11.02 8.45 35.86
C VAL B 471 -11.15 8.59 37.37
N VAL B 472 -12.10 7.84 37.93
CA VAL B 472 -12.32 7.82 39.37
CA VAL B 472 -12.33 7.82 39.37
C VAL B 472 -11.99 6.43 39.88
N THR B 473 -11.45 6.35 41.09
CA THR B 473 -10.96 5.07 41.61
C THR B 473 -11.41 4.77 43.05
N ALA B 474 -11.26 3.50 43.41
CA ALA B 474 -11.52 3.03 44.77
C ALA B 474 -10.50 3.58 45.77
N GLY B 475 -9.44 4.21 45.27
CA GLY B 475 -8.51 4.95 46.11
C GLY B 475 -9.01 6.31 46.57
N GLY B 476 -10.25 6.66 46.20
CA GLY B 476 -10.85 7.93 46.61
C GLY B 476 -10.36 9.10 45.80
N LEU B 477 -9.92 8.83 44.58
CA LEU B 477 -9.32 9.85 43.72
C LEU B 477 -10.04 10.00 42.40
N ALA B 478 -10.05 11.22 41.88
CA ALA B 478 -10.39 11.47 40.48
C ALA B 478 -9.20 12.16 39.83
N PHE B 479 -8.81 11.68 38.65
CA PHE B 479 -7.73 12.29 37.88
C PHE B 479 -8.34 12.97 36.67
N TYR B 480 -7.87 14.18 36.38
CA TYR B 480 -8.25 14.87 35.14
C TYR B 480 -7.17 15.88 34.75
N GLY B 481 -7.19 16.29 33.48
CA GLY B 481 -6.24 17.28 32.97
C GLY B 481 -6.90 18.60 32.63
N THR B 482 -6.10 19.65 32.59
CA THR B 482 -6.56 20.99 32.20
C THR B 482 -5.95 21.38 30.86
N MET B 483 -6.56 22.37 30.21
CA MET B 483 -6.14 22.78 28.86
C MET B 483 -4.87 23.62 28.84
N ASP B 484 -4.38 24.02 30.01
CA ASP B 484 -3.03 24.60 30.11
C ASP B 484 -2.01 23.59 30.66
N GLY B 485 -2.37 22.31 30.64
CA GLY B 485 -1.41 21.23 30.79
C GLY B 485 -1.23 20.62 32.17
N TRP B 486 -2.05 21.01 33.13
CA TRP B 486 -1.95 20.46 34.47
C TRP B 486 -2.70 19.15 34.56
N PHE B 487 -2.04 18.10 35.02
CA PHE B 487 -2.67 16.84 35.31
C PHE B 487 -2.84 16.78 36.82
N LYS B 488 -4.06 16.52 37.29
CA LYS B 488 -4.41 16.67 38.71
C LYS B 488 -5.10 15.44 39.26
N ALA B 489 -4.84 15.17 40.54
CA ALA B 489 -5.57 14.15 41.30
C ALA B 489 -6.30 14.85 42.42
N VAL B 490 -7.60 14.59 42.55
CA VAL B 490 -8.41 15.24 43.57
C VAL B 490 -9.07 14.21 44.50
N ASP B 491 -9.21 14.60 45.76
CA ASP B 491 -9.97 13.84 46.75
C ASP B 491 -11.44 13.94 46.38
N ILE B 492 -12.07 12.82 46.06
CA ILE B 492 -13.47 12.84 45.60
C ILE B 492 -14.48 13.22 46.69
N LYS B 493 -14.10 13.10 47.95
CA LYS B 493 -14.99 13.47 49.06
C LYS B 493 -15.02 14.99 49.27
N THR B 494 -13.89 15.66 49.05
CA THR B 494 -13.74 17.09 49.37
C THR B 494 -13.55 18.01 48.16
N GLY B 495 -13.06 17.47 47.05
CA GLY B 495 -12.69 18.29 45.90
C GLY B 495 -11.35 18.97 46.07
N LYS B 496 -10.56 18.51 47.03
CA LYS B 496 -9.24 19.06 47.30
C LYS B 496 -8.21 18.42 46.36
N VAL B 497 -7.37 19.26 45.76
CA VAL B 497 -6.30 18.76 44.88
C VAL B 497 -5.17 18.22 45.75
N LEU B 498 -4.87 16.94 45.59
CA LEU B 498 -3.83 16.27 46.38
C LEU B 498 -2.49 16.16 45.66
N TRP B 499 -2.51 16.25 44.34
CA TRP B 499 -1.31 16.09 43.54
C TRP B 499 -1.56 16.71 42.17
N GLN B 500 -0.54 17.34 41.61
CA GLN B 500 -0.64 17.88 40.25
C GLN B 500 0.73 18.10 39.63
N GLN B 501 0.79 18.01 38.30
CA GLN B 501 2.03 18.22 37.57
C GLN B 501 1.73 18.89 36.24
N LYS B 502 2.57 19.84 35.84
CA LYS B 502 2.40 20.51 34.56
C LYS B 502 3.09 19.72 33.45
N LEU B 503 2.30 19.33 32.46
CA LEU B 503 2.80 18.59 31.31
C LEU B 503 2.99 19.55 30.14
N GLY B 504 3.42 19.03 28.99
CA GLY B 504 3.93 19.86 27.91
C GLY B 504 2.92 20.54 27.01
N SER B 505 1.69 20.07 27.01
CA SER B 505 0.61 20.66 26.22
C SER B 505 -0.71 20.46 26.96
N GLY B 506 -1.67 21.32 26.67
CA GLY B 506 -3.03 21.16 27.17
C GLY B 506 -3.53 19.73 27.04
N ILE B 507 -4.24 19.26 28.05
CA ILE B 507 -4.71 17.90 28.11
C ILE B 507 -6.18 17.85 27.69
N ILE B 508 -6.47 17.19 26.57
CA ILE B 508 -7.85 16.87 26.21
C ILE B 508 -8.08 15.36 26.12
N GLY B 509 -7.14 14.59 26.63
CA GLY B 509 -7.30 13.15 26.75
C GLY B 509 -8.04 12.78 28.00
N ASN B 510 -8.57 11.55 28.01
CA ASN B 510 -9.24 11.01 29.18
C ASN B 510 -8.32 10.01 29.85
N PRO B 511 -7.86 10.32 31.07
CA PRO B 511 -6.91 9.41 31.69
C PRO B 511 -7.47 8.02 32.00
N ILE B 512 -6.56 7.06 32.10
CA ILE B 512 -6.90 5.70 32.49
C ILE B 512 -6.01 5.29 33.65
N THR B 513 -6.38 4.19 34.30
CA THR B 513 -5.50 3.55 35.27
C THR B 513 -5.59 2.05 35.04
N PHE B 514 -4.49 1.35 35.28
CA PHE B 514 -4.35 -0.04 34.94
C PHE B 514 -3.23 -0.68 35.76
N LEU B 515 -3.11 -2.00 35.68
CA LEU B 515 -1.98 -2.71 36.28
C LEU B 515 -1.03 -3.12 35.17
N GLY B 516 0.26 -2.85 35.36
CA GLY B 516 1.29 -3.36 34.46
C GLY B 516 1.56 -4.84 34.75
N PRO B 517 2.37 -5.50 33.90
CA PRO B 517 2.78 -6.88 34.14
C PRO B 517 3.47 -7.09 35.50
N ASP B 518 4.11 -6.03 35.98
CA ASP B 518 4.71 -6.01 37.32
C ASP B 518 3.70 -5.93 38.49
N LYS B 519 2.40 -5.87 38.18
CA LYS B 519 1.32 -5.77 39.17
C LYS B 519 1.27 -4.42 39.90
N LYS B 520 1.96 -3.41 39.34
CA LYS B 520 1.95 -2.06 39.89
C LYS B 520 0.88 -1.24 39.18
N GLN B 521 0.24 -0.34 39.92
CA GLN B 521 -0.78 0.53 39.35
C GLN B 521 -0.13 1.72 38.63
N TYR B 522 -0.61 1.98 37.42
CA TYR B 522 -0.17 3.14 36.64
C TYR B 522 -1.38 4.00 36.30
N VAL B 523 -1.13 5.29 36.09
CA VAL B 523 -2.13 6.23 35.60
C VAL B 523 -1.54 6.85 34.32
N ALA B 524 -2.30 6.82 33.23
CA ALA B 524 -1.81 7.29 31.93
C ALA B 524 -2.76 8.30 31.31
N VAL B 525 -2.21 9.28 30.59
CA VAL B 525 -3.03 10.30 29.95
C VAL B 525 -2.33 10.90 28.74
N TYR B 526 -3.10 11.24 27.72
CA TYR B 526 -2.59 11.97 26.56
C TYR B 526 -2.46 13.45 26.87
N SER B 527 -1.40 14.05 26.34
CA SER B 527 -1.22 15.51 26.28
C SER B 527 -1.17 15.89 24.81
N GLY B 528 -1.74 17.04 24.46
CA GLY B 528 -1.84 17.48 23.06
C GLY B 528 -3.14 18.23 22.89
N VAL B 529 -3.04 19.56 22.96
CA VAL B 529 -4.21 20.42 23.04
C VAL B 529 -4.88 20.51 21.65
N GLY B 530 -6.17 20.76 21.65
CA GLY B 530 -6.94 20.86 20.41
C GLY B 530 -8.40 20.70 20.75
N GLY B 531 -9.14 20.03 19.88
CA GLY B 531 -10.59 19.99 20.00
C GLY B 531 -11.18 21.35 19.69
N TRP B 532 -12.46 21.54 19.97
CA TRP B 532 -13.15 22.74 19.52
C TRP B 532 -12.62 23.99 20.22
N PHE B 533 -12.60 23.98 21.55
CA PHE B 533 -12.09 25.15 22.28
C PHE B 533 -10.61 25.40 21.98
N GLY B 534 -9.85 24.34 21.70
CA GLY B 534 -8.44 24.48 21.35
C GLY B 534 -8.11 24.71 19.89
N ILE B 535 -9.14 24.94 19.05
CA ILE B 535 -8.92 25.01 17.61
C ILE B 535 -7.98 26.17 17.21
N ALA B 536 -8.07 27.31 17.91
CA ALA B 536 -7.18 28.43 17.61
C ALA B 536 -5.70 28.04 17.75
N VAL B 537 -5.40 27.17 18.71
CA VAL B 537 -4.03 26.70 18.89
C VAL B 537 -3.72 25.56 17.91
N ALA B 538 -4.60 24.56 17.84
CA ALA B 538 -4.37 23.40 16.98
C ALA B 538 -4.23 23.77 15.51
N GLN B 539 -5.04 24.74 15.07
CA GLN B 539 -5.07 25.15 13.66
C GLN B 539 -4.31 26.48 13.43
N ASN B 540 -3.64 26.98 14.47
CA ASN B 540 -2.83 28.20 14.38
C ASN B 540 -3.62 29.37 13.76
N LEU B 541 -4.80 29.61 14.32
CA LEU B 541 -5.67 30.68 13.84
C LEU B 541 -5.38 31.99 14.57
N PRO B 542 -5.45 33.12 13.83
CA PRO B 542 -5.19 34.43 14.41
C PRO B 542 -6.39 34.95 15.21
N PRO B 543 -6.17 35.97 16.06
CA PRO B 543 -7.26 36.53 16.86
C PRO B 543 -8.20 37.46 16.09
N ASP B 544 -7.81 37.87 14.89
CA ASP B 544 -8.48 38.95 14.15
C ASP B 544 -10.00 38.78 14.07
N ASP B 545 -10.44 37.56 13.77
CA ASP B 545 -11.87 37.25 13.66
C ASP B 545 -12.33 36.37 14.83
N PRO B 546 -12.95 36.99 15.86
CA PRO B 546 -13.39 36.21 17.02
C PRO B 546 -14.54 35.25 16.71
N TYR B 547 -15.30 35.52 15.66
CA TYR B 547 -16.38 34.64 15.22
C TYR B 547 -15.87 33.37 14.52
N ALA B 548 -14.58 33.33 14.18
CA ALA B 548 -13.97 32.16 13.54
C ALA B 548 -14.03 30.93 14.44
N GLY B 549 -14.00 29.75 13.83
CA GLY B 549 -14.19 28.48 14.55
C GLY B 549 -15.54 28.44 15.24
N LEU B 550 -16.53 29.07 14.59
CA LEU B 550 -17.86 29.31 15.14
C LEU B 550 -17.86 29.79 16.60
N GLY B 551 -17.06 30.82 16.85
CA GLY B 551 -17.00 31.47 18.14
C GLY B 551 -15.82 31.01 18.97
N ALA B 552 -15.23 29.86 18.64
CA ALA B 552 -14.17 29.27 19.46
C ALA B 552 -12.90 30.09 19.47
N VAL B 553 -12.57 30.75 18.36
CA VAL B 553 -11.33 31.53 18.30
C VAL B 553 -11.40 32.70 19.27
N GLY B 554 -12.49 33.46 19.24
CA GLY B 554 -12.64 34.63 20.09
C GLY B 554 -12.51 34.29 21.57
N VAL B 555 -13.25 33.28 22.01
CA VAL B 555 -13.27 32.92 23.43
C VAL B 555 -11.94 32.33 23.88
N ALA B 556 -11.29 31.54 23.04
CA ALA B 556 -9.97 30.99 23.38
C ALA B 556 -8.96 32.11 23.60
N TYR B 557 -8.97 33.12 22.74
CA TYR B 557 -8.08 34.26 22.91
C TYR B 557 -8.42 35.08 24.15
N GLN B 558 -9.71 35.29 24.41
CA GLN B 558 -10.16 36.00 25.62
C GLN B 558 -9.68 35.30 26.90
N ALA B 559 -9.79 33.98 26.90
CA ALA B 559 -9.35 33.15 28.03
C ALA B 559 -7.84 33.07 28.16
N GLY B 560 -7.13 33.34 27.05
CA GLY B 560 -5.67 33.34 27.03
C GLY B 560 -5.06 31.99 26.70
N LEU B 561 -5.80 31.13 26.00
CA LEU B 561 -5.31 29.78 25.71
C LEU B 561 -4.05 29.80 24.82
N PRO B 562 -4.05 30.60 23.74
CA PRO B 562 -2.84 30.64 22.91
C PRO B 562 -1.56 31.10 23.63
N LYS B 563 -1.72 31.85 24.73
CA LYS B 563 -0.58 32.23 25.56
C LYS B 563 -0.23 31.18 26.64
N ALA B 564 -1.08 30.18 26.80
CA ALA B 564 -0.94 29.20 27.87
C ALA B 564 -0.46 27.82 27.41
N THR B 565 -0.54 27.53 26.12
CA THR B 565 -0.19 26.19 25.66
C THR B 565 0.26 26.17 24.20
N THR B 566 1.09 25.17 23.89
CA THR B 566 1.54 24.86 22.54
C THR B 566 0.87 23.55 22.12
N VAL B 567 0.95 23.21 20.83
CA VAL B 567 0.51 21.89 20.37
C VAL B 567 1.53 20.83 20.73
N GLY B 568 1.06 19.58 20.81
CA GLY B 568 1.92 18.45 21.10
C GLY B 568 1.17 17.15 20.89
N GLY B 569 1.77 16.05 21.33
CA GLY B 569 1.15 14.74 21.24
C GLY B 569 2.00 13.73 21.99
N GLU B 570 1.68 13.55 23.27
CA GLU B 570 2.51 12.75 24.16
C GLU B 570 1.65 11.97 25.14
N LEU B 571 1.98 10.70 25.32
CA LEU B 571 1.37 9.87 26.36
C LEU B 571 2.28 9.91 27.59
N TYR B 572 1.72 10.28 28.74
CA TYR B 572 2.45 10.32 30.00
C TYR B 572 1.92 9.25 30.93
N VAL B 573 2.80 8.48 31.55
CA VAL B 573 2.40 7.39 32.42
C VAL B 573 3.05 7.57 33.80
N PHE B 574 2.21 7.61 34.83
CA PHE B 574 2.63 7.87 36.21
C PHE B 574 2.46 6.66 37.11
N ALA B 575 3.30 6.59 38.15
CA ALA B 575 3.17 5.57 39.17
C ALA B 575 3.84 6.07 40.46
N LEU B 576 3.66 5.33 41.54
CA LEU B 576 4.26 5.70 42.83
C LEU B 576 5.76 5.44 42.78
N ASN C 1 19.50 -27.19 3.38
CA ASN C 1 18.40 -27.01 4.37
C ASN C 1 17.90 -28.39 4.79
N ASP C 2 17.88 -28.65 6.11
CA ASP C 2 17.60 -29.98 6.64
C ASP C 2 16.22 -30.51 6.23
N GLU C 3 15.20 -29.66 6.35
CA GLU C 3 13.84 -30.02 5.95
C GLU C 3 13.81 -30.39 4.47
N LEU C 4 14.45 -29.59 3.63
CA LEU C 4 14.47 -29.82 2.19
C LEU C 4 15.23 -31.08 1.81
N ILE C 5 16.30 -31.38 2.53
CA ILE C 5 17.07 -32.61 2.28
C ILE C 5 16.18 -33.85 2.49
N LYS C 6 15.30 -33.78 3.50
CA LYS C 6 14.31 -34.83 3.75
C LYS C 6 13.19 -34.82 2.70
N LEU C 7 12.59 -33.66 2.47
CA LEU C 7 11.44 -33.55 1.56
C LEU C 7 11.75 -33.90 0.11
N GLU C 8 12.95 -33.58 -0.36
CA GLU C 8 13.32 -33.82 -1.76
C GLU C 8 13.40 -35.31 -2.11
N LYS C 9 13.52 -36.16 -1.09
CA LYS C 9 13.56 -37.61 -1.29
C LYS C 9 12.16 -38.23 -1.35
N GLU C 10 11.14 -37.49 -0.92
CA GLU C 10 9.77 -38.00 -0.87
C GLU C 10 9.18 -38.02 -2.28
N PRO C 11 8.89 -39.21 -2.84
CA PRO C 11 8.46 -39.31 -4.24
C PRO C 11 7.25 -38.44 -4.66
N GLY C 12 6.31 -38.22 -3.75
CA GLY C 12 5.09 -37.49 -4.07
C GLY C 12 5.24 -35.97 -4.15
N GLN C 13 6.38 -35.45 -3.72
CA GLN C 13 6.57 -34.01 -3.55
C GLN C 13 7.40 -33.41 -4.67
N TRP C 14 7.30 -32.09 -4.82
CA TRP C 14 8.14 -31.34 -5.75
C TRP C 14 8.45 -29.99 -5.10
N VAL C 15 9.48 -29.97 -4.27
CA VAL C 15 9.67 -28.88 -3.31
C VAL C 15 10.66 -27.81 -3.75
N MET C 16 11.32 -28.01 -4.88
CA MET C 16 12.14 -26.96 -5.50
C MET C 16 12.07 -27.14 -7.00
N GLN C 17 12.45 -26.10 -7.75
CA GLN C 17 12.13 -26.05 -9.17
C GLN C 17 12.58 -27.26 -9.96
N ASN C 18 13.81 -27.72 -9.71
CA ASN C 18 14.34 -28.87 -10.46
C ASN C 18 14.36 -30.16 -9.62
N LYS C 19 13.32 -30.30 -8.78
CA LYS C 19 13.01 -31.49 -7.97
C LYS C 19 13.86 -31.60 -6.71
N ASN C 20 15.17 -31.47 -6.87
CA ASN C 20 16.10 -31.70 -5.78
C ASN C 20 17.30 -30.79 -5.91
N TYR C 21 18.15 -30.80 -4.90
CA TYR C 21 19.32 -29.95 -4.89
C TYR C 21 20.31 -30.28 -6.02
N ALA C 22 20.32 -31.55 -6.46
CA ALA C 22 21.13 -31.99 -7.59
C ALA C 22 20.57 -31.59 -8.97
N ASN C 23 19.36 -31.02 -9.00
CA ASN C 23 18.71 -30.54 -10.22
C ASN C 23 18.48 -31.66 -11.25
N THR C 24 18.16 -32.87 -10.81
CA THR C 24 18.02 -33.99 -11.76
C THR C 24 16.68 -34.01 -12.50
N ARG C 25 15.68 -33.33 -11.95
CA ARG C 25 14.33 -33.29 -12.53
C ARG C 25 13.77 -34.70 -12.76
N TYR C 26 14.11 -35.61 -11.85
CA TYR C 26 13.73 -37.00 -11.96
C TYR C 26 12.78 -37.39 -10.84
N SER C 27 11.73 -38.13 -11.20
CA SER C 27 10.76 -38.63 -10.24
C SER C 27 10.74 -40.16 -10.22
N GLU C 28 10.67 -40.72 -9.01
CA GLU C 28 10.57 -42.17 -8.83
C GLU C 28 9.14 -42.68 -9.04
N LEU C 29 8.18 -41.78 -9.25
CA LEU C 29 6.78 -42.20 -9.44
C LEU C 29 6.62 -42.99 -10.74
N ASN C 30 5.87 -44.08 -10.66
CA ASN C 30 5.67 -44.95 -11.83
C ASN C 30 4.23 -45.43 -12.03
N GLN C 31 3.26 -44.73 -11.45
CA GLN C 31 1.85 -45.02 -11.73
C GLN C 31 1.56 -44.75 -13.20
N ILE C 32 2.08 -43.65 -13.70
CA ILE C 32 2.02 -43.30 -15.12
C ILE C 32 3.28 -43.88 -15.76
N ASN C 33 3.12 -44.69 -16.79
CA ASN C 33 4.26 -45.36 -17.42
C ASN C 33 4.02 -45.61 -18.91
N THR C 34 5.00 -46.23 -19.57
CA THR C 34 4.93 -46.42 -21.02
C THR C 34 3.75 -47.29 -21.48
N LYS C 35 3.24 -48.14 -20.59
CA LYS C 35 2.14 -49.04 -20.93
C LYS C 35 0.74 -48.39 -20.78
N ASN C 36 0.63 -47.31 -20.01
CA ASN C 36 -0.68 -46.68 -19.78
C ASN C 36 -0.80 -45.18 -20.07
N VAL C 37 0.29 -44.54 -20.48
CA VAL C 37 0.28 -43.07 -20.65
C VAL C 37 -0.70 -42.60 -21.74
N SER C 38 -1.08 -43.48 -22.67
CA SER C 38 -2.09 -43.11 -23.67
C SER C 38 -3.46 -42.79 -23.05
N ARG C 39 -3.69 -43.19 -21.80
CA ARG C 39 -4.93 -42.88 -21.09
C ARG C 39 -4.86 -41.56 -20.29
N LEU C 40 -3.78 -40.80 -20.45
CA LEU C 40 -3.62 -39.54 -19.73
C LEU C 40 -4.60 -38.50 -20.28
N ARG C 41 -5.29 -37.81 -19.38
CA ARG C 41 -6.26 -36.77 -19.77
C ARG C 41 -6.19 -35.62 -18.79
N LEU C 42 -6.73 -34.47 -19.18
CA LEU C 42 -6.77 -33.33 -18.29
C LEU C 42 -7.66 -33.62 -17.09
N ALA C 43 -7.12 -33.39 -15.90
CA ALA C 43 -7.84 -33.51 -14.65
C ALA C 43 -8.44 -32.18 -14.23
N TRP C 44 -7.61 -31.15 -14.27
CA TRP C 44 -8.06 -29.79 -13.95
C TRP C 44 -7.07 -28.78 -14.47
N SER C 45 -7.49 -27.51 -14.47
CA SER C 45 -6.61 -26.41 -14.84
C SER C 45 -6.86 -25.19 -13.95
N PHE C 46 -5.93 -24.25 -14.02
CA PHE C 46 -5.96 -23.04 -13.21
C PHE C 46 -5.30 -21.91 -13.98
N SER C 47 -6.00 -20.80 -14.14
CA SER C 47 -5.44 -19.64 -14.84
C SER C 47 -4.57 -18.85 -13.88
N THR C 48 -3.39 -18.46 -14.35
CA THR C 48 -2.46 -17.69 -13.53
C THR C 48 -2.83 -16.21 -13.45
N GLY C 49 -3.75 -15.78 -14.31
CA GLY C 49 -4.20 -14.38 -14.30
C GLY C 49 -3.22 -13.42 -14.94
N ALA C 50 -2.24 -13.95 -15.67
CA ALA C 50 -1.28 -13.13 -16.40
C ALA C 50 -1.06 -13.67 -17.80
N LEU C 51 -0.56 -12.81 -18.69
CA LEU C 51 -0.16 -13.21 -20.03
C LEU C 51 1.36 -13.16 -20.17
N ARG C 52 1.86 -13.55 -21.34
CA ARG C 52 3.29 -13.58 -21.63
C ARG C 52 3.95 -14.83 -21.00
N GLY C 53 5.28 -14.90 -21.00
CA GLY C 53 5.96 -16.17 -20.78
C GLY C 53 5.80 -16.73 -19.39
N HIS C 54 5.39 -17.99 -19.30
CA HIS C 54 5.26 -18.69 -18.03
C HIS C 54 6.32 -19.78 -17.90
N GLU C 55 7.44 -19.39 -17.29
CA GLU C 55 8.59 -20.28 -17.09
C GLU C 55 8.54 -20.93 -15.72
N GLY C 56 9.51 -21.81 -15.46
CA GLY C 56 9.53 -22.60 -14.25
C GLY C 56 8.32 -23.50 -14.14
N GLY C 57 7.99 -23.87 -12.91
CA GLY C 57 6.85 -24.72 -12.66
C GLY C 57 6.36 -24.53 -11.25
N PRO C 58 5.22 -25.14 -10.94
CA PRO C 58 4.70 -25.09 -9.58
C PRO C 58 5.52 -25.92 -8.62
N LEU C 59 5.37 -25.63 -7.33
CA LEU C 59 5.88 -26.51 -6.28
C LEU C 59 4.71 -27.25 -5.64
N VAL C 60 4.96 -28.47 -5.20
CA VAL C 60 4.01 -29.21 -4.36
C VAL C 60 4.69 -29.58 -3.05
N VAL C 61 4.19 -28.99 -1.96
CA VAL C 61 4.73 -29.24 -0.63
C VAL C 61 3.56 -29.60 0.27
N GLY C 62 3.61 -30.79 0.87
CA GLY C 62 2.49 -31.32 1.61
C GLY C 62 1.30 -31.51 0.67
N THR C 63 0.17 -30.90 1.03
CA THR C 63 -1.05 -30.97 0.22
C THR C 63 -1.33 -29.64 -0.50
N THR C 64 -0.31 -28.79 -0.63
CA THR C 64 -0.46 -27.47 -1.20
C THR C 64 0.39 -27.35 -2.46
N MET C 65 -0.20 -26.83 -3.53
CA MET C 65 0.55 -26.48 -4.72
C MET C 65 0.77 -24.97 -4.73
N TYR C 66 1.99 -24.56 -5.01
CA TYR C 66 2.32 -23.14 -5.11
C TYR C 66 2.56 -22.79 -6.58
N VAL C 67 1.90 -21.75 -7.04
CA VAL C 67 1.87 -21.38 -8.45
C VAL C 67 2.34 -19.94 -8.59
N HIS C 68 3.08 -19.66 -9.66
CA HIS C 68 3.57 -18.30 -9.91
C HIS C 68 3.36 -17.90 -11.36
N SER C 69 3.25 -16.61 -11.60
CA SER C 69 2.96 -16.10 -12.94
C SER C 69 4.07 -15.20 -13.48
N ALA C 70 3.95 -14.84 -14.75
CA ALA C 70 4.73 -13.76 -15.35
C ALA C 70 4.41 -12.45 -14.63
N TYR C 71 5.15 -11.39 -14.97
CA TYR C 71 4.87 -10.06 -14.41
C TYR C 71 3.36 -9.80 -14.52
N PRO C 72 2.70 -9.34 -13.45
CA PRO C 72 3.28 -8.74 -12.25
C PRO C 72 3.56 -9.70 -11.09
N ASN C 73 3.76 -10.98 -11.40
CA ASN C 73 4.24 -11.96 -10.43
C ASN C 73 3.21 -12.29 -9.36
N HIS C 74 2.03 -12.71 -9.80
CA HIS C 74 1.01 -13.25 -8.92
C HIS C 74 1.53 -14.57 -8.36
N VAL C 75 1.27 -14.80 -7.07
CA VAL C 75 1.61 -16.05 -6.41
C VAL C 75 0.35 -16.62 -5.75
N TYR C 76 0.13 -17.92 -5.91
CA TYR C 76 -1.05 -18.59 -5.39
C TYR C 76 -0.66 -19.85 -4.65
N ALA C 77 -1.40 -20.14 -3.57
CA ALA C 77 -1.38 -21.44 -2.94
C ALA C 77 -2.72 -22.13 -3.23
N LEU C 78 -2.64 -23.34 -3.76
CA LEU C 78 -3.82 -24.15 -4.05
C LEU C 78 -3.89 -25.32 -3.07
N ASP C 79 -5.02 -25.45 -2.39
CA ASP C 79 -5.25 -26.54 -1.45
C ASP C 79 -5.76 -27.75 -2.23
N LEU C 80 -4.91 -28.75 -2.39
CA LEU C 80 -5.22 -29.91 -3.24
C LEU C 80 -6.17 -30.92 -2.59
N THR C 81 -6.60 -30.66 -1.35
CA THR C 81 -7.60 -31.51 -0.71
C THR C 81 -9.03 -31.13 -1.08
N GLN C 82 -9.22 -30.04 -1.83
CA GLN C 82 -10.55 -29.46 -2.04
C GLN C 82 -11.23 -29.84 -3.36
N LYS C 83 -10.77 -30.92 -3.98
CA LYS C 83 -11.57 -31.65 -4.96
C LYS C 83 -12.00 -30.84 -6.20
N PRO C 84 -11.06 -30.48 -7.08
CA PRO C 84 -9.66 -30.88 -7.03
C PRO C 84 -8.74 -29.88 -6.32
N TYR C 85 -9.18 -28.63 -6.21
CA TYR C 85 -8.40 -27.62 -5.52
C TYR C 85 -9.28 -26.44 -5.13
N ALA C 86 -8.79 -25.66 -4.17
CA ALA C 86 -9.35 -24.36 -3.83
C ALA C 86 -8.19 -23.39 -3.72
N ILE C 87 -8.42 -22.11 -3.99
CA ILE C 87 -7.37 -21.10 -3.83
C ILE C 87 -7.27 -20.78 -2.35
N LYS C 88 -6.19 -21.25 -1.73
CA LYS C 88 -5.99 -21.06 -0.30
C LYS C 88 -5.60 -19.62 0.00
N TRP C 89 -4.69 -19.07 -0.80
CA TRP C 89 -4.36 -17.66 -0.72
C TRP C 89 -3.72 -17.16 -2.00
N GLN C 90 -3.68 -15.84 -2.16
CA GLN C 90 -2.95 -15.24 -3.24
C GLN C 90 -2.24 -13.98 -2.79
N TYR C 91 -1.13 -13.69 -3.49
CA TYR C 91 -0.32 -12.52 -3.20
C TYR C 91 0.20 -11.91 -4.49
N THR C 92 0.08 -10.60 -4.61
CA THR C 92 0.68 -9.86 -5.72
C THR C 92 1.46 -8.69 -5.15
N PRO C 93 2.78 -8.63 -5.44
CA PRO C 93 3.60 -7.57 -4.88
C PRO C 93 3.39 -6.24 -5.59
N VAL C 94 3.65 -5.16 -4.89
CA VAL C 94 3.70 -3.84 -5.50
C VAL C 94 5.05 -3.74 -6.20
N GLN C 95 5.03 -3.30 -7.45
CA GLN C 95 6.24 -3.20 -8.26
C GLN C 95 6.32 -1.91 -9.04
N ASN C 96 7.54 -1.50 -9.33
CA ASN C 96 7.82 -0.43 -10.27
C ASN C 96 7.71 -0.96 -11.69
N SER C 97 6.71 -0.50 -12.43
CA SER C 97 6.43 -1.01 -13.78
C SER C 97 7.52 -0.69 -14.82
N GLN C 98 8.42 0.23 -14.51
CA GLN C 98 9.63 0.46 -15.31
C GLN C 98 10.45 -0.83 -15.51
N ALA C 99 10.30 -1.79 -14.60
CA ALA C 99 10.93 -3.10 -14.75
C ALA C 99 10.65 -3.74 -16.11
N VAL C 100 9.43 -3.57 -16.61
CA VAL C 100 9.03 -4.15 -17.90
C VAL C 100 9.90 -3.61 -19.04
N ALA C 101 10.26 -2.33 -18.97
CA ALA C 101 11.09 -1.70 -19.99
C ALA C 101 12.53 -2.20 -20.00
N VAL C 102 13.03 -2.73 -18.89
CA VAL C 102 14.43 -3.20 -18.82
C VAL C 102 14.58 -4.72 -18.76
N ALA C 103 13.49 -5.46 -19.02
CA ALA C 103 13.58 -6.90 -19.21
C ALA C 103 14.05 -7.17 -20.63
N CYS C 104 15.17 -7.88 -20.79
CA CYS C 104 15.72 -8.15 -22.13
C CYS C 104 14.85 -9.10 -22.95
N CYS C 105 14.30 -10.09 -22.26
CA CYS C 105 13.94 -11.36 -22.88
C CYS C 105 12.59 -11.88 -22.38
N ASP C 106 11.62 -10.96 -22.30
CA ASP C 106 10.26 -11.18 -21.78
C ASP C 106 10.19 -11.08 -20.26
N VAL C 107 8.98 -10.84 -19.76
CA VAL C 107 8.74 -10.57 -18.34
C VAL C 107 8.51 -11.86 -17.54
N VAL C 108 9.41 -12.81 -17.72
CA VAL C 108 9.28 -14.15 -17.14
C VAL C 108 9.80 -14.18 -15.71
N ASN C 109 9.44 -15.25 -15.01
CA ASN C 109 9.97 -15.57 -13.69
C ASN C 109 10.04 -17.07 -13.55
N ARG C 110 11.18 -17.59 -13.08
CA ARG C 110 11.42 -19.03 -13.06
C ARG C 110 10.94 -19.72 -11.80
N GLY C 111 10.40 -18.96 -10.86
CA GLY C 111 9.56 -19.53 -9.82
C GLY C 111 9.99 -19.43 -8.38
N LEU C 112 9.22 -20.12 -7.56
CA LEU C 112 9.28 -20.00 -6.12
C LEU C 112 10.26 -20.98 -5.51
N ALA C 113 10.66 -20.68 -4.29
CA ALA C 113 11.32 -21.64 -3.42
C ALA C 113 10.50 -21.79 -2.15
N TYR C 114 10.67 -22.92 -1.48
CA TYR C 114 10.00 -23.21 -0.22
C TYR C 114 11.03 -23.62 0.84
N ALA C 115 10.86 -23.15 2.07
CA ALA C 115 11.60 -23.69 3.22
C ALA C 115 10.98 -23.24 4.52
N ASN C 116 10.98 -24.13 5.52
CA ASN C 116 10.62 -23.78 6.89
C ASN C 116 9.32 -22.97 7.00
N GLY C 117 8.26 -23.46 6.35
CA GLY C 117 6.95 -22.83 6.41
C GLY C 117 6.87 -21.49 5.69
N LYS C 118 7.80 -21.23 4.78
CA LYS C 118 7.85 -19.97 4.06
C LYS C 118 7.99 -20.20 2.55
N ILE C 119 7.43 -19.28 1.79
CA ILE C 119 7.59 -19.24 0.34
C ILE C 119 8.44 -18.03 0.00
N PHE C 120 9.41 -18.22 -0.90
CA PHE C 120 10.30 -17.15 -1.33
C PHE C 120 10.08 -16.88 -2.80
N MET C 121 9.87 -15.61 -3.13
CA MET C 121 9.65 -15.22 -4.52
C MET C 121 10.55 -14.06 -4.88
N THR C 122 10.87 -13.96 -6.15
CA THR C 122 11.52 -12.80 -6.70
C THR C 122 10.52 -12.06 -7.59
N THR C 123 10.77 -10.77 -7.79
CA THR C 123 9.93 -9.93 -8.63
C THR C 123 10.79 -9.33 -9.72
N LEU C 124 10.17 -9.08 -10.88
CA LEU C 124 10.88 -8.48 -11.99
C LEU C 124 11.60 -7.19 -11.57
N ASP C 125 10.97 -6.37 -10.74
CA ASP C 125 11.57 -5.09 -10.35
C ASP C 125 12.63 -5.20 -9.23
N GLY C 126 13.02 -6.41 -8.87
CA GLY C 126 14.25 -6.61 -8.09
C GLY C 126 14.10 -6.87 -6.61
N GLN C 127 12.93 -7.36 -6.20
CA GLN C 127 12.69 -7.68 -4.80
C GLN C 127 12.84 -9.17 -4.53
N ILE C 128 13.30 -9.49 -3.33
CA ILE C 128 13.18 -10.84 -2.78
C ILE C 128 12.18 -10.71 -1.61
N ILE C 129 11.17 -11.57 -1.62
CA ILE C 129 10.04 -11.47 -0.70
C ILE C 129 9.79 -12.84 -0.07
N ALA C 130 9.64 -12.84 1.25
CA ALA C 130 9.29 -14.04 2.00
C ALA C 130 7.84 -13.97 2.46
N LEU C 131 7.10 -15.04 2.19
CA LEU C 131 5.69 -15.15 2.54
C LEU C 131 5.47 -16.33 3.47
N ASP C 132 4.50 -16.20 4.38
CA ASP C 132 4.07 -17.34 5.18
C ASP C 132 3.41 -18.33 4.24
N ALA C 133 3.90 -19.57 4.23
CA ALA C 133 3.44 -20.58 3.28
C ALA C 133 1.98 -20.98 3.50
N ASN C 134 1.50 -20.86 4.73
CA ASN C 134 0.13 -21.24 5.05
C ASN C 134 -0.90 -20.11 4.89
N THR C 135 -0.48 -18.86 5.07
CA THR C 135 -1.41 -17.71 4.99
C THR C 135 -1.18 -16.78 3.80
N GLY C 136 0.02 -16.82 3.22
CA GLY C 136 0.36 -15.91 2.12
C GLY C 136 0.72 -14.51 2.56
N LYS C 137 0.82 -14.29 3.87
CA LYS C 137 1.14 -12.96 4.39
C LYS C 137 2.63 -12.68 4.29
N GLU C 138 2.94 -11.43 3.96
CA GLU C 138 4.29 -10.96 3.79
C GLU C 138 5.05 -10.96 5.12
N LEU C 139 6.20 -11.63 5.17
CA LEU C 139 7.02 -11.70 6.38
C LEU C 139 8.16 -10.69 6.33
N TRP C 140 8.86 -10.66 5.21
CA TRP C 140 9.85 -9.63 4.95
C TRP C 140 10.10 -9.47 3.47
N LYS C 141 10.69 -8.34 3.10
CA LYS C 141 11.09 -8.11 1.73
C LYS C 141 12.37 -7.28 1.71
N MET C 142 13.17 -7.48 0.67
CA MET C 142 14.39 -6.70 0.49
C MET C 142 14.56 -6.33 -0.98
N LYS C 143 15.05 -5.13 -1.21
CA LYS C 143 15.36 -4.66 -2.57
C LYS C 143 16.76 -5.17 -2.92
N HIS C 144 16.81 -6.16 -3.80
CA HIS C 144 18.05 -6.81 -4.18
C HIS C 144 18.65 -6.20 -5.45
N ALA C 145 17.78 -5.70 -6.33
CA ALA C 145 18.21 -5.13 -7.60
C ALA C 145 17.47 -3.84 -7.90
N ASP C 146 18.07 -3.03 -8.77
CA ASP C 146 17.63 -1.67 -9.06
C ASP C 146 17.35 -1.49 -10.56
N VAL C 147 16.07 -1.37 -10.92
CA VAL C 147 15.67 -1.17 -12.32
C VAL C 147 16.20 0.09 -12.97
N THR C 148 16.50 1.13 -12.17
CA THR C 148 17.07 2.36 -12.73
C THR C 148 18.51 2.16 -13.24
N LYS C 149 19.13 1.03 -12.87
CA LYS C 149 20.44 0.63 -13.40
C LYS C 149 20.31 -0.52 -14.42
N GLY C 150 19.10 -0.76 -14.90
CA GLY C 150 18.85 -1.80 -15.89
C GLY C 150 18.86 -3.21 -15.33
N GLU C 151 18.67 -3.34 -14.02
CA GLU C 151 18.65 -4.65 -13.37
C GLU C 151 17.21 -5.13 -13.21
N THR C 152 17.04 -6.43 -13.34
CA THR C 152 15.77 -7.10 -13.05
C THR C 152 16.11 -8.42 -12.34
N ILE C 153 15.09 -9.10 -11.85
CA ILE C 153 15.27 -10.48 -11.40
C ILE C 153 14.25 -11.35 -12.11
N THR C 154 14.74 -12.41 -12.74
CA THR C 154 13.86 -13.41 -13.36
C THR C 154 14.09 -14.81 -12.82
N GLY C 155 15.24 -15.06 -12.20
CA GLY C 155 15.59 -16.40 -11.72
C GLY C 155 14.87 -16.78 -10.45
N ALA C 156 14.71 -18.09 -10.25
CA ALA C 156 14.19 -18.64 -9.01
C ALA C 156 15.28 -18.63 -7.94
N PRO C 157 14.91 -18.25 -6.71
CA PRO C 157 15.88 -18.31 -5.60
C PRO C 157 16.06 -19.75 -5.12
N LEU C 158 17.13 -19.99 -4.37
CA LEU C 158 17.40 -21.31 -3.78
C LEU C 158 17.60 -21.14 -2.28
N VAL C 159 16.95 -21.97 -1.48
CA VAL C 159 17.20 -21.97 -0.04
C VAL C 159 18.25 -23.02 0.29
N VAL C 160 19.31 -22.59 0.96
CA VAL C 160 20.37 -23.48 1.45
C VAL C 160 20.62 -23.13 2.91
N LYS C 161 20.57 -24.14 3.78
CA LYS C 161 20.62 -23.96 5.23
C LYS C 161 19.59 -22.92 5.67
N ASP C 162 20.05 -21.81 6.28
CA ASP C 162 19.15 -20.76 6.75
C ASP C 162 19.25 -19.51 5.87
N LYS C 163 19.62 -19.70 4.61
CA LYS C 163 19.81 -18.59 3.68
C LYS C 163 19.04 -18.83 2.39
N VAL C 164 18.50 -17.76 1.83
CA VAL C 164 17.94 -17.78 0.48
C VAL C 164 18.89 -17.03 -0.46
N LEU C 165 19.25 -17.70 -1.56
CA LEU C 165 20.24 -17.20 -2.50
C LEU C 165 19.51 -16.58 -3.69
N VAL C 166 19.89 -15.36 -4.06
CA VAL C 166 19.16 -14.57 -5.04
C VAL C 166 20.14 -13.96 -6.03
N GLY C 167 19.87 -14.14 -7.32
CA GLY C 167 20.72 -13.59 -8.36
C GLY C 167 20.16 -12.31 -8.93
N VAL C 168 20.61 -11.98 -10.14
CA VAL C 168 20.20 -10.75 -10.80
C VAL C 168 20.29 -10.97 -12.30
N SER C 169 19.54 -10.16 -13.07
CA SER C 169 19.61 -10.13 -14.51
C SER C 169 20.05 -8.75 -14.99
N GLY C 170 20.53 -8.68 -16.22
CA GLY C 170 20.98 -7.43 -16.82
C GLY C 170 22.29 -7.48 -17.61
N GLY C 171 22.69 -8.68 -18.06
CA GLY C 171 23.88 -8.82 -18.90
C GLY C 171 23.81 -8.08 -20.22
N GLU C 172 22.62 -7.64 -20.61
CA GLU C 172 22.45 -6.76 -21.78
C GLU C 172 22.33 -5.28 -21.39
N PHE C 173 22.52 -4.98 -20.10
CA PHE C 173 22.36 -3.63 -19.56
C PHE C 173 23.58 -3.17 -18.74
N GLY C 174 24.71 -3.85 -18.92
CA GLY C 174 25.97 -3.47 -18.24
C GLY C 174 25.97 -3.72 -16.75
N VAL C 175 25.08 -4.60 -16.28
CA VAL C 175 24.92 -4.85 -14.85
C VAL C 175 26.08 -5.68 -14.30
N ARG C 176 26.44 -5.41 -13.05
CA ARG C 176 27.43 -6.23 -12.36
C ARG C 176 26.74 -7.45 -11.74
N GLY C 177 26.96 -8.61 -12.34
CA GLY C 177 26.38 -9.84 -11.85
C GLY C 177 26.87 -10.23 -10.47
N ARG C 178 25.95 -10.80 -9.69
CA ARG C 178 26.22 -11.13 -8.30
C ARG C 178 25.15 -12.06 -7.75
N VAL C 179 25.49 -12.77 -6.68
CA VAL C 179 24.54 -13.56 -5.92
C VAL C 179 24.57 -13.05 -4.48
N GLY C 180 23.40 -12.77 -3.94
CA GLY C 180 23.26 -12.33 -2.56
C GLY C 180 22.57 -13.39 -1.72
N ALA C 181 22.99 -13.52 -0.47
CA ALA C 181 22.38 -14.48 0.46
C ALA C 181 21.68 -13.71 1.57
N TYR C 182 20.44 -14.09 1.85
CA TYR C 182 19.60 -13.41 2.84
C TYR C 182 19.15 -14.42 3.89
N ASP C 183 19.21 -14.03 5.16
CA ASP C 183 18.72 -14.89 6.23
C ASP C 183 17.23 -15.12 6.02
N ILE C 184 16.80 -16.38 6.03
CA ILE C 184 15.41 -16.72 5.70
C ILE C 184 14.38 -16.27 6.72
N ASN C 185 14.82 -15.96 7.94
CA ASN C 185 13.92 -15.50 9.00
C ASN C 185 13.80 -13.97 9.05
N THR C 186 14.93 -13.28 8.92
CA THR C 186 14.98 -11.83 9.07
C THR C 186 15.04 -11.06 7.76
N GLY C 187 15.57 -11.70 6.72
CA GLY C 187 15.81 -11.02 5.45
C GLY C 187 17.09 -10.20 5.42
N ASN C 188 17.89 -10.28 6.49
CA ASN C 188 19.16 -9.57 6.53
CA ASN C 188 19.16 -9.57 6.53
C ASN C 188 20.15 -10.20 5.56
N ARG C 189 20.79 -9.36 4.75
CA ARG C 189 21.77 -9.86 3.80
C ARG C 189 23.05 -10.27 4.53
N VAL C 190 23.51 -11.49 4.28
CA VAL C 190 24.67 -12.06 4.95
C VAL C 190 25.95 -11.87 4.13
N TRP C 191 25.85 -12.11 2.82
CA TRP C 191 26.96 -11.82 1.91
C TRP C 191 26.48 -11.50 0.50
N LEU C 192 27.39 -10.98 -0.31
CA LEU C 192 27.11 -10.63 -1.70
C LEU C 192 28.37 -10.92 -2.52
N ALA C 193 28.25 -11.87 -3.45
CA ALA C 193 29.40 -12.36 -4.20
C ALA C 193 29.27 -11.98 -5.67
N TYR C 194 30.17 -11.11 -6.12
CA TYR C 194 30.17 -10.63 -7.50
C TYR C 194 30.90 -11.59 -8.44
N SER C 195 30.59 -11.47 -9.73
CA SER C 195 31.19 -12.31 -10.77
C SER C 195 32.42 -11.68 -11.41
N GLN C 196 32.76 -10.46 -10.98
CA GLN C 196 33.92 -9.76 -11.51
C GLN C 196 34.30 -8.68 -10.51
N GLY C 197 35.36 -7.94 -10.81
CA GLY C 197 35.87 -6.91 -9.90
C GLY C 197 36.96 -7.47 -8.99
N PRO C 198 37.37 -6.69 -8.00
CA PRO C 198 38.40 -7.13 -7.06
C PRO C 198 38.01 -8.37 -6.27
N ASP C 199 39.00 -9.11 -5.78
CA ASP C 199 38.78 -10.32 -4.97
C ASP C 199 37.87 -10.06 -3.77
N GLU C 200 37.96 -8.85 -3.20
CA GLU C 200 37.13 -8.44 -2.08
C GLU C 200 35.63 -8.51 -2.41
N GLU C 201 35.29 -8.27 -3.67
CA GLU C 201 33.91 -8.35 -4.14
C GLU C 201 33.54 -9.72 -4.70
N VAL C 202 34.49 -10.39 -5.36
CA VAL C 202 34.22 -11.72 -5.94
C VAL C 202 34.05 -12.77 -4.84
N LEU C 203 34.82 -12.61 -3.75
CA LEU C 203 34.83 -13.53 -2.60
C LEU C 203 35.45 -14.88 -2.95
N LEU C 204 36.75 -14.99 -2.71
CA LEU C 204 37.50 -16.22 -2.98
C LEU C 204 37.92 -16.82 -1.65
N ASP C 205 37.83 -18.14 -1.53
CA ASP C 205 38.34 -18.80 -0.33
C ASP C 205 39.84 -19.03 -0.49
N SER C 206 40.52 -19.37 0.61
CA SER C 206 41.97 -19.56 0.57
C SER C 206 42.41 -20.72 -0.32
N ASP C 207 41.51 -21.68 -0.54
CA ASP C 207 41.81 -22.84 -1.39
C ASP C 207 41.18 -22.73 -2.79
N PHE C 208 40.86 -21.50 -3.22
CA PHE C 208 40.21 -21.27 -4.52
C PHE C 208 41.06 -21.82 -5.68
N ASN C 209 40.48 -22.73 -6.45
CA ASN C 209 41.17 -23.38 -7.58
C ASN C 209 42.55 -23.95 -7.22
N LYS C 210 42.70 -24.43 -5.98
CA LYS C 210 43.99 -24.92 -5.50
C LYS C 210 44.56 -26.00 -6.41
N GLU C 211 43.70 -26.93 -6.82
CA GLU C 211 44.11 -28.07 -7.64
C GLU C 211 44.33 -27.70 -9.11
N PHE C 212 43.66 -26.65 -9.59
CA PHE C 212 43.73 -26.25 -10.99
C PHE C 212 43.93 -24.74 -11.15
N PRO C 213 45.14 -24.25 -10.80
CA PRO C 213 45.40 -22.81 -10.94
C PRO C 213 45.30 -22.30 -12.38
N GLN C 214 45.50 -23.18 -13.36
CA GLN C 214 45.28 -22.82 -14.77
C GLN C 214 43.84 -22.37 -15.06
N HIS C 215 42.89 -22.72 -14.19
CA HIS C 215 41.51 -22.23 -14.31
C HIS C 215 41.32 -20.79 -13.84
N GLY C 216 42.35 -20.20 -13.25
CA GLY C 216 42.29 -18.81 -12.82
C GLY C 216 42.39 -18.69 -11.32
N GLY C 217 42.53 -17.46 -10.85
CA GLY C 217 42.84 -17.21 -9.45
C GLY C 217 42.67 -15.75 -9.06
N PRO C 218 43.30 -15.36 -7.94
CA PRO C 218 43.26 -13.98 -7.45
C PRO C 218 43.60 -12.94 -8.52
N GLY C 219 42.83 -11.87 -8.58
CA GLY C 219 43.10 -10.76 -9.48
C GLY C 219 42.43 -10.85 -10.83
N ASP C 220 42.03 -12.05 -11.24
CA ASP C 220 41.49 -12.25 -12.58
C ASP C 220 40.17 -11.52 -12.83
N GLY C 221 39.43 -11.22 -11.76
CA GLY C 221 38.20 -10.44 -11.85
C GLY C 221 38.36 -9.01 -12.38
N THR C 222 39.59 -8.47 -12.35
CA THR C 222 39.88 -7.17 -12.97
C THR C 222 40.97 -7.23 -14.05
N LYS C 223 41.99 -8.06 -13.83
CA LYS C 223 43.18 -8.07 -14.69
C LYS C 223 42.93 -8.68 -16.06
N THR C 224 41.86 -9.47 -16.18
CA THR C 224 41.47 -10.06 -17.46
C THR C 224 40.50 -9.17 -18.26
N TRP C 225 40.42 -7.89 -17.89
CA TRP C 225 39.63 -6.90 -18.61
C TRP C 225 40.50 -5.70 -18.97
N PRO C 226 40.21 -5.05 -20.12
CA PRO C 226 40.90 -3.81 -20.44
C PRO C 226 40.37 -2.67 -19.59
N GLY C 227 41.24 -1.70 -19.29
CA GLY C 227 40.85 -0.56 -18.47
C GLY C 227 40.08 -0.97 -17.24
N GLU C 228 38.86 -0.45 -17.10
CA GLU C 228 37.99 -0.84 -15.99
C GLU C 228 36.64 -1.36 -16.52
N GLN C 229 36.71 -2.06 -17.64
CA GLN C 229 35.50 -2.56 -18.33
C GLN C 229 34.68 -3.54 -17.47
N TRP C 230 35.33 -4.22 -16.52
CA TRP C 230 34.63 -5.09 -15.55
C TRP C 230 33.52 -4.39 -14.76
N LYS C 231 33.60 -3.06 -14.65
CA LYS C 231 32.55 -2.28 -13.99
C LYS C 231 31.20 -2.42 -14.68
N LEU C 232 31.22 -2.77 -15.97
CA LEU C 232 30.02 -3.04 -16.75
C LEU C 232 30.04 -4.49 -17.20
N GLY C 233 30.52 -5.38 -16.33
CA GLY C 233 31.00 -6.69 -16.74
C GLY C 233 30.02 -7.85 -16.88
N GLY C 234 28.73 -7.62 -16.65
CA GLY C 234 27.76 -8.70 -16.78
C GLY C 234 28.03 -9.81 -15.77
N GLY C 235 28.14 -11.05 -16.26
CA GLY C 235 28.27 -12.20 -15.36
C GLY C 235 27.08 -12.33 -14.44
N THR C 236 25.89 -12.02 -14.95
CA THR C 236 24.67 -12.10 -14.17
C THR C 236 24.29 -13.56 -13.92
N THR C 237 23.29 -13.78 -13.09
CA THR C 237 23.15 -15.03 -12.35
C THR C 237 21.69 -15.46 -12.29
N TRP C 238 21.09 -15.52 -13.48
CA TRP C 238 19.65 -15.64 -13.64
C TRP C 238 19.18 -17.09 -13.88
N GLY C 239 20.11 -18.04 -13.90
CA GLY C 239 19.79 -19.44 -14.13
C GLY C 239 19.50 -20.21 -12.87
N TRP C 240 19.74 -21.52 -12.92
CA TRP C 240 19.35 -22.45 -11.86
C TRP C 240 20.53 -22.75 -10.95
N TYR C 241 20.29 -22.79 -9.65
CA TYR C 241 21.34 -23.12 -8.68
C TYR C 241 21.19 -24.54 -8.16
N SER C 242 22.32 -25.18 -7.87
CA SER C 242 22.34 -26.53 -7.29
C SER C 242 23.21 -26.54 -6.04
N TYR C 243 23.15 -27.63 -5.28
CA TYR C 243 23.82 -27.70 -3.99
C TYR C 243 24.14 -29.15 -3.65
N ASP C 244 25.36 -29.37 -3.14
CA ASP C 244 25.76 -30.66 -2.58
C ASP C 244 26.03 -30.47 -1.09
N PRO C 245 25.09 -30.90 -0.23
CA PRO C 245 25.30 -30.74 1.22
C PRO C 245 26.52 -31.49 1.77
N ALA C 246 26.88 -32.62 1.15
CA ALA C 246 28.04 -33.39 1.60
C ALA C 246 29.36 -32.66 1.38
N LEU C 247 29.42 -31.82 0.34
CA LEU C 247 30.62 -31.02 0.04
C LEU C 247 30.52 -29.59 0.55
N ASP C 248 29.33 -29.17 0.97
CA ASP C 248 29.09 -27.80 1.42
C ASP C 248 29.42 -26.80 0.30
N LEU C 249 28.91 -27.09 -0.89
CA LEU C 249 29.12 -26.23 -2.05
C LEU C 249 27.81 -26.06 -2.78
N PHE C 250 27.50 -24.83 -3.18
CA PHE C 250 26.42 -24.59 -4.13
C PHE C 250 27.04 -24.11 -5.44
N TYR C 251 26.32 -24.36 -6.55
CA TYR C 251 26.86 -24.16 -7.89
C TYR C 251 25.92 -23.36 -8.75
N TYR C 252 26.48 -22.53 -9.62
CA TYR C 252 25.72 -21.77 -10.59
C TYR C 252 26.64 -21.28 -11.68
N GLY C 253 26.04 -20.77 -12.75
CA GLY C 253 26.78 -20.22 -13.88
C GLY C 253 26.51 -18.74 -14.06
N THR C 254 27.40 -18.07 -14.80
CA THR C 254 27.31 -16.62 -14.97
C THR C 254 27.17 -16.22 -16.43
N SER C 255 26.55 -15.08 -16.65
CA SER C 255 26.20 -14.62 -17.99
C SER C 255 27.38 -14.08 -18.78
N ASN C 256 27.07 -13.68 -20.02
CA ASN C 256 27.99 -12.95 -20.88
C ASN C 256 28.63 -11.74 -20.19
N PRO C 257 29.84 -11.35 -20.64
CA PRO C 257 30.59 -10.25 -20.03
C PRO C 257 30.11 -8.83 -20.35
N GLY C 258 28.79 -8.60 -20.43
CA GLY C 258 28.27 -7.25 -20.65
C GLY C 258 28.07 -6.93 -22.12
N THR C 259 28.79 -5.93 -22.61
CA THR C 259 28.64 -5.53 -24.01
C THR C 259 28.90 -6.72 -24.94
N TRP C 260 28.08 -6.79 -25.99
CA TRP C 260 28.18 -7.82 -27.01
C TRP C 260 29.27 -7.51 -28.04
N ASN C 261 29.85 -6.31 -27.95
CA ASN C 261 30.99 -5.91 -28.78
C ASN C 261 32.29 -6.30 -28.10
N ALA C 262 32.81 -7.48 -28.43
CA ALA C 262 34.01 -8.01 -27.78
C ALA C 262 35.26 -7.16 -27.97
N GLU C 263 35.29 -6.36 -29.05
CA GLU C 263 36.36 -5.38 -29.26
C GLU C 263 36.60 -4.51 -28.03
N GLN C 264 35.52 -4.11 -27.35
CA GLN C 264 35.59 -3.28 -26.14
C GLN C 264 36.01 -4.03 -24.88
N ARG C 265 36.18 -5.35 -24.99
CA ARG C 265 36.63 -6.16 -23.88
C ARG C 265 37.94 -6.87 -24.23
N LYS C 266 38.56 -6.44 -25.31
CA LYS C 266 39.69 -7.15 -25.90
C LYS C 266 40.89 -7.11 -24.96
N GLY C 267 41.68 -8.19 -24.97
CA GLY C 267 42.91 -8.24 -24.21
C GLY C 267 42.95 -9.26 -23.08
N GLY C 268 41.79 -9.84 -22.74
CA GLY C 268 41.75 -10.81 -21.66
C GLY C 268 40.51 -11.69 -21.66
N ASP C 269 40.51 -12.65 -20.74
CA ASP C 269 39.41 -13.63 -20.62
C ASP C 269 38.08 -13.05 -20.14
N ASN C 270 38.09 -11.87 -19.55
CA ASN C 270 36.89 -11.27 -18.96
C ASN C 270 36.28 -12.14 -17.85
N LYS C 271 37.13 -12.67 -16.97
CA LYS C 271 36.65 -13.49 -15.86
C LYS C 271 35.92 -12.61 -14.84
N TRP C 272 34.85 -13.09 -14.19
CA TRP C 272 34.35 -14.47 -14.30
C TRP C 272 32.97 -14.52 -14.98
N SER C 273 32.89 -13.90 -16.16
CA SER C 273 31.76 -14.13 -17.06
C SER C 273 31.82 -15.56 -17.60
N CYS C 274 30.68 -16.08 -18.03
CA CYS C 274 30.60 -17.40 -18.68
C CYS C 274 31.32 -18.47 -17.86
N THR C 275 31.07 -18.47 -16.55
CA THR C 275 31.82 -19.28 -15.61
C THR C 275 30.91 -20.16 -14.76
N ILE C 276 31.38 -21.35 -14.44
CA ILE C 276 30.78 -22.21 -13.42
C ILE C 276 31.45 -21.92 -12.09
N PHE C 277 30.67 -21.49 -11.11
CA PHE C 277 31.15 -21.23 -9.74
C PHE C 277 30.72 -22.33 -8.79
N ALA C 278 31.63 -22.70 -7.89
CA ALA C 278 31.33 -23.50 -6.72
C ALA C 278 31.67 -22.67 -5.49
N ARG C 279 30.67 -22.35 -4.68
CA ARG C 279 30.85 -21.47 -3.51
C ARG C 279 30.33 -22.07 -2.21
N ARG C 280 30.94 -21.66 -1.11
CA ARG C 280 30.49 -22.03 0.24
C ARG C 280 29.24 -21.24 0.58
N PRO C 281 28.13 -21.93 0.92
CA PRO C 281 26.92 -21.17 1.23
C PRO C 281 26.98 -20.29 2.50
N ASP C 282 27.81 -20.67 3.48
CA ASP C 282 27.92 -19.88 4.72
C ASP C 282 28.49 -18.49 4.49
N THR C 283 29.52 -18.41 3.65
CA THR C 283 30.30 -17.19 3.46
C THR C 283 30.23 -16.60 2.05
N GLY C 284 29.76 -17.39 1.10
CA GLY C 284 29.79 -17.00 -0.30
C GLY C 284 31.15 -17.13 -0.98
N LYS C 285 32.16 -17.63 -0.26
CA LYS C 285 33.52 -17.69 -0.82
C LYS C 285 33.64 -18.83 -1.82
N ALA C 286 34.29 -18.53 -2.94
CA ALA C 286 34.46 -19.53 -4.00
C ALA C 286 35.55 -20.54 -3.66
N ARG C 287 35.20 -21.82 -3.85
CA ARG C 287 36.14 -22.93 -3.71
C ARG C 287 36.81 -23.26 -5.04
N TRP C 288 36.04 -23.20 -6.12
CA TRP C 288 36.59 -23.32 -7.46
C TRP C 288 35.72 -22.61 -8.48
N ALA C 289 36.28 -22.37 -9.65
CA ALA C 289 35.55 -21.76 -10.75
C ALA C 289 36.19 -22.17 -12.05
N TYR C 290 35.36 -22.45 -13.06
CA TYR C 290 35.83 -22.81 -14.38
C TYR C 290 35.11 -21.95 -15.42
N GLN C 291 35.87 -21.18 -16.18
CA GLN C 291 35.29 -20.36 -17.25
C GLN C 291 35.19 -21.13 -18.56
N MET C 292 33.96 -21.29 -19.05
CA MET C 292 33.72 -22.09 -20.24
C MET C 292 34.05 -21.34 -21.52
N THR C 293 33.75 -20.04 -21.55
CA THR C 293 33.91 -19.24 -22.77
C THR C 293 34.70 -17.97 -22.45
N PRO C 294 36.03 -18.05 -22.46
CA PRO C 294 36.83 -16.84 -22.27
C PRO C 294 36.63 -15.83 -23.40
N TRP C 295 36.56 -14.55 -23.03
CA TRP C 295 36.39 -13.46 -23.99
C TRP C 295 35.26 -13.75 -24.97
N ASP C 296 34.07 -13.95 -24.42
CA ASP C 296 32.90 -14.27 -25.21
C ASP C 296 32.64 -13.22 -26.28
N SER C 297 32.30 -13.66 -27.48
CA SER C 297 31.87 -12.76 -28.55
C SER C 297 30.55 -13.22 -29.17
N TRP C 298 29.81 -14.08 -28.46
CA TRP C 298 28.59 -14.71 -28.99
C TRP C 298 27.33 -14.58 -28.11
N ASP C 299 27.46 -13.99 -26.92
CA ASP C 299 26.41 -14.01 -25.88
C ASP C 299 26.12 -15.44 -25.42
N TYR C 300 27.16 -16.27 -25.29
CA TYR C 300 26.99 -17.60 -24.71
C TYR C 300 26.96 -17.56 -23.18
N ASP C 301 25.83 -17.12 -22.62
CA ASP C 301 25.68 -17.07 -21.16
C ASP C 301 25.98 -18.44 -20.56
N GLY C 302 26.65 -18.46 -19.42
CA GLY C 302 27.00 -19.70 -18.74
C GLY C 302 25.98 -20.20 -17.72
N VAL C 303 24.80 -19.58 -17.69
CA VAL C 303 23.86 -19.76 -16.56
C VAL C 303 23.05 -21.06 -16.52
N ASN C 304 23.15 -21.90 -17.55
CA ASN C 304 22.35 -23.13 -17.52
C ASN C 304 22.66 -23.98 -16.30
N GLU C 305 21.72 -24.86 -15.98
CA GLU C 305 21.76 -25.62 -14.75
C GLU C 305 23.01 -26.48 -14.58
N MET C 306 23.34 -26.71 -13.31
CA MET C 306 24.48 -27.52 -12.91
C MET C 306 23.96 -28.80 -12.26
N ILE C 307 23.74 -29.82 -13.08
CA ILE C 307 23.18 -31.09 -12.58
C ILE C 307 24.30 -31.83 -11.84
N LEU C 308 23.97 -32.47 -10.72
CA LEU C 308 24.98 -33.09 -9.87
C LEU C 308 24.80 -34.60 -9.73
N PRO C 309 25.03 -35.36 -10.82
CA PRO C 309 24.93 -36.80 -10.76
C PRO C 309 26.24 -37.44 -10.32
N ASP C 310 26.17 -38.70 -9.89
CA ASP C 310 27.34 -39.50 -9.62
C ASP C 310 27.49 -40.49 -10.78
N LEU C 311 28.49 -40.25 -11.62
CA LEU C 311 28.69 -41.04 -12.83
C LEU C 311 29.90 -41.94 -12.70
N THR C 312 29.93 -43.01 -13.49
CA THR C 312 31.08 -43.89 -13.56
C THR C 312 32.05 -43.36 -14.62
N VAL C 313 33.21 -42.90 -14.16
CA VAL C 313 34.24 -42.31 -15.01
C VAL C 313 35.50 -43.17 -14.95
N LYS C 314 35.88 -43.75 -16.10
CA LYS C 314 37.01 -44.67 -16.15
C LYS C 314 36.83 -45.81 -15.14
N GLY C 315 35.60 -46.28 -14.98
CA GLY C 315 35.27 -47.35 -14.04
C GLY C 315 35.15 -46.94 -12.57
N LYS C 316 35.25 -45.64 -12.29
CA LYS C 316 35.17 -45.13 -10.91
C LYS C 316 33.97 -44.21 -10.73
N LYS C 317 33.17 -44.49 -9.70
CA LYS C 317 32.05 -43.62 -9.34
C LYS C 317 32.63 -42.27 -8.91
N THR C 318 32.14 -41.20 -9.52
CA THR C 318 32.71 -39.87 -9.35
C THR C 318 31.60 -38.85 -9.13
N PRO C 319 31.76 -37.96 -8.11
CA PRO C 319 30.79 -36.88 -7.93
C PRO C 319 30.98 -35.82 -9.01
N CYS C 320 30.03 -35.77 -9.94
CA CYS C 320 30.16 -34.93 -11.12
C CYS C 320 29.26 -33.73 -11.09
N LEU C 321 29.58 -32.77 -11.97
CA LEU C 321 28.71 -31.68 -12.30
C LEU C 321 28.58 -31.75 -13.81
N VAL C 322 27.34 -31.76 -14.31
CA VAL C 322 27.06 -31.85 -15.74
C VAL C 322 26.25 -30.62 -16.15
N HIS C 323 26.68 -30.00 -17.25
CA HIS C 323 26.15 -28.70 -17.64
C HIS C 323 26.11 -28.61 -19.16
N PHE C 324 24.93 -28.37 -19.70
CA PHE C 324 24.73 -28.21 -21.14
C PHE C 324 24.73 -26.73 -21.43
N ASP C 325 25.86 -26.23 -21.88
CA ASP C 325 26.04 -24.80 -21.99
C ASP C 325 25.42 -24.21 -23.25
N ARG C 326 25.09 -22.93 -23.18
CA ARG C 326 24.69 -22.16 -24.36
C ARG C 326 25.69 -22.32 -25.49
N ASN C 327 26.97 -22.45 -25.18
CA ASN C 327 27.99 -22.52 -26.23
C ASN C 327 28.00 -23.83 -27.03
N GLY C 328 27.16 -24.78 -26.63
CA GLY C 328 26.94 -25.99 -27.41
C GLY C 328 27.68 -27.21 -26.89
N PHE C 329 28.50 -27.02 -25.86
CA PHE C 329 29.25 -28.12 -25.27
C PHE C 329 28.57 -28.63 -24.00
N GLY C 330 28.55 -29.95 -23.87
CA GLY C 330 28.08 -30.61 -22.66
C GLY C 330 29.27 -30.92 -21.78
N TYR C 331 29.37 -30.20 -20.66
CA TYR C 331 30.52 -30.27 -19.77
C TYR C 331 30.28 -31.27 -18.63
N VAL C 332 31.31 -32.05 -18.33
CA VAL C 332 31.31 -32.90 -17.15
C VAL C 332 32.54 -32.54 -16.33
N LEU C 333 32.32 -32.07 -15.11
CA LEU C 333 33.40 -31.68 -14.20
C LEU C 333 33.32 -32.50 -12.93
N ASP C 334 34.44 -32.65 -12.25
CA ASP C 334 34.46 -33.16 -10.88
C ASP C 334 33.97 -32.01 -10.00
N ARG C 335 32.86 -32.21 -9.29
CA ARG C 335 32.22 -31.10 -8.57
C ARG C 335 32.96 -30.71 -7.27
N ARG C 336 33.97 -31.48 -6.89
CA ARG C 336 34.81 -31.15 -5.74
C ARG C 336 35.87 -30.09 -6.08
N THR C 337 36.40 -30.14 -7.30
CA THR C 337 37.60 -29.38 -7.67
C THR C 337 37.46 -28.52 -8.94
N GLY C 338 36.47 -28.83 -9.76
CA GLY C 338 36.34 -28.19 -11.06
C GLY C 338 37.19 -28.82 -12.14
N GLN C 339 37.75 -30.01 -11.86
CA GLN C 339 38.49 -30.75 -12.88
C GLN C 339 37.58 -31.01 -14.07
N LEU C 340 38.05 -30.71 -15.27
CA LEU C 340 37.29 -30.99 -16.49
C LEU C 340 37.49 -32.44 -16.89
N ILE C 341 36.41 -33.21 -16.85
CA ILE C 341 36.45 -34.64 -17.17
C ILE C 341 36.12 -34.85 -18.64
N GLU C 342 35.10 -34.15 -19.13
CA GLU C 342 34.70 -34.26 -20.53
C GLU C 342 33.99 -33.00 -20.99
N ALA C 343 34.12 -32.70 -22.27
CA ALA C 343 33.36 -31.64 -22.89
C ALA C 343 33.23 -31.94 -24.37
N GLN C 344 32.01 -32.23 -24.81
CA GLN C 344 31.74 -32.57 -26.20
C GLN C 344 30.47 -31.85 -26.65
N PRO C 345 30.35 -31.57 -27.96
CA PRO C 345 29.16 -30.85 -28.43
C PRO C 345 27.88 -31.69 -28.35
N PHE C 346 26.80 -31.09 -27.84
CA PHE C 346 25.49 -31.76 -27.81
C PHE C 346 24.57 -31.23 -28.91
N VAL C 347 25.03 -30.20 -29.63
CA VAL C 347 24.42 -29.71 -30.85
C VAL C 347 25.55 -29.47 -31.85
N TYR C 348 25.19 -29.14 -33.08
CA TYR C 348 26.18 -28.75 -34.08
C TYR C 348 26.88 -27.46 -33.62
N VAL C 349 28.22 -27.51 -33.59
CA VAL C 349 29.04 -26.39 -33.15
C VAL C 349 30.08 -26.08 -34.21
N ASN C 350 30.22 -24.81 -34.58
CA ASN C 350 31.27 -24.41 -35.51
C ASN C 350 32.10 -23.20 -35.09
N TRP C 351 31.88 -22.66 -33.89
CA TRP C 351 32.72 -21.56 -33.38
C TRP C 351 34.03 -22.08 -32.77
N ALA C 352 34.05 -23.35 -32.41
CA ALA C 352 35.22 -23.99 -31.85
C ALA C 352 35.32 -25.41 -32.40
N LYS C 353 36.54 -25.90 -32.58
CA LYS C 353 36.77 -27.27 -33.01
C LYS C 353 36.48 -28.25 -31.88
N GLU C 354 36.86 -27.87 -30.67
CA GLU C 354 36.76 -28.71 -29.48
C GLU C 354 37.13 -27.88 -28.25
N ILE C 355 36.91 -28.45 -27.08
CA ILE C 355 37.51 -27.94 -25.86
C ILE C 355 38.77 -28.77 -25.62
N SER C 356 39.92 -28.11 -25.60
CA SER C 356 41.18 -28.84 -25.48
C SER C 356 41.32 -29.46 -24.11
N LYS C 357 41.69 -30.74 -24.07
CA LYS C 357 41.99 -31.42 -22.80
C LYS C 357 43.40 -31.10 -22.32
N GLU C 358 44.17 -30.41 -23.15
CA GLU C 358 45.53 -29.99 -22.81
C GLU C 358 45.49 -28.79 -21.86
N ASN C 359 44.61 -27.82 -22.15
CA ASN C 359 44.50 -26.60 -21.32
C ASN C 359 43.08 -26.19 -20.91
N ASP C 360 42.10 -27.04 -21.16
CA ASP C 360 40.69 -26.78 -20.82
C ASP C 360 40.10 -25.50 -21.44
N ARG C 361 40.66 -25.08 -22.57
CA ARG C 361 40.16 -23.90 -23.27
C ARG C 361 39.61 -24.29 -24.63
N PRO C 362 38.61 -23.54 -25.12
CA PRO C 362 38.14 -23.79 -26.48
C PRO C 362 39.24 -23.62 -27.51
N VAL C 363 39.28 -24.51 -28.49
CA VAL C 363 40.12 -24.36 -29.67
C VAL C 363 39.25 -23.65 -30.70
N GLU C 364 39.41 -22.33 -30.79
CA GLU C 364 38.50 -21.51 -31.57
C GLU C 364 38.74 -21.64 -33.07
N ILE C 365 37.67 -21.45 -33.83
CA ILE C 365 37.77 -21.29 -35.26
C ILE C 365 37.75 -19.77 -35.48
N PRO C 366 38.90 -19.16 -35.83
CA PRO C 366 38.98 -17.69 -35.86
C PRO C 366 37.92 -16.99 -36.70
N GLU C 367 37.53 -17.60 -37.81
CA GLU C 367 36.56 -16.98 -38.72
C GLU C 367 35.16 -16.87 -38.14
N LYS C 368 34.90 -17.55 -37.02
CA LYS C 368 33.59 -17.47 -36.36
C LYS C 368 33.59 -16.56 -35.13
N ARG C 369 34.74 -16.01 -34.75
CA ARG C 369 34.80 -15.02 -33.68
C ARG C 369 34.33 -13.68 -34.21
N THR C 370 33.46 -13.01 -33.46
CA THR C 370 32.84 -11.78 -33.95
C THR C 370 33.75 -10.57 -33.75
N LYS C 371 33.44 -9.48 -34.44
CA LYS C 371 34.28 -8.29 -34.42
C LYS C 371 33.47 -7.04 -34.71
N GLN C 372 34.09 -5.89 -34.48
CA GLN C 372 33.39 -4.62 -34.60
C GLN C 372 33.32 -4.16 -36.05
N GLY C 373 32.12 -3.85 -36.51
CA GLY C 373 31.95 -3.26 -37.84
C GLY C 373 32.10 -4.22 -39.01
N VAL C 374 32.27 -5.51 -38.74
CA VAL C 374 32.37 -6.53 -39.77
C VAL C 374 31.42 -7.65 -39.36
N ASP C 375 30.50 -8.05 -40.23
CA ASP C 375 29.58 -9.13 -39.89
C ASP C 375 30.34 -10.45 -39.92
N THR C 376 29.99 -11.34 -39.00
CA THR C 376 30.49 -12.71 -39.01
C THR C 376 29.29 -13.59 -39.34
N LYS C 377 29.47 -14.47 -40.32
CA LYS C 377 28.34 -15.20 -40.90
C LYS C 377 28.33 -16.66 -40.50
N GLY C 378 27.14 -17.17 -40.18
CA GLY C 378 26.95 -18.60 -40.04
C GLY C 378 27.58 -19.22 -38.81
N ILE C 379 27.32 -18.62 -37.66
CA ILE C 379 27.82 -19.12 -36.38
C ILE C 379 26.78 -20.03 -35.76
N CYS C 380 27.19 -21.22 -35.36
CA CYS C 380 26.30 -22.19 -34.73
C CYS C 380 26.98 -22.68 -33.45
N PRO C 381 26.26 -22.77 -32.33
CA PRO C 381 24.87 -22.31 -32.20
C PRO C 381 24.77 -20.79 -32.20
N ASN C 382 23.57 -20.25 -32.37
CA ASN C 382 23.40 -18.81 -32.24
C ASN C 382 23.39 -18.42 -30.76
N SER C 383 23.15 -17.15 -30.49
CA SER C 383 23.19 -16.64 -29.12
C SER C 383 22.21 -17.31 -28.15
N MET C 384 21.11 -17.84 -28.67
CA MET C 384 20.14 -18.56 -27.85
C MET C 384 20.70 -19.91 -27.39
N GLY C 385 21.80 -20.32 -28.02
CA GLY C 385 22.64 -21.40 -27.55
C GLY C 385 22.21 -22.77 -27.99
N GLY C 386 23.03 -23.77 -27.67
CA GLY C 386 22.65 -25.16 -27.91
C GLY C 386 21.39 -25.47 -27.13
N LYS C 387 21.31 -24.89 -25.94
CA LYS C 387 20.03 -24.75 -25.26
C LYS C 387 20.12 -23.50 -24.40
N ASP C 388 18.95 -22.93 -24.13
CA ASP C 388 18.85 -21.77 -23.26
C ASP C 388 18.47 -22.29 -21.86
N GLN C 389 17.80 -21.46 -21.07
CA GLN C 389 17.58 -21.76 -19.66
C GLN C 389 16.81 -23.05 -19.37
N GLN C 390 15.93 -23.45 -20.29
CA GLN C 390 15.11 -24.65 -20.15
C GLN C 390 15.96 -25.84 -19.66
N PRO C 391 15.69 -26.34 -18.44
CA PRO C 391 16.62 -27.29 -17.84
C PRO C 391 16.49 -28.75 -18.31
N ALA C 392 17.63 -29.42 -18.49
CA ALA C 392 17.66 -30.85 -18.80
C ALA C 392 17.31 -31.71 -17.60
N ALA C 393 17.01 -32.98 -17.88
CA ALA C 393 16.77 -33.96 -16.83
C ALA C 393 17.79 -35.10 -16.92
N PHE C 394 17.98 -35.78 -15.79
CA PHE C 394 18.89 -36.91 -15.68
C PHE C 394 18.15 -38.10 -15.06
N SER C 395 18.23 -39.27 -15.69
CA SER C 395 17.70 -40.49 -15.08
C SER C 395 18.81 -41.33 -14.46
N PRO C 396 18.78 -41.52 -13.13
CA PRO C 396 19.75 -42.43 -12.52
C PRO C 396 19.56 -43.90 -12.93
N GLN C 397 18.37 -44.24 -13.46
CA GLN C 397 18.13 -45.59 -13.98
C GLN C 397 18.92 -45.86 -15.26
N THR C 398 18.89 -44.92 -16.20
CA THR C 398 19.56 -45.09 -17.50
C THR C 398 20.96 -44.51 -17.51
N GLY C 399 21.23 -43.58 -16.59
CA GLY C 399 22.49 -42.85 -16.57
C GLY C 399 22.64 -41.85 -17.71
N LEU C 400 21.52 -41.51 -18.36
CA LEU C 400 21.53 -40.63 -19.52
C LEU C 400 20.79 -39.35 -19.22
N PHE C 401 20.99 -38.36 -20.09
CA PHE C 401 20.36 -37.05 -19.95
C PHE C 401 19.33 -36.83 -21.05
N TYR C 402 18.31 -36.05 -20.72
CA TYR C 402 17.21 -35.77 -21.62
C TYR C 402 17.14 -34.26 -21.73
N VAL C 403 17.45 -33.77 -22.93
CA VAL C 403 17.89 -32.38 -23.11
C VAL C 403 17.02 -31.69 -24.17
N PRO C 404 16.36 -30.60 -23.78
CA PRO C 404 15.68 -29.76 -24.75
C PRO C 404 16.74 -28.92 -25.47
N THR C 405 16.67 -28.85 -26.79
CA THR C 405 17.70 -28.11 -27.54
C THR C 405 17.16 -27.20 -28.62
N ASN C 406 18.04 -26.29 -29.03
CA ASN C 406 17.83 -25.38 -30.14
C ASN C 406 18.65 -25.86 -31.33
N ASN C 407 18.12 -25.63 -32.52
CA ASN C 407 18.85 -25.88 -33.75
C ASN C 407 18.84 -24.62 -34.61
N MET C 408 19.73 -23.69 -34.28
CA MET C 408 19.75 -22.39 -34.93
C MET C 408 21.17 -21.88 -35.08
N CYS C 409 21.32 -20.94 -36.01
CA CYS C 409 22.61 -20.28 -36.27
C CYS C 409 22.35 -18.79 -36.45
N MET C 410 23.41 -18.01 -36.68
CA MET C 410 23.27 -16.57 -36.81
C MET C 410 24.37 -15.89 -37.59
N ASN C 411 24.07 -14.68 -38.04
CA ASN C 411 25.06 -13.66 -38.36
C ASN C 411 25.10 -12.67 -37.19
N TYR C 412 26.30 -12.20 -36.86
CA TYR C 412 26.51 -11.36 -35.67
C TYR C 412 27.58 -10.34 -35.99
N GLU C 413 27.22 -9.06 -35.88
CA GLU C 413 28.16 -7.97 -36.13
C GLU C 413 28.26 -7.12 -34.88
N GLY C 414 29.47 -6.98 -34.36
CA GLY C 414 29.72 -6.07 -33.25
C GLY C 414 29.63 -4.62 -33.68
N VAL C 415 29.10 -3.78 -32.79
CA VAL C 415 29.13 -2.33 -32.99
C VAL C 415 29.42 -1.68 -31.65
N GLU C 416 30.02 -0.49 -31.69
CA GLU C 416 30.44 0.17 -30.45
C GLU C 416 29.22 0.50 -29.60
N ALA C 417 29.30 0.13 -28.32
CA ALA C 417 28.24 0.37 -27.34
C ALA C 417 28.65 1.48 -26.37
N THR C 418 27.71 2.38 -26.10
CA THR C 418 27.90 3.44 -25.12
C THR C 418 27.02 3.17 -23.92
N TYR C 419 27.55 3.35 -22.72
CA TYR C 419 26.80 3.05 -21.51
C TYR C 419 26.01 4.24 -20.99
N THR C 420 24.71 4.03 -20.82
CA THR C 420 23.84 4.93 -20.07
C THR C 420 23.05 4.08 -19.09
N ALA C 421 23.19 4.39 -17.80
CA ALA C 421 22.56 3.57 -16.75
C ALA C 421 21.06 3.49 -16.95
N GLY C 422 20.52 2.28 -16.98
CA GLY C 422 19.10 2.06 -17.19
C GLY C 422 18.72 1.81 -18.65
N ALA C 423 19.67 1.99 -19.57
CA ALA C 423 19.44 1.74 -20.99
C ALA C 423 20.27 0.54 -21.44
N PRO C 424 19.87 -0.11 -22.55
CA PRO C 424 20.63 -1.24 -23.05
C PRO C 424 22.10 -0.93 -23.33
N TYR C 425 22.95 -1.90 -23.07
CA TYR C 425 24.38 -1.83 -23.33
C TYR C 425 24.76 -3.09 -24.09
N VAL C 426 24.39 -3.13 -25.37
CA VAL C 426 24.53 -4.34 -26.16
C VAL C 426 25.71 -4.16 -27.11
N GLY C 427 25.48 -3.53 -28.27
CA GLY C 427 26.53 -3.34 -29.26
C GLY C 427 26.66 -4.51 -30.22
N ALA C 428 25.55 -4.93 -30.80
CA ALA C 428 25.57 -5.95 -31.84
C ALA C 428 24.31 -5.91 -32.69
N ASN C 429 24.48 -6.21 -33.97
CA ASN C 429 23.36 -6.50 -34.87
C ASN C 429 23.40 -7.98 -35.16
N VAL C 430 22.31 -8.67 -34.83
CA VAL C 430 22.26 -10.13 -34.90
C VAL C 430 21.06 -10.58 -35.72
N LEU C 431 21.33 -11.46 -36.68
CA LEU C 431 20.31 -12.04 -37.56
C LEU C 431 20.33 -13.55 -37.32
N MET C 432 19.19 -14.12 -36.95
CA MET C 432 19.11 -15.52 -36.57
C MET C 432 18.30 -16.33 -37.57
N TYR C 433 18.68 -17.61 -37.71
CA TYR C 433 18.00 -18.50 -38.62
C TYR C 433 18.20 -19.98 -38.24
N SER C 434 17.71 -20.88 -39.08
CA SER C 434 17.73 -22.31 -38.74
C SER C 434 19.13 -22.91 -38.74
N GLY C 435 19.22 -24.13 -38.21
CA GLY C 435 20.50 -24.78 -37.98
C GLY C 435 21.29 -25.14 -39.23
N HIS C 436 22.54 -25.54 -38.99
CA HIS C 436 23.49 -25.83 -40.06
C HIS C 436 23.53 -24.73 -41.11
N GLU C 437 23.72 -23.50 -40.61
CA GLU C 437 23.88 -22.31 -41.46
C GLU C 437 22.70 -22.08 -42.42
N GLY C 438 21.50 -22.20 -41.88
CA GLY C 438 20.26 -21.96 -42.63
C GLY C 438 19.90 -23.06 -43.62
N LYS C 439 20.43 -24.27 -43.40
CA LYS C 439 20.11 -25.41 -44.27
C LYS C 439 18.93 -26.24 -43.75
N ASP C 440 18.70 -26.21 -42.44
CA ASP C 440 17.65 -27.04 -41.82
C ASP C 440 16.28 -26.39 -41.87
N ASP C 441 15.22 -27.21 -41.84
CA ASP C 441 13.85 -26.70 -41.84
C ASP C 441 13.19 -26.82 -40.46
N TYR C 442 13.98 -27.10 -39.44
CA TYR C 442 13.49 -27.24 -38.08
C TYR C 442 14.44 -26.49 -37.16
N TYR C 443 13.89 -26.04 -36.03
CA TYR C 443 14.59 -25.10 -35.15
C TYR C 443 14.84 -25.65 -33.74
N GLY C 444 14.45 -26.89 -33.47
CA GLY C 444 14.67 -27.48 -32.16
C GLY C 444 14.82 -28.98 -32.21
N ALA C 445 15.22 -29.56 -31.09
CA ALA C 445 15.23 -31.02 -30.94
C ALA C 445 15.19 -31.39 -29.47
N PHE C 446 14.51 -32.48 -29.17
CA PHE C 446 14.57 -33.07 -27.84
C PHE C 446 15.43 -34.31 -27.97
N ILE C 447 16.49 -34.40 -27.15
CA ILE C 447 17.47 -35.47 -27.31
C ILE C 447 17.71 -36.29 -26.05
N CYS C 448 18.21 -37.50 -26.26
CA CYS C 448 18.78 -38.31 -25.21
C CYS C 448 20.28 -38.33 -25.44
N TYR C 449 21.05 -38.00 -24.40
CA TYR C 449 22.47 -37.72 -24.55
C TYR C 449 23.29 -38.44 -23.50
N ASP C 450 24.36 -39.09 -23.96
CA ASP C 450 25.33 -39.73 -23.08
C ASP C 450 26.46 -38.73 -22.88
N ALA C 451 26.57 -38.17 -21.68
CA ALA C 451 27.48 -37.07 -21.40
C ALA C 451 28.97 -37.44 -21.50
N LEU C 452 29.33 -38.64 -21.05
CA LEU C 452 30.73 -39.06 -21.08
C LEU C 452 31.20 -39.51 -22.46
N LYS C 453 30.28 -40.00 -23.28
CA LYS C 453 30.59 -40.41 -24.66
C LYS C 453 30.40 -39.27 -25.66
N GLY C 454 29.67 -38.23 -25.27
CA GLY C 454 29.29 -37.16 -26.19
C GLY C 454 28.39 -37.65 -27.32
N LYS C 455 27.52 -38.60 -27.02
CA LYS C 455 26.70 -39.25 -28.03
C LYS C 455 25.23 -38.91 -27.86
N ARG C 456 24.62 -38.41 -28.93
CA ARG C 456 23.17 -38.37 -29.04
C ARG C 456 22.63 -39.78 -29.28
N VAL C 457 22.03 -40.35 -28.25
CA VAL C 457 21.50 -41.71 -28.31
C VAL C 457 20.26 -41.74 -29.21
N TRP C 458 19.38 -40.75 -29.04
CA TRP C 458 18.30 -40.50 -30.01
C TRP C 458 17.91 -39.03 -30.03
N GLU C 459 17.15 -38.65 -31.04
CA GLU C 459 16.73 -37.27 -31.22
C GLU C 459 15.33 -37.21 -31.82
N ILE C 460 14.52 -36.29 -31.30
CA ILE C 460 13.23 -35.94 -31.88
C ILE C 460 13.38 -34.53 -32.43
N HIS C 461 13.37 -34.39 -33.75
CA HIS C 461 13.40 -33.07 -34.36
C HIS C 461 12.08 -32.36 -34.07
N GLU C 462 12.16 -31.09 -33.72
CA GLU C 462 11.00 -30.28 -33.38
C GLU C 462 11.01 -29.05 -34.26
N HIS C 463 9.85 -28.65 -34.76
CA HIS C 463 9.82 -27.51 -35.64
C HIS C 463 10.31 -26.25 -34.93
N PHE C 464 9.86 -26.04 -33.70
CA PHE C 464 10.29 -24.90 -32.91
C PHE C 464 11.36 -25.31 -31.89
N PRO C 465 12.15 -24.33 -31.41
CA PRO C 465 13.09 -24.59 -30.33
C PRO C 465 12.33 -25.24 -29.18
N VAL C 466 12.94 -26.18 -28.47
CA VAL C 466 12.29 -26.79 -27.31
C VAL C 466 12.67 -25.96 -26.10
N TRP C 467 11.70 -25.20 -25.60
CA TRP C 467 11.93 -24.21 -24.54
C TRP C 467 11.24 -24.65 -23.25
N SER C 468 11.27 -25.95 -23.00
CA SER C 468 10.57 -26.56 -21.87
C SER C 468 11.47 -27.63 -21.31
N GLY C 469 11.71 -27.59 -20.01
CA GLY C 469 12.63 -28.52 -19.36
C GLY C 469 11.91 -29.77 -18.91
N PRO C 470 12.34 -30.95 -19.40
CA PRO C 470 11.55 -32.16 -19.13
C PRO C 470 11.55 -32.63 -17.68
N VAL C 471 10.51 -33.36 -17.32
CA VAL C 471 10.54 -34.23 -16.15
C VAL C 471 10.65 -35.65 -16.68
N VAL C 472 11.53 -36.43 -16.06
CA VAL C 472 11.73 -37.83 -16.45
C VAL C 472 11.37 -38.68 -15.25
N THR C 473 10.79 -39.86 -15.50
CA THR C 473 10.27 -40.68 -14.42
C THR C 473 10.68 -42.14 -14.50
N ALA C 474 10.51 -42.84 -13.38
CA ALA C 474 10.74 -44.28 -13.28
C ALA C 474 9.69 -45.08 -14.08
N GLY C 475 8.66 -44.40 -14.57
CA GLY C 475 7.72 -45.01 -15.51
C GLY C 475 8.26 -45.12 -16.92
N GLY C 476 9.51 -44.67 -17.13
CA GLY C 476 10.17 -44.76 -18.43
C GLY C 476 9.74 -43.66 -19.38
N LEU C 477 9.30 -42.53 -18.82
CA LEU C 477 8.74 -41.42 -19.59
C LEU C 477 9.49 -40.13 -19.39
N ALA C 478 9.53 -39.30 -20.44
CA ALA C 478 9.91 -37.90 -20.32
C ALA C 478 8.75 -37.07 -20.82
N PHE C 479 8.37 -36.04 -20.05
CA PHE C 479 7.35 -35.09 -20.47
C PHE C 479 7.99 -33.76 -20.80
N TYR C 480 7.57 -33.15 -21.90
CA TYR C 480 7.98 -31.79 -22.25
C TYR C 480 6.95 -31.13 -23.16
N GLY C 481 7.01 -29.80 -23.22
CA GLY C 481 6.12 -29.03 -24.10
C GLY C 481 6.83 -28.39 -25.27
N THR C 482 6.06 -28.08 -26.31
CA THR C 482 6.56 -27.38 -27.47
C THR C 482 6.00 -25.97 -27.54
N MET C 483 6.66 -25.12 -28.32
CA MET C 483 6.29 -23.72 -28.40
C MET C 483 5.02 -23.45 -29.23
N ASP C 484 4.50 -24.46 -29.92
CA ASP C 484 3.18 -24.33 -30.52
C ASP C 484 2.10 -25.06 -29.71
N GLY C 485 2.42 -25.40 -28.45
CA GLY C 485 1.41 -25.80 -27.49
C GLY C 485 1.20 -27.28 -27.25
N TRP C 486 2.00 -28.12 -27.89
CA TRP C 486 1.88 -29.56 -27.69
C TRP C 486 2.60 -30.01 -26.43
N PHE C 487 1.88 -30.69 -25.56
CA PHE C 487 2.47 -31.32 -24.38
C PHE C 487 2.60 -32.81 -24.71
N LYS C 488 3.81 -33.34 -24.54
CA LYS C 488 4.17 -34.67 -25.04
C LYS C 488 4.77 -35.57 -23.97
N ALA C 489 4.45 -36.86 -24.05
CA ALA C 489 5.11 -37.89 -23.24
C ALA C 489 5.88 -38.78 -24.20
N VAL C 490 7.18 -38.96 -23.95
CA VAL C 490 8.04 -39.79 -24.80
C VAL C 490 8.58 -40.99 -24.04
N ASP C 491 8.67 -42.11 -24.73
CA ASP C 491 9.33 -43.31 -24.23
C ASP C 491 10.84 -43.03 -24.22
N ILE C 492 11.46 -43.03 -23.04
CA ILE C 492 12.87 -42.64 -22.96
C ILE C 492 13.82 -43.65 -23.58
N LYS C 493 13.40 -44.91 -23.67
CA LYS C 493 14.22 -45.95 -24.31
C LYS C 493 14.22 -45.82 -25.83
N THR C 494 13.05 -45.56 -26.41
CA THR C 494 12.87 -45.61 -27.86
C THR C 494 12.88 -44.24 -28.55
N GLY C 495 12.60 -43.18 -27.79
CA GLY C 495 12.44 -41.84 -28.35
C GLY C 495 11.11 -41.62 -29.06
N LYS C 496 10.17 -42.53 -28.84
CA LYS C 496 8.85 -42.48 -29.48
C LYS C 496 7.88 -41.68 -28.64
N VAL C 497 7.08 -40.82 -29.28
CA VAL C 497 6.03 -40.09 -28.59
C VAL C 497 4.84 -41.04 -28.37
N LEU C 498 4.45 -41.22 -27.11
CA LEU C 498 3.38 -42.14 -26.73
C LEU C 498 2.05 -41.44 -26.46
N TRP C 499 2.10 -40.15 -26.17
CA TRP C 499 0.91 -39.38 -25.84
C TRP C 499 1.21 -37.92 -26.08
N GLN C 500 0.22 -37.18 -26.57
CA GLN C 500 0.35 -35.73 -26.73
C GLN C 500 -1.01 -35.05 -26.81
N GLN C 501 -1.05 -33.79 -26.38
CA GLN C 501 -2.26 -33.00 -26.43
C GLN C 501 -1.90 -31.56 -26.73
N LYS C 502 -2.71 -30.90 -27.54
CA LYS C 502 -2.47 -29.51 -27.90
C LYS C 502 -3.16 -28.60 -26.89
N LEU C 503 -2.36 -27.80 -26.20
CA LEU C 503 -2.85 -26.87 -25.19
C LEU C 503 -2.99 -25.47 -25.81
N GLY C 504 -3.43 -24.52 -25.00
CA GLY C 504 -3.90 -23.24 -25.53
C GLY C 504 -2.85 -22.24 -25.96
N SER C 505 -1.61 -22.41 -25.50
CA SER C 505 -0.52 -21.49 -25.83
C SER C 505 0.77 -22.28 -25.79
N GLY C 506 1.78 -21.79 -26.50
CA GLY C 506 3.12 -22.38 -26.45
C GLY C 506 3.57 -22.63 -25.02
N ILE C 507 4.25 -23.74 -24.81
CA ILE C 507 4.68 -24.14 -23.48
C ILE C 507 6.15 -23.82 -23.29
N ILE C 508 6.44 -22.92 -22.35
CA ILE C 508 7.82 -22.67 -21.94
C ILE C 508 8.00 -22.98 -20.45
N GLY C 509 7.02 -23.65 -19.87
CA GLY C 509 7.13 -24.13 -18.49
C GLY C 509 7.86 -25.45 -18.44
N ASN C 510 8.33 -25.80 -17.25
CA ASN C 510 8.97 -27.08 -17.00
C ASN C 510 7.98 -27.94 -16.24
N PRO C 511 7.51 -29.05 -16.83
CA PRO C 511 6.51 -29.87 -16.13
C PRO C 511 7.03 -30.52 -14.84
N ILE C 512 6.10 -30.82 -13.94
CA ILE C 512 6.41 -31.58 -12.74
C ILE C 512 5.50 -32.77 -12.67
N THR C 513 5.82 -33.68 -11.75
CA THR C 513 4.90 -34.75 -11.41
C THR C 513 4.94 -34.93 -9.90
N PHE C 514 3.79 -35.29 -9.34
CA PHE C 514 3.61 -35.33 -7.91
C PHE C 514 2.47 -36.27 -7.57
N LEU C 515 2.32 -36.57 -6.29
CA LEU C 515 1.17 -37.29 -5.78
C LEU C 515 0.25 -36.31 -5.09
N GLY C 516 -1.04 -36.37 -5.41
CA GLY C 516 -2.03 -35.59 -4.68
C GLY C 516 -2.33 -36.23 -3.34
N PRO C 517 -3.12 -35.54 -2.49
CA PRO C 517 -3.52 -36.16 -1.21
C PRO C 517 -4.31 -37.46 -1.41
N ASP C 518 -4.90 -37.61 -2.59
CA ASP C 518 -5.59 -38.86 -2.98
C ASP C 518 -4.63 -40.00 -3.35
N LYS C 519 -3.32 -39.76 -3.26
CA LYS C 519 -2.27 -40.75 -3.60
C LYS C 519 -2.19 -41.06 -5.10
N LYS C 520 -2.84 -40.23 -5.92
CA LYS C 520 -2.84 -40.40 -7.37
C LYS C 520 -1.73 -39.56 -7.97
N GLN C 521 -1.07 -40.08 -9.01
CA GLN C 521 -0.03 -39.32 -9.70
C GLN C 521 -0.61 -38.33 -10.70
N TYR C 522 -0.13 -37.09 -10.63
CA TYR C 522 -0.50 -36.04 -11.56
C TYR C 522 0.73 -35.52 -12.27
N VAL C 523 0.54 -34.98 -13.48
CA VAL C 523 1.58 -34.27 -14.21
C VAL C 523 1.04 -32.87 -14.48
N ALA C 524 1.83 -31.85 -14.16
CA ALA C 524 1.38 -30.45 -14.27
C ALA C 524 2.37 -29.62 -15.05
N VAL C 525 1.87 -28.68 -15.83
CA VAL C 525 2.74 -27.82 -16.64
C VAL C 525 2.06 -26.48 -16.92
N TYR C 526 2.88 -25.43 -16.99
CA TYR C 526 2.40 -24.12 -17.40
C TYR C 526 2.32 -24.03 -18.93
N SER C 527 1.29 -23.35 -19.40
CA SER C 527 1.18 -22.93 -20.79
C SER C 527 1.14 -21.41 -20.80
N GLY C 528 1.77 -20.81 -21.81
CA GLY C 528 1.88 -19.36 -21.92
C GLY C 528 3.19 -19.02 -22.57
N VAL C 529 3.14 -18.75 -23.87
CA VAL C 529 4.35 -18.60 -24.65
C VAL C 529 5.03 -17.27 -24.36
N GLY C 530 6.34 -17.23 -24.55
CA GLY C 530 7.13 -16.05 -24.30
C GLY C 530 8.58 -16.44 -24.22
N GLY C 531 9.32 -15.78 -23.33
CA GLY C 531 10.76 -15.95 -23.29
C GLY C 531 11.39 -15.31 -24.51
N TRP C 532 12.67 -15.55 -24.73
CA TRP C 532 13.40 -14.82 -25.76
C TRP C 532 12.91 -15.20 -27.15
N PHE C 533 12.86 -16.48 -27.47
CA PHE C 533 12.41 -16.89 -28.81
C PHE C 533 10.95 -16.48 -29.07
N GLY C 534 10.14 -16.46 -28.01
CA GLY C 534 8.74 -16.06 -28.12
C GLY C 534 8.44 -14.58 -27.99
N ILE C 535 9.48 -13.75 -27.96
CA ILE C 535 9.29 -12.32 -27.67
C ILE C 535 8.42 -11.61 -28.72
N ALA C 536 8.55 -12.01 -29.99
CA ALA C 536 7.71 -11.42 -31.05
C ALA C 536 6.22 -11.60 -30.75
N VAL C 537 5.87 -12.72 -30.14
CA VAL C 537 4.47 -12.99 -29.77
C VAL C 537 4.14 -12.32 -28.44
N ALA C 538 4.97 -12.52 -27.42
CA ALA C 538 4.69 -11.96 -26.10
C ALA C 538 4.62 -10.43 -26.11
N GLN C 539 5.45 -9.79 -26.93
CA GLN C 539 5.52 -8.33 -26.99
C GLN C 539 4.82 -7.76 -28.24
N ASN C 540 4.17 -8.63 -29.02
CA ASN C 540 3.42 -8.22 -30.22
C ASN C 540 4.28 -7.36 -31.15
N LEU C 541 5.43 -7.90 -31.55
CA LEU C 541 6.37 -7.18 -32.41
C LEU C 541 6.14 -7.55 -33.87
N PRO C 542 6.25 -6.56 -34.76
CA PRO C 542 6.05 -6.80 -36.19
C PRO C 542 7.25 -7.46 -36.83
N PRO C 543 7.07 -8.02 -38.04
CA PRO C 543 8.17 -8.67 -38.78
C PRO C 543 9.10 -7.70 -39.52
N ASP C 544 8.74 -6.42 -39.58
CA ASP C 544 9.41 -5.45 -40.45
C ASP C 544 10.93 -5.39 -40.27
N ASP C 545 11.40 -5.47 -39.02
CA ASP C 545 12.83 -5.47 -38.72
C ASP C 545 13.26 -6.81 -38.12
N PRO C 546 13.91 -7.67 -38.93
CA PRO C 546 14.30 -9.01 -38.43
C PRO C 546 15.40 -8.98 -37.37
N TYR C 547 16.13 -7.87 -37.27
CA TYR C 547 17.16 -7.69 -36.24
C TYR C 547 16.59 -7.39 -34.85
N ALA C 548 15.31 -7.03 -34.76
CA ALA C 548 14.69 -6.68 -33.48
C ALA C 548 14.68 -7.87 -32.52
N GLY C 549 14.57 -7.58 -31.22
CA GLY C 549 14.67 -8.62 -30.19
C GLY C 549 16.03 -9.30 -30.22
N LEU C 550 17.06 -8.54 -30.60
CA LEU C 550 18.42 -9.03 -30.85
C LEU C 550 18.47 -10.32 -31.66
N GLY C 551 17.72 -10.32 -32.75
CA GLY C 551 17.69 -11.45 -33.67
C GLY C 551 16.47 -12.34 -33.51
N ALA C 552 15.82 -12.29 -32.35
CA ALA C 552 14.68 -13.17 -32.07
C ALA C 552 13.46 -12.91 -32.96
N VAL C 553 13.23 -11.66 -33.37
CA VAL C 553 12.05 -11.36 -34.17
C VAL C 553 12.11 -12.05 -35.54
N GLY C 554 13.20 -11.83 -36.26
CA GLY C 554 13.39 -12.43 -37.58
C GLY C 554 13.22 -13.94 -37.59
N VAL C 555 13.90 -14.62 -36.67
CA VAL C 555 13.88 -16.09 -36.65
C VAL C 555 12.52 -16.65 -36.25
N ALA C 556 11.83 -16.00 -35.30
CA ALA C 556 10.50 -16.43 -34.89
C ALA C 556 9.51 -16.36 -36.05
N TYR C 557 9.55 -15.28 -36.83
CA TYR C 557 8.70 -15.15 -38.02
C TYR C 557 9.07 -16.17 -39.10
N GLN C 558 10.37 -16.39 -39.33
CA GLN C 558 10.81 -17.41 -40.28
C GLN C 558 10.31 -18.80 -39.90
N ALA C 559 10.35 -19.11 -38.60
CA ALA C 559 9.88 -20.38 -38.07
C ALA C 559 8.34 -20.47 -38.06
N GLY C 560 7.66 -19.34 -38.13
CA GLY C 560 6.20 -19.29 -38.16
C GLY C 560 5.56 -19.27 -36.78
N LEU C 561 6.29 -18.83 -35.77
CA LEU C 561 5.76 -18.85 -34.39
C LEU C 561 4.52 -17.96 -34.25
N PRO C 562 4.56 -16.72 -34.79
CA PRO C 562 3.36 -15.87 -34.67
C PRO C 562 2.09 -16.45 -35.30
N LYS C 563 2.24 -17.32 -36.29
CA LYS C 563 1.09 -18.03 -36.87
C LYS C 563 0.71 -19.28 -36.09
N ALA C 564 1.55 -19.69 -35.14
CA ALA C 564 1.38 -20.97 -34.44
C ALA C 564 0.81 -20.86 -33.03
N THR C 565 0.89 -19.68 -32.42
CA THR C 565 0.50 -19.56 -31.03
C THR C 565 0.08 -18.15 -30.64
N THR C 566 -0.80 -18.08 -29.64
CA THR C 566 -1.21 -16.85 -28.99
C THR C 566 -0.61 -16.83 -27.59
N VAL C 567 -0.68 -15.67 -26.93
CA VAL C 567 -0.29 -15.57 -25.53
C VAL C 567 -1.35 -16.14 -24.60
N GLY C 568 -0.92 -16.55 -23.42
CA GLY C 568 -1.80 -17.14 -22.42
C GLY C 568 -1.10 -17.24 -21.08
N GLY C 569 -1.71 -17.96 -20.15
CA GLY C 569 -1.12 -18.17 -18.83
C GLY C 569 -2.02 -19.13 -18.07
N GLU C 570 -1.72 -20.42 -18.20
CA GLU C 570 -2.61 -21.45 -17.68
C GLU C 570 -1.79 -22.61 -17.14
N LEU C 571 -2.19 -23.12 -15.98
CA LEU C 571 -1.64 -24.34 -15.41
C LEU C 571 -2.56 -25.50 -15.78
N TYR C 572 -2.02 -26.53 -16.42
CA TYR C 572 -2.76 -27.73 -16.80
C TYR C 572 -2.26 -28.91 -15.97
N VAL C 573 -3.19 -29.67 -15.40
CA VAL C 573 -2.84 -30.83 -14.57
C VAL C 573 -3.52 -32.07 -15.12
N PHE C 574 -2.71 -33.08 -15.44
CA PHE C 574 -3.14 -34.32 -16.09
C PHE C 574 -3.04 -35.52 -15.16
N ALA C 575 -3.89 -36.51 -15.39
CA ALA C 575 -3.83 -37.77 -14.66
C ALA C 575 -4.46 -38.87 -15.52
N LEU C 576 -4.24 -40.11 -15.14
CA LEU C 576 -4.82 -41.24 -15.87
C LEU C 576 -6.33 -41.30 -15.65
N ASN D 1 32.04 39.31 24.58
CA ASN D 1 30.95 40.20 25.09
C ASN D 1 31.09 40.34 26.59
N ASP D 2 31.30 41.58 27.05
CA ASP D 2 31.61 41.85 28.45
C ASP D 2 30.54 41.30 29.40
N GLU D 3 29.27 41.47 29.02
CA GLU D 3 28.15 40.95 29.80
C GLU D 3 28.23 39.42 29.91
N LEU D 4 28.42 38.75 28.77
CA LEU D 4 28.45 37.29 28.72
C LEU D 4 29.64 36.67 29.45
N ILE D 5 30.78 37.37 29.46
CA ILE D 5 31.97 36.89 30.17
C ILE D 5 31.67 36.72 31.68
N LYS D 6 30.85 37.62 32.23
CA LYS D 6 30.46 37.53 33.63
C LYS D 6 29.29 36.57 33.84
N LEU D 7 28.29 36.64 32.97
CA LEU D 7 27.11 35.76 33.06
C LEU D 7 27.45 34.28 32.94
N GLU D 8 28.42 33.94 32.10
CA GLU D 8 28.80 32.54 31.87
C GLU D 8 29.41 31.84 33.09
N LYS D 9 29.89 32.64 34.05
CA LYS D 9 30.50 32.11 35.28
C LYS D 9 29.51 31.91 36.43
N GLU D 10 28.23 32.23 36.22
CA GLU D 10 27.19 32.03 37.24
C GLU D 10 26.71 30.57 37.25
N PRO D 11 26.92 29.84 38.36
CA PRO D 11 26.55 28.43 38.41
C PRO D 11 25.08 28.10 38.10
N GLY D 12 24.18 29.03 38.39
CA GLY D 12 22.75 28.82 38.16
C GLY D 12 22.25 29.10 36.75
N GLN D 13 23.10 29.67 35.90
CA GLN D 13 22.70 30.09 34.57
C GLN D 13 23.20 29.13 33.48
N TRP D 14 22.63 29.28 32.29
CA TRP D 14 23.12 28.59 31.08
C TRP D 14 22.87 29.50 29.89
N VAL D 15 23.79 30.44 29.67
CA VAL D 15 23.53 31.59 28.80
C VAL D 15 23.97 31.42 27.34
N MET D 16 24.66 30.34 27.03
CA MET D 16 24.98 29.98 25.65
C MET D 16 24.99 28.46 25.49
N GLN D 17 24.91 28.00 24.25
CA GLN D 17 24.60 26.59 23.96
C GLN D 17 25.49 25.59 24.71
N ASN D 18 26.80 25.83 24.70
CA ASN D 18 27.73 24.97 25.41
C ASN D 18 28.27 25.63 26.69
N LYS D 19 27.37 26.27 27.43
CA LYS D 19 27.64 26.84 28.77
C LYS D 19 28.45 28.14 28.79
N ASN D 20 29.61 28.11 28.14
CA ASN D 20 30.51 29.25 28.16
C ASN D 20 31.23 29.40 26.83
N TYR D 21 32.01 30.48 26.68
CA TYR D 21 32.76 30.72 25.45
C TYR D 21 33.76 29.59 25.14
N ALA D 22 34.25 28.92 26.19
CA ALA D 22 35.17 27.80 26.05
C ALA D 22 34.49 26.48 25.65
N ASN D 23 33.16 26.47 25.56
CA ASN D 23 32.39 25.29 25.15
C ASN D 23 32.61 24.07 26.05
N THR D 24 32.83 24.29 27.34
CA THR D 24 33.15 23.19 28.25
C THR D 24 31.94 22.37 28.68
N ARG D 25 30.74 22.95 28.58
CA ARG D 25 29.51 22.26 28.98
C ARG D 25 29.57 21.72 30.43
N TYR D 26 30.25 22.47 31.31
CA TYR D 26 30.44 22.07 32.70
C TYR D 26 29.69 22.98 33.66
N SER D 27 29.12 22.40 34.71
CA SER D 27 28.43 23.18 35.76
C SER D 27 29.00 22.89 37.13
N GLU D 28 29.15 23.93 37.94
CA GLU D 28 29.63 23.79 39.31
C GLU D 28 28.53 23.38 40.30
N LEU D 29 27.29 23.25 39.84
CA LEU D 29 26.18 22.89 40.72
C LEU D 29 26.34 21.48 41.29
N ASN D 30 26.10 21.33 42.60
CA ASN D 30 26.30 20.04 43.27
C ASN D 30 25.12 19.56 44.15
N GLN D 31 23.94 20.14 43.95
CA GLN D 31 22.74 19.69 44.65
C GLN D 31 22.36 18.27 44.24
N ILE D 32 22.47 17.99 42.95
CA ILE D 32 22.31 16.63 42.41
C ILE D 32 23.70 16.04 42.31
N ASN D 33 23.90 14.84 42.84
CA ASN D 33 25.21 14.20 42.87
C ASN D 33 25.09 12.68 42.86
N THR D 34 26.21 11.98 42.93
CA THR D 34 26.23 10.53 42.82
C THR D 34 25.46 9.79 43.93
N LYS D 35 25.26 10.42 45.08
CA LYS D 35 24.57 9.76 46.21
C LYS D 35 23.06 10.01 46.27
N ASN D 36 22.56 10.99 45.53
CA ASN D 36 21.11 11.30 45.56
C ASN D 36 20.40 11.32 44.20
N VAL D 37 21.15 11.12 43.10
CA VAL D 37 20.56 11.21 41.76
C VAL D 37 19.49 10.15 41.48
N SER D 38 19.49 9.05 42.25
CA SER D 38 18.44 8.05 42.16
C SER D 38 17.05 8.59 42.49
N ARG D 39 17.00 9.75 43.16
CA ARG D 39 15.74 10.43 43.48
C ARG D 39 15.26 11.40 42.41
N LEU D 40 15.97 11.48 41.29
CA LEU D 40 15.63 12.44 40.23
C LEU D 40 14.33 12.01 39.57
N ARG D 41 13.39 12.94 39.46
CA ARG D 41 12.09 12.69 38.82
C ARG D 41 11.70 13.90 37.96
N LEU D 42 10.72 13.71 37.06
CA LEU D 42 10.28 14.80 36.22
C LEU D 42 9.61 15.88 37.06
N ALA D 43 10.03 17.13 36.86
CA ALA D 43 9.44 18.28 37.52
C ALA D 43 8.34 18.89 36.65
N TRP D 44 8.66 19.13 35.38
CA TRP D 44 7.70 19.64 34.41
C TRP D 44 8.21 19.43 32.99
N SER D 45 7.34 19.67 32.02
CA SER D 45 7.69 19.56 30.61
C SER D 45 6.97 20.60 29.77
N PHE D 46 7.43 20.75 28.53
CA PHE D 46 6.91 21.77 27.62
C PHE D 46 7.08 21.30 26.18
N SER D 47 5.98 21.29 25.44
CA SER D 47 6.02 20.84 24.05
C SER D 47 6.52 21.96 23.17
N THR D 48 7.43 21.64 22.26
CA THR D 48 8.00 22.64 21.36
C THR D 48 7.07 22.97 20.20
N GLY D 49 6.04 22.15 20.00
CA GLY D 49 5.07 22.36 18.94
C GLY D 49 5.52 21.90 17.56
N ALA D 50 6.64 21.19 17.49
CA ALA D 50 7.17 20.70 16.23
C ALA D 50 7.59 19.24 16.37
N LEU D 51 7.76 18.57 15.24
CA LEU D 51 8.24 17.20 15.20
C LEU D 51 9.62 17.17 14.54
N ARG D 52 10.21 15.98 14.45
CA ARG D 52 11.53 15.76 13.86
C ARG D 52 12.63 16.24 14.82
N GLY D 53 13.88 16.24 14.35
CA GLY D 53 15.03 16.38 15.25
C GLY D 53 15.10 17.66 16.07
N HIS D 54 15.26 17.52 17.38
CA HIS D 54 15.42 18.67 18.27
C HIS D 54 16.81 18.69 18.86
N GLU D 55 17.69 19.45 18.20
CA GLU D 55 19.09 19.56 18.60
C GLU D 55 19.32 20.80 19.46
N GLY D 56 20.55 20.97 19.93
CA GLY D 56 20.86 22.06 20.85
C GLY D 56 20.13 21.88 22.17
N GLY D 57 19.95 22.98 22.89
CA GLY D 57 19.26 22.96 24.17
C GLY D 57 18.72 24.33 24.49
N PRO D 58 17.93 24.43 25.57
CA PRO D 58 17.43 25.73 26.00
C PRO D 58 18.52 26.58 26.66
N LEU D 59 18.27 27.88 26.75
CA LEU D 59 19.12 28.78 27.51
C LEU D 59 18.34 29.21 28.75
N VAL D 60 19.06 29.43 29.85
CA VAL D 60 18.48 30.02 31.05
C VAL D 60 19.28 31.27 31.39
N VAL D 61 18.63 32.42 31.24
CA VAL D 61 19.22 33.72 31.56
C VAL D 61 18.27 34.41 32.54
N GLY D 62 18.80 34.77 33.70
CA GLY D 62 17.97 35.27 34.81
C GLY D 62 16.97 34.22 35.24
N THR D 63 15.69 34.59 35.24
CA THR D 63 14.61 33.68 35.60
C THR D 63 13.79 33.27 34.36
N THR D 64 14.38 33.41 33.18
CA THR D 64 13.71 33.07 31.93
C THR D 64 14.44 31.93 31.23
N MET D 65 13.68 30.95 30.76
CA MET D 65 14.22 29.92 29.89
C MET D 65 13.80 30.21 28.46
N TYR D 66 14.75 30.09 27.54
CA TYR D 66 14.50 30.31 26.13
C TYR D 66 14.60 28.97 25.40
N VAL D 67 13.55 28.65 24.64
CA VAL D 67 13.38 27.32 24.04
C VAL D 67 13.21 27.47 22.53
N HIS D 68 13.75 26.51 21.77
CA HIS D 68 13.66 26.53 20.31
C HIS D 68 13.31 25.15 19.76
N SER D 69 12.77 25.12 18.54
CA SER D 69 12.30 23.88 17.92
C SER D 69 12.95 23.62 16.57
N ALA D 70 12.63 22.46 16.01
CA ALA D 70 12.94 22.14 14.62
C ALA D 70 12.11 23.03 13.71
N TYR D 71 12.33 22.93 12.40
CA TYR D 71 11.51 23.67 11.43
C TYR D 71 10.04 23.50 11.78
N PRO D 72 9.25 24.59 11.83
CA PRO D 72 9.59 25.91 11.31
C PRO D 72 10.24 26.89 12.30
N ASN D 73 10.94 26.36 13.30
CA ASN D 73 11.79 27.17 14.18
C ASN D 73 11.00 28.11 15.09
N HIS D 74 10.09 27.53 15.88
CA HIS D 74 9.41 28.28 16.93
C HIS D 74 10.41 28.66 18.03
N VAL D 75 10.24 29.85 18.59
CA VAL D 75 11.05 30.29 19.73
C VAL D 75 10.13 30.69 20.87
N TYR D 76 10.48 30.31 22.09
CA TYR D 76 9.67 30.61 23.27
C TYR D 76 10.51 31.15 24.43
N ALA D 77 9.90 32.03 25.21
CA ALA D 77 10.45 32.43 26.50
C ALA D 77 9.51 31.92 27.60
N LEU D 78 10.07 31.17 28.56
CA LEU D 78 9.31 30.66 29.69
C LEU D 78 9.73 31.39 30.96
N ASP D 79 8.76 32.03 31.62
CA ASP D 79 8.99 32.70 32.89
C ASP D 79 8.99 31.65 34.00
N LEU D 80 10.17 31.39 34.56
CA LEU D 80 10.32 30.33 35.57
C LEU D 80 9.87 30.72 36.98
N THR D 81 9.36 31.94 37.16
CA THR D 81 8.81 32.34 38.46
C THR D 81 7.35 31.93 38.65
N GLN D 82 6.73 31.34 37.62
CA GLN D 82 5.29 31.08 37.63
C GLN D 82 4.87 29.65 38.03
N LYS D 83 5.76 28.93 38.71
CA LYS D 83 5.37 27.70 39.44
C LYS D 83 4.64 26.66 38.58
N PRO D 84 5.33 25.90 37.72
CA PRO D 84 6.78 25.96 37.54
C PRO D 84 7.21 26.89 36.41
N TYR D 85 6.30 27.18 35.48
CA TYR D 85 6.58 28.12 34.40
C TYR D 85 5.30 28.63 33.78
N ALA D 86 5.43 29.73 33.06
CA ALA D 86 4.38 30.23 32.18
C ALA D 86 5.05 30.69 30.91
N ILE D 87 4.32 30.67 29.79
CA ILE D 87 4.86 31.15 28.53
C ILE D 87 4.82 32.67 28.52
N LYS D 88 6.00 33.28 28.48
CA LYS D 88 6.11 34.75 28.48
C LYS D 88 5.82 35.30 27.08
N TRP D 89 6.47 34.71 26.08
CA TRP D 89 6.19 35.04 24.69
C TRP D 89 6.60 33.91 23.75
N GLN D 90 6.13 34.00 22.52
CA GLN D 90 6.50 33.05 21.47
C GLN D 90 6.66 33.78 20.15
N TYR D 91 7.53 33.24 19.30
CA TYR D 91 7.80 33.82 17.99
C TYR D 91 8.04 32.71 16.98
N THR D 92 7.45 32.86 15.80
CA THR D 92 7.70 31.94 14.68
C THR D 92 7.91 32.78 13.44
N PRO D 93 9.09 32.65 12.79
CA PRO D 93 9.37 33.46 11.61
C PRO D 93 8.66 32.93 10.37
N VAL D 94 8.43 33.83 9.41
CA VAL D 94 7.95 33.43 8.09
C VAL D 94 9.16 32.90 7.33
N GLN D 95 8.99 31.73 6.70
CA GLN D 95 10.08 31.07 5.99
C GLN D 95 9.63 30.53 4.64
N ASN D 96 10.60 30.41 3.74
CA ASN D 96 10.42 29.69 2.48
C ASN D 96 10.52 28.19 2.76
N SER D 97 9.42 27.47 2.55
CA SER D 97 9.36 26.04 2.84
C SER D 97 10.20 25.16 1.90
N GLN D 98 10.73 25.74 0.82
CA GLN D 98 11.70 25.04 -0.02
C GLN D 98 12.97 24.65 0.73
N ALA D 99 13.25 25.33 1.84
CA ALA D 99 14.38 25.00 2.72
C ALA D 99 14.36 23.53 3.19
N VAL D 100 13.18 22.96 3.36
CA VAL D 100 13.03 21.57 3.79
C VAL D 100 13.57 20.60 2.74
N ALA D 101 13.38 20.94 1.47
CA ALA D 101 13.82 20.10 0.36
C ALA D 101 15.35 20.01 0.21
N VAL D 102 16.06 21.04 0.67
CA VAL D 102 17.52 21.11 0.52
C VAL D 102 18.29 20.80 1.80
N ALA D 103 17.60 20.39 2.86
CA ALA D 103 18.26 19.94 4.09
C ALA D 103 18.78 18.51 3.90
N CYS D 104 20.09 18.33 4.09
CA CYS D 104 20.71 17.01 3.91
C CYS D 104 20.27 16.03 4.98
N CYS D 105 20.19 16.52 6.21
CA CYS D 105 20.32 15.68 7.39
C CYS D 105 19.30 16.05 8.45
N ASP D 106 18.04 16.15 8.02
CA ASP D 106 16.90 16.54 8.86
C ASP D 106 16.82 18.04 9.12
N VAL D 107 15.62 18.52 9.44
CA VAL D 107 15.35 19.96 9.59
C VAL D 107 15.64 20.46 11.01
N VAL D 108 16.86 20.18 11.49
CA VAL D 108 17.27 20.54 12.86
C VAL D 108 17.76 21.98 12.95
N ASN D 109 17.79 22.49 14.19
CA ASN D 109 18.43 23.75 14.51
C ASN D 109 19.11 23.63 15.88
N ARG D 110 20.34 24.12 15.97
CA ARG D 110 21.17 23.91 17.17
C ARG D 110 21.04 25.01 18.24
N GLY D 111 20.19 26.01 18.00
CA GLY D 111 19.71 26.85 19.10
C GLY D 111 20.04 28.34 19.11
N LEU D 112 19.63 28.97 20.20
CA LEU D 112 19.65 30.42 20.34
C LEU D 112 20.93 30.94 20.97
N ALA D 113 21.17 32.22 20.77
CA ALA D 113 22.19 32.96 21.51
C ALA D 113 21.50 34.13 22.22
N TYR D 114 22.07 34.55 23.35
CA TYR D 114 21.57 35.70 24.09
C TYR D 114 22.68 36.73 24.27
N ALA D 115 22.33 38.02 24.13
CA ALA D 115 23.25 39.11 24.43
C ALA D 115 22.51 40.44 24.55
N ASN D 116 22.87 41.22 25.55
CA ASN D 116 22.38 42.60 25.71
C ASN D 116 20.86 42.75 25.58
N GLY D 117 20.14 41.95 26.35
CA GLY D 117 18.67 42.00 26.36
C GLY D 117 18.00 41.55 25.08
N LYS D 118 18.71 40.73 24.29
CA LYS D 118 18.20 40.25 23.01
C LYS D 118 18.47 38.77 22.82
N ILE D 119 17.60 38.13 22.04
CA ILE D 119 17.75 36.74 21.64
C ILE D 119 18.05 36.69 20.15
N PHE D 120 18.98 35.84 19.76
CA PHE D 120 19.39 35.71 18.36
C PHE D 120 19.14 34.28 17.87
N MET D 121 18.43 34.17 16.76
CA MET D 121 18.03 32.88 16.22
C MET D 121 18.39 32.78 14.74
N THR D 122 18.59 31.55 14.27
CA THR D 122 18.71 31.28 12.83
C THR D 122 17.53 30.44 12.37
N THR D 123 17.24 30.53 11.07
CA THR D 123 16.15 29.77 10.46
C THR D 123 16.71 28.85 9.39
N LEU D 124 15.99 27.77 9.10
CA LEU D 124 16.40 26.80 8.08
C LEU D 124 16.55 27.45 6.70
N ASP D 125 15.69 28.43 6.40
CA ASP D 125 15.70 29.08 5.08
C ASP D 125 16.74 30.18 4.91
N GLY D 126 17.58 30.40 5.93
CA GLY D 126 18.78 31.23 5.78
C GLY D 126 18.77 32.60 6.43
N GLN D 127 17.94 32.81 7.44
CA GLN D 127 17.85 34.11 8.10
C GLN D 127 18.59 34.14 9.43
N ILE D 128 18.99 35.35 9.83
CA ILE D 128 19.48 35.62 11.19
C ILE D 128 18.58 36.73 11.76
N ILE D 129 17.96 36.45 12.91
CA ILE D 129 16.93 37.34 13.45
C ILE D 129 17.21 37.71 14.90
N ALA D 130 17.07 39.00 15.21
CA ALA D 130 17.25 39.49 16.58
C ALA D 130 15.89 39.81 17.19
N LEU D 131 15.64 39.28 18.39
CA LEU D 131 14.39 39.51 19.11
C LEU D 131 14.67 40.17 20.44
N ASP D 132 13.69 40.94 20.93
CA ASP D 132 13.75 41.49 22.28
C ASP D 132 13.56 40.33 23.26
N ALA D 133 14.51 40.17 24.17
CA ALA D 133 14.51 39.03 25.10
C ALA D 133 13.32 39.06 26.06
N ASN D 134 12.82 40.26 26.38
CA ASN D 134 11.71 40.42 27.32
C ASN D 134 10.33 40.28 26.66
N THR D 135 10.18 40.77 25.44
CA THR D 135 8.86 40.79 24.77
C THR D 135 8.71 39.82 23.59
N GLY D 136 9.82 39.37 23.01
CA GLY D 136 9.77 38.53 21.81
C GLY D 136 9.56 39.31 20.53
N LYS D 137 9.63 40.64 20.62
CA LYS D 137 9.40 41.52 19.49
C LYS D 137 10.60 41.48 18.56
N GLU D 138 10.34 41.36 17.26
CA GLU D 138 11.39 41.31 16.25
C GLU D 138 12.06 42.68 16.12
N LEU D 139 13.39 42.71 16.25
CA LEU D 139 14.15 43.97 16.21
C LEU D 139 14.78 44.17 14.84
N TRP D 140 15.45 43.14 14.32
CA TRP D 140 15.96 43.16 12.95
C TRP D 140 16.12 41.74 12.41
N LYS D 141 16.20 41.64 11.08
CA LYS D 141 16.39 40.36 10.40
C LYS D 141 17.17 40.57 9.11
N MET D 142 18.01 39.59 8.76
CA MET D 142 18.80 39.63 7.52
C MET D 142 18.84 38.26 6.87
N LYS D 143 18.93 38.24 5.54
CA LYS D 143 19.09 37.00 4.78
C LYS D 143 20.58 36.68 4.64
N HIS D 144 21.04 35.68 5.38
CA HIS D 144 22.43 35.27 5.37
C HIS D 144 22.73 34.22 4.30
N ALA D 145 21.78 33.31 4.08
CA ALA D 145 21.94 32.23 3.11
C ALA D 145 20.77 32.18 2.12
N ASP D 146 21.00 31.51 0.99
CA ASP D 146 20.03 31.43 -0.09
C ASP D 146 19.66 29.98 -0.41
N VAL D 147 18.42 29.61 -0.09
CA VAL D 147 17.94 28.22 -0.32
C VAL D 147 17.90 27.79 -1.79
N THR D 148 17.81 28.76 -2.70
CA THR D 148 17.79 28.45 -4.14
C THR D 148 19.13 27.90 -4.63
N LYS D 149 20.20 28.19 -3.91
CA LYS D 149 21.54 27.65 -4.20
C LYS D 149 21.91 26.46 -3.31
N GLY D 150 20.90 25.86 -2.65
CA GLY D 150 21.11 24.72 -1.76
C GLY D 150 21.69 25.06 -0.39
N GLU D 151 21.58 26.33 0.02
CA GLU D 151 22.09 26.76 1.32
C GLU D 151 20.98 26.77 2.37
N THR D 152 21.31 26.26 3.55
CA THR D 152 20.44 26.36 4.73
C THR D 152 21.29 26.80 5.92
N ILE D 153 20.62 27.08 7.04
CA ILE D 153 21.32 27.32 8.30
C ILE D 153 20.71 26.42 9.38
N THR D 154 21.56 25.61 9.99
CA THR D 154 21.17 24.74 11.10
C THR D 154 21.92 25.05 12.41
N GLY D 155 23.11 25.65 12.32
CA GLY D 155 23.94 25.91 13.49
C GLY D 155 23.51 27.10 14.33
N ALA D 156 23.86 27.05 15.61
CA ALA D 156 23.56 28.13 16.55
C ALA D 156 24.55 29.28 16.37
N PRO D 157 24.07 30.54 16.38
CA PRO D 157 24.97 31.68 16.28
C PRO D 157 25.71 31.94 17.59
N LEU D 158 26.73 32.78 17.53
CA LEU D 158 27.50 33.16 18.71
C LEU D 158 27.66 34.68 18.73
N VAL D 159 27.42 35.29 19.89
CA VAL D 159 27.63 36.74 20.05
C VAL D 159 29.02 36.98 20.63
N VAL D 160 29.83 37.75 19.89
CA VAL D 160 31.15 38.16 20.34
C VAL D 160 31.25 39.69 20.24
N LYS D 161 31.48 40.32 21.38
CA LYS D 161 31.45 41.78 21.52
C LYS D 161 30.11 42.35 21.04
N ASP D 162 30.11 43.17 19.99
CA ASP D 162 28.89 43.78 19.45
CA ASP D 162 28.87 43.76 19.47
C ASP D 162 28.50 43.13 18.11
N LYS D 163 28.90 41.88 17.90
CA LYS D 163 28.65 41.19 16.65
C LYS D 163 28.09 39.79 16.89
N VAL D 164 27.22 39.34 15.99
CA VAL D 164 26.67 37.98 16.04
C VAL D 164 27.21 37.18 14.84
N LEU D 165 27.84 36.03 15.13
CA LEU D 165 28.53 35.23 14.13
C LEU D 165 27.62 34.13 13.59
N VAL D 166 27.40 34.13 12.28
CA VAL D 166 26.46 33.23 11.63
C VAL D 166 27.14 32.44 10.52
N GLY D 167 26.94 31.13 10.50
CA GLY D 167 27.49 30.25 9.47
C GLY D 167 26.44 29.79 8.47
N VAL D 168 26.82 28.81 7.66
CA VAL D 168 25.94 28.28 6.61
C VAL D 168 26.10 26.76 6.48
N SER D 169 25.09 26.11 5.93
CA SER D 169 25.12 24.67 5.67
C SER D 169 24.95 24.39 4.17
N GLY D 170 25.21 23.15 3.77
CA GLY D 170 25.06 22.73 2.36
C GLY D 170 26.30 22.17 1.69
N GLY D 171 27.15 21.48 2.47
CA GLY D 171 28.33 20.83 1.92
C GLY D 171 28.06 19.64 1.00
N GLU D 172 26.82 19.12 1.03
CA GLU D 172 26.39 18.10 0.07
C GLU D 172 25.71 18.72 -1.17
N PHE D 173 25.64 20.05 -1.23
CA PHE D 173 24.98 20.76 -2.32
C PHE D 173 25.93 21.72 -3.05
N GLY D 174 27.23 21.56 -2.83
CA GLY D 174 28.25 22.40 -3.48
C GLY D 174 28.27 23.84 -3.00
N VAL D 175 27.88 24.08 -1.76
CA VAL D 175 27.83 25.42 -1.19
C VAL D 175 29.23 25.90 -0.83
N ARG D 176 29.45 27.23 -0.92
CA ARG D 176 30.69 27.85 -0.46
C ARG D 176 30.55 28.24 1.01
N GLY D 177 31.23 27.51 1.88
CA GLY D 177 31.17 27.76 3.31
C GLY D 177 31.75 29.11 3.71
N ARG D 178 31.14 29.72 4.73
CA ARG D 178 31.54 31.05 5.17
C ARG D 178 30.92 31.38 6.54
N VAL D 179 31.50 32.39 7.19
CA VAL D 179 30.95 32.93 8.43
C VAL D 179 30.77 34.43 8.27
N GLY D 180 29.56 34.91 8.55
CA GLY D 180 29.23 36.33 8.48
C GLY D 180 29.09 36.92 9.88
N ALA D 181 29.50 38.17 10.04
CA ALA D 181 29.35 38.89 11.30
C ALA D 181 28.38 40.05 11.10
N TYR D 182 27.29 40.03 11.85
CA TYR D 182 26.26 41.07 11.76
C TYR D 182 26.23 41.88 13.04
N ASP D 183 25.94 43.18 12.91
CA ASP D 183 25.90 44.07 14.06
C ASP D 183 24.78 43.66 15.02
N ILE D 184 25.12 43.61 16.30
CA ILE D 184 24.21 43.15 17.36
C ILE D 184 22.93 44.00 17.46
N ASN D 185 23.06 45.31 17.22
CA ASN D 185 21.97 46.25 17.42
C ASN D 185 21.19 46.58 16.14
N THR D 186 21.91 46.76 15.03
CA THR D 186 21.30 47.19 13.77
C THR D 186 21.11 46.06 12.75
N GLY D 187 21.95 45.03 12.83
CA GLY D 187 21.89 43.91 11.88
C GLY D 187 22.74 44.06 10.64
N ASN D 188 23.47 45.16 10.52
CA ASN D 188 24.33 45.40 9.36
C ASN D 188 25.54 44.47 9.37
N ARG D 189 25.81 43.84 8.24
CA ARG D 189 26.96 42.96 8.10
C ARG D 189 28.25 43.78 8.22
N VAL D 190 29.18 43.27 9.02
CA VAL D 190 30.48 43.91 9.21
C VAL D 190 31.52 43.26 8.30
N TRP D 191 31.56 41.93 8.30
CA TRP D 191 32.46 41.18 7.40
C TRP D 191 31.91 39.79 7.06
N LEU D 192 32.53 39.16 6.06
CA LEU D 192 32.14 37.82 5.61
C LEU D 192 33.38 37.02 5.23
N ALA D 193 33.69 36.00 6.04
CA ALA D 193 34.92 35.21 5.88
C ALA D 193 34.65 33.84 5.28
N TYR D 194 35.08 33.64 4.05
CA TYR D 194 34.88 32.37 3.34
C TYR D 194 35.92 31.32 3.73
N SER D 195 35.61 30.06 3.46
CA SER D 195 36.50 28.94 3.77
C SER D 195 37.32 28.47 2.56
N GLN D 196 37.27 29.22 1.47
CA GLN D 196 38.07 28.93 0.26
C GLN D 196 38.09 30.14 -0.67
N GLY D 197 38.73 29.99 -1.82
CA GLY D 197 38.83 31.08 -2.81
C GLY D 197 40.04 31.95 -2.57
N PRO D 198 40.06 33.16 -3.18
CA PRO D 198 41.20 34.06 -3.02
C PRO D 198 41.30 34.64 -1.61
N ASP D 199 42.44 35.26 -1.31
CA ASP D 199 42.71 35.79 0.03
C ASP D 199 41.86 37.02 0.37
N GLU D 200 41.28 37.65 -0.65
CA GLU D 200 40.35 38.76 -0.45
C GLU D 200 39.04 38.27 0.15
N GLU D 201 38.63 37.05 -0.22
CA GLU D 201 37.40 36.45 0.27
C GLU D 201 37.62 35.60 1.53
N VAL D 202 38.76 34.90 1.59
CA VAL D 202 39.09 34.07 2.75
C VAL D 202 39.34 34.91 4.00
N LEU D 203 39.92 36.10 3.81
CA LEU D 203 40.32 36.99 4.90
C LEU D 203 41.43 36.38 5.76
N LEU D 204 42.67 36.62 5.34
CA LEU D 204 43.86 36.17 6.06
C LEU D 204 44.56 37.37 6.67
N ASP D 205 44.94 37.25 7.94
CA ASP D 205 45.68 38.30 8.63
C ASP D 205 47.14 38.26 8.18
N SER D 206 47.87 39.36 8.41
CA SER D 206 49.28 39.46 8.00
C SER D 206 50.21 38.48 8.71
N ASP D 207 49.76 37.97 9.86
CA ASP D 207 50.52 36.96 10.62
C ASP D 207 49.84 35.57 10.57
N PHE D 208 49.18 35.28 9.45
CA PHE D 208 48.46 34.01 9.27
C PHE D 208 49.43 32.83 9.15
N ASN D 209 49.18 31.79 9.94
CA ASN D 209 50.05 30.60 9.97
C ASN D 209 51.54 30.96 9.96
N LYS D 210 51.90 31.97 10.74
CA LYS D 210 53.25 32.49 10.80
C LYS D 210 54.20 31.45 11.37
N GLU D 211 53.80 30.88 12.51
CA GLU D 211 54.63 29.88 13.19
C GLU D 211 54.65 28.54 12.46
N PHE D 212 53.60 28.29 11.66
CA PHE D 212 53.46 27.00 10.96
C PHE D 212 53.05 27.19 9.50
N PRO D 213 54.02 27.58 8.65
CA PRO D 213 53.76 27.69 7.21
C PRO D 213 53.45 26.34 6.55
N GLN D 214 53.86 25.25 7.18
CA GLN D 214 53.55 23.90 6.69
C GLN D 214 52.06 23.52 6.81
N HIS D 215 51.30 24.28 7.60
CA HIS D 215 49.84 24.10 7.68
C HIS D 215 49.09 24.80 6.55
N GLY D 216 49.80 25.56 5.71
CA GLY D 216 49.20 26.26 4.59
C GLY D 216 49.36 27.77 4.72
N GLY D 217 49.05 28.49 3.65
CA GLY D 217 49.25 29.94 3.61
C GLY D 217 48.44 30.63 2.53
N PRO D 218 48.82 31.88 2.19
CA PRO D 218 48.19 32.66 1.12
C PRO D 218 48.14 31.91 -0.22
N GLY D 219 46.97 31.91 -0.86
CA GLY D 219 46.80 31.28 -2.17
C GLY D 219 46.27 29.85 -2.16
N ASP D 220 46.35 29.19 -1.00
CA ASP D 220 45.94 27.78 -0.89
C ASP D 220 44.44 27.56 -1.05
N GLY D 221 43.64 28.62 -0.87
CA GLY D 221 42.20 28.54 -1.10
C GLY D 221 41.83 28.21 -2.55
N THR D 222 42.71 28.55 -3.49
CA THR D 222 42.53 28.23 -4.90
C THR D 222 43.55 27.20 -5.41
N LYS D 223 44.82 27.36 -5.03
CA LYS D 223 45.91 26.53 -5.55
C LYS D 223 45.85 25.04 -5.17
N THR D 224 45.18 24.72 -4.06
CA THR D 224 45.03 23.33 -3.62
C THR D 224 43.83 22.62 -4.27
N TRP D 225 43.20 23.27 -5.25
CA TRP D 225 42.10 22.68 -6.01
C TRP D 225 42.48 22.64 -7.50
N PRO D 226 41.89 21.69 -8.26
CA PRO D 226 42.03 21.69 -9.70
C PRO D 226 41.07 22.69 -10.36
N GLY D 227 41.59 23.52 -11.26
CA GLY D 227 40.77 24.44 -12.05
C GLY D 227 39.91 25.39 -11.23
N GLU D 228 38.60 25.12 -11.23
CA GLU D 228 37.61 25.98 -10.58
C GLU D 228 36.76 25.22 -9.56
N GLN D 229 37.30 24.13 -9.01
CA GLN D 229 36.53 23.25 -8.12
C GLN D 229 36.22 23.90 -6.76
N TRP D 230 37.07 24.85 -6.35
CA TRP D 230 36.85 25.59 -5.10
C TRP D 230 35.54 26.38 -5.07
N LYS D 231 35.04 26.80 -6.23
CA LYS D 231 33.73 27.46 -6.32
C LYS D 231 32.58 26.57 -5.84
N LEU D 232 32.76 25.25 -5.94
CA LEU D 232 31.82 24.29 -5.35
C LEU D 232 32.51 23.54 -4.21
N GLY D 233 33.32 24.25 -3.43
CA GLY D 233 34.29 23.62 -2.52
C GLY D 233 33.87 23.39 -1.08
N GLY D 234 32.57 23.26 -0.83
CA GLY D 234 32.08 22.93 0.51
C GLY D 234 32.68 23.79 1.61
N GLY D 235 33.18 23.14 2.66
CA GLY D 235 33.77 23.84 3.80
C GLY D 235 32.76 24.66 4.59
N THR D 236 31.54 24.13 4.71
CA THR D 236 30.46 24.80 5.42
C THR D 236 30.71 24.87 6.94
N THR D 237 30.02 25.80 7.59
CA THR D 237 30.35 26.21 8.96
C THR D 237 29.16 26.05 9.91
N TRP D 238 28.62 24.83 9.95
CA TRP D 238 27.37 24.54 10.64
C TRP D 238 27.54 24.04 12.07
N GLY D 239 28.77 24.02 12.57
CA GLY D 239 29.08 23.50 13.90
C GLY D 239 29.07 24.56 14.99
N TRP D 240 29.78 24.26 16.09
CA TRP D 240 29.78 25.11 17.29
C TRP D 240 30.98 26.06 17.29
N TYR D 241 30.77 27.28 17.75
CA TYR D 241 31.83 28.28 17.83
C TYR D 241 32.28 28.52 19.27
N SER D 242 33.56 28.84 19.43
CA SER D 242 34.14 29.16 20.73
C SER D 242 34.95 30.45 20.65
N TYR D 243 35.33 30.99 21.80
CA TYR D 243 35.95 32.32 21.86
C TYR D 243 36.85 32.45 23.09
N ASP D 244 38.03 33.04 22.90
CA ASP D 244 38.92 33.41 23.99
C ASP D 244 39.07 34.93 23.99
N PRO D 245 38.42 35.62 24.94
CA PRO D 245 38.51 37.09 24.98
C PRO D 245 39.91 37.63 25.27
N ALA D 246 40.75 36.85 25.95
CA ALA D 246 42.13 37.26 26.24
C ALA D 246 42.99 37.31 24.97
N LEU D 247 42.80 36.34 24.08
CA LEU D 247 43.53 36.27 22.82
C LEU D 247 42.80 36.96 21.67
N ASP D 248 41.55 37.36 21.90
CA ASP D 248 40.69 37.95 20.87
C ASP D 248 40.65 37.08 19.61
N LEU D 249 40.35 35.80 19.81
CA LEU D 249 40.23 34.83 18.73
C LEU D 249 38.97 33.99 18.93
N PHE D 250 38.22 33.78 17.85
CA PHE D 250 37.09 32.85 17.86
C PHE D 250 37.39 31.69 16.91
N TYR D 251 36.92 30.50 17.28
CA TYR D 251 37.31 29.27 16.60
C TYR D 251 36.10 28.50 16.07
N TYR D 252 36.30 27.83 14.94
CA TYR D 252 35.29 26.94 14.36
C TYR D 252 35.94 25.98 13.36
N GLY D 253 35.15 25.01 12.90
CA GLY D 253 35.60 24.02 11.93
C GLY D 253 34.83 24.08 10.63
N THR D 254 35.44 23.57 9.55
CA THR D 254 34.80 23.57 8.22
C THR D 254 34.48 22.17 7.73
N SER D 255 33.46 22.06 6.88
CA SER D 255 32.94 20.77 6.41
C SER D 255 33.79 20.15 5.30
N ASN D 256 33.31 19.01 4.79
CA ASN D 256 33.87 18.34 3.62
C ASN D 256 34.00 19.28 2.41
N PRO D 257 34.93 18.98 1.48
CA PRO D 257 35.19 19.84 0.33
C PRO D 257 34.17 19.78 -0.83
N GLY D 258 32.91 19.48 -0.54
CA GLY D 258 31.87 19.43 -1.56
C GLY D 258 31.57 18.02 -2.00
N THR D 259 31.87 17.69 -3.25
CA THR D 259 31.57 16.36 -3.81
C THR D 259 32.24 15.26 -3.00
N TRP D 260 31.50 14.16 -2.81
CA TRP D 260 31.98 12.99 -2.09
C TRP D 260 32.88 12.11 -2.97
N ASN D 261 32.91 12.39 -4.27
CA ASN D 261 33.81 11.71 -5.19
C ASN D 261 35.17 12.42 -5.22
N ALA D 262 36.12 11.90 -4.45
CA ALA D 262 37.45 12.50 -4.33
C ALA D 262 38.21 12.58 -5.65
N GLU D 263 37.87 11.71 -6.60
CA GLU D 263 38.47 11.73 -7.94
C GLU D 263 38.34 13.10 -8.61
N GLN D 264 37.19 13.75 -8.44
CA GLN D 264 36.93 15.07 -9.05
C GLN D 264 37.64 16.23 -8.38
N ARG D 265 38.23 16.00 -7.20
CA ARG D 265 38.93 17.04 -6.46
C ARG D 265 40.45 16.81 -6.39
N LYS D 266 40.96 15.88 -7.20
CA LYS D 266 42.40 15.58 -7.21
C LYS D 266 43.21 16.77 -7.71
N GLY D 267 44.39 16.96 -7.14
CA GLY D 267 45.25 18.11 -7.46
C GLY D 267 45.93 18.68 -6.23
N GLY D 268 45.25 18.62 -5.10
CA GLY D 268 45.81 19.11 -3.84
C GLY D 268 45.01 18.70 -2.62
N ASP D 269 45.16 19.49 -1.55
CA ASP D 269 44.53 19.19 -0.27
C ASP D 269 43.08 19.67 -0.15
N ASN D 270 42.60 20.43 -1.13
CA ASN D 270 41.26 21.00 -1.10
C ASN D 270 41.04 21.92 0.11
N LYS D 271 42.00 22.81 0.36
CA LYS D 271 41.90 23.74 1.49
C LYS D 271 40.88 24.85 1.19
N TRP D 272 40.12 25.31 2.19
CA TRP D 272 40.25 24.89 3.58
C TRP D 272 39.03 24.08 4.04
N SER D 273 38.76 22.98 3.34
CA SER D 273 37.79 22.00 3.81
C SER D 273 38.40 21.20 4.96
N CYS D 274 37.55 20.70 5.85
CA CYS D 274 38.00 19.88 6.99
C CYS D 274 39.10 20.60 7.79
N THR D 275 38.85 21.87 8.10
CA THR D 275 39.86 22.75 8.71
C THR D 275 39.38 23.38 10.02
N ILE D 276 40.32 23.60 10.94
CA ILE D 276 40.09 24.37 12.16
C ILE D 276 40.59 25.79 11.93
N PHE D 277 39.67 26.76 11.96
CA PHE D 277 40.02 28.18 11.78
C PHE D 277 40.11 28.91 13.11
N ALA D 278 40.95 29.94 13.15
CA ALA D 278 41.03 30.88 14.28
C ALA D 278 41.08 32.29 13.72
N ARG D 279 40.00 33.06 13.92
CA ARG D 279 39.87 34.39 13.34
C ARG D 279 39.66 35.49 14.38
N ARG D 280 39.95 36.72 13.98
CA ARG D 280 39.69 37.90 14.79
C ARG D 280 38.21 38.23 14.70
N PRO D 281 37.56 38.53 15.85
CA PRO D 281 36.12 38.84 15.83
C PRO D 281 35.78 40.20 15.22
N ASP D 282 36.69 41.16 15.32
CA ASP D 282 36.46 42.51 14.79
C ASP D 282 36.47 42.54 13.27
N THR D 283 37.50 41.94 12.67
CA THR D 283 37.74 42.01 11.23
C THR D 283 37.40 40.72 10.46
N GLY D 284 37.37 39.59 11.16
CA GLY D 284 37.15 38.29 10.53
C GLY D 284 38.39 37.66 9.91
N LYS D 285 39.55 38.30 10.06
CA LYS D 285 40.78 37.82 9.43
C LYS D 285 41.41 36.68 10.24
N ALA D 286 41.83 35.63 9.54
CA ALA D 286 42.34 34.42 10.16
C ALA D 286 43.76 34.58 10.69
N ARG D 287 43.97 34.16 11.94
CA ARG D 287 45.29 34.18 12.57
C ARG D 287 46.01 32.85 12.35
N TRP D 288 45.26 31.75 12.38
CA TRP D 288 45.81 30.45 11.97
C TRP D 288 44.73 29.46 11.52
N ALA D 289 45.17 28.41 10.84
CA ALA D 289 44.28 27.36 10.34
C ALA D 289 45.01 26.04 10.18
N TYR D 290 44.34 24.94 10.51
CA TYR D 290 44.92 23.60 10.40
C TYR D 290 43.92 22.62 9.77
N GLN D 291 44.29 22.03 8.65
CA GLN D 291 43.46 21.03 7.97
C GLN D 291 43.72 19.63 8.51
N MET D 292 42.69 19.01 9.08
CA MET D 292 42.79 17.68 9.68
C MET D 292 42.78 16.56 8.65
N THR D 293 41.96 16.71 7.61
CA THR D 293 41.82 15.67 6.59
C THR D 293 42.02 16.24 5.18
N PRO D 294 43.28 16.31 4.71
CA PRO D 294 43.56 16.73 3.33
C PRO D 294 42.98 15.77 2.29
N TRP D 295 42.44 16.34 1.21
CA TRP D 295 41.84 15.57 0.12
C TRP D 295 40.89 14.50 0.67
N ASP D 296 39.89 14.98 1.42
CA ASP D 296 38.91 14.12 2.05
C ASP D 296 38.23 13.21 1.02
N SER D 297 38.03 11.95 1.40
CA SER D 297 37.27 11.00 0.59
C SER D 297 36.34 10.13 1.46
N TRP D 298 36.01 10.62 2.66
CA TRP D 298 35.17 9.89 3.62
C TRP D 298 33.99 10.70 4.17
N ASP D 299 33.84 11.95 3.76
CA ASP D 299 32.90 12.92 4.37
C ASP D 299 33.20 13.10 5.85
N TYR D 300 34.47 13.30 6.18
CA TYR D 300 34.87 13.63 7.55
C TYR D 300 34.85 15.15 7.74
N ASP D 301 33.66 15.72 7.93
CA ASP D 301 33.53 17.16 8.20
C ASP D 301 34.33 17.54 9.45
N GLY D 302 34.90 18.75 9.43
CA GLY D 302 35.69 19.24 10.56
C GLY D 302 34.94 20.16 11.50
N VAL D 303 33.61 20.18 11.40
CA VAL D 303 32.79 21.19 12.08
C VAL D 303 32.61 20.99 13.61
N ASN D 304 32.98 19.82 14.13
CA ASN D 304 32.77 19.56 15.57
C ASN D 304 33.39 20.64 16.46
N GLU D 305 32.84 20.80 17.65
CA GLU D 305 33.18 21.92 18.54
C GLU D 305 34.68 22.06 18.85
N MET D 306 35.06 23.27 19.23
CA MET D 306 36.44 23.60 19.57
C MET D 306 36.50 24.01 21.04
N ILE D 307 36.66 23.04 21.93
CA ILE D 307 36.65 23.27 23.38
C ILE D 307 37.98 23.92 23.77
N LEU D 308 37.93 24.90 24.68
CA LEU D 308 39.10 25.73 25.01
C LEU D 308 39.53 25.62 26.48
N PRO D 309 40.07 24.46 26.89
CA PRO D 309 40.53 24.33 28.26
C PRO D 309 41.95 24.85 28.42
N ASP D 310 42.33 25.16 29.66
CA ASP D 310 43.73 25.41 29.99
C ASP D 310 44.29 24.13 30.59
N LEU D 311 45.19 23.47 29.86
CA LEU D 311 45.74 22.19 30.27
C LEU D 311 47.21 22.32 30.63
N THR D 312 47.67 21.47 31.53
CA THR D 312 49.07 21.41 31.91
C THR D 312 49.78 20.51 30.91
N VAL D 313 50.57 21.12 30.02
CA VAL D 313 51.31 20.41 28.98
C VAL D 313 52.78 20.39 29.35
N LYS D 314 53.30 19.22 29.71
CA LYS D 314 54.66 19.05 30.19
C LYS D 314 54.99 20.04 31.31
N GLY D 315 54.07 20.18 32.26
CA GLY D 315 54.26 21.04 33.42
C GLY D 315 53.91 22.51 33.22
N LYS D 316 53.63 22.92 31.99
CA LYS D 316 53.34 24.32 31.67
C LYS D 316 51.85 24.49 31.40
N LYS D 317 51.22 25.42 32.09
CA LYS D 317 49.81 25.72 31.84
C LYS D 317 49.71 26.36 30.46
N THR D 318 48.89 25.76 29.60
CA THR D 318 48.86 26.09 28.18
C THR D 318 47.42 26.32 27.71
N PRO D 319 47.17 27.41 26.98
CA PRO D 319 45.85 27.62 26.37
C PRO D 319 45.64 26.69 25.18
N CYS D 320 44.81 25.67 25.36
CA CYS D 320 44.59 24.64 24.36
C CYS D 320 43.26 24.76 23.65
N LEU D 321 43.20 24.18 22.45
CA LEU D 321 41.96 23.90 21.76
C LEU D 321 41.89 22.39 21.65
N VAL D 322 40.74 21.82 22.01
CA VAL D 322 40.53 20.37 21.95
C VAL D 322 39.32 20.07 21.07
N HIS D 323 39.51 19.14 20.13
CA HIS D 323 38.53 18.89 19.09
C HIS D 323 38.47 17.39 18.76
N PHE D 324 37.30 16.80 18.98
CA PHE D 324 37.07 15.40 18.64
C PHE D 324 36.43 15.35 17.27
N ASP D 325 37.24 14.98 16.27
CA ASP D 325 36.83 15.09 14.88
C ASP D 325 36.01 13.90 14.40
N ARG D 326 35.20 14.15 13.38
CA ARG D 326 34.51 13.09 12.64
C ARG D 326 35.48 11.99 12.21
N ASN D 327 36.70 12.36 11.81
CA ASN D 327 37.69 11.38 11.36
C ASN D 327 38.20 10.42 12.46
N GLY D 328 37.79 10.63 13.70
CA GLY D 328 38.07 9.67 14.77
C GLY D 328 39.27 10.01 15.64
N PHE D 329 39.97 11.09 15.30
CA PHE D 329 41.10 11.56 16.10
C PHE D 329 40.67 12.69 17.04
N GLY D 330 41.19 12.63 18.26
CA GLY D 330 41.02 13.68 19.26
C GLY D 330 42.22 14.59 19.22
N TYR D 331 42.02 15.81 18.73
CA TYR D 331 43.10 16.77 18.51
C TYR D 331 43.25 17.71 19.70
N VAL D 332 44.50 17.95 20.10
CA VAL D 332 44.82 19.00 21.06
C VAL D 332 45.78 19.95 20.37
N LEU D 333 45.38 21.22 20.26
CA LEU D 333 46.22 22.25 19.65
C LEU D 333 46.48 23.38 20.65
N ASP D 334 47.56 24.10 20.43
CA ASP D 334 47.77 25.38 21.09
C ASP D 334 46.89 26.39 20.36
N ARG D 335 45.96 27.01 21.08
CA ARG D 335 44.97 27.88 20.44
C ARG D 335 45.49 29.28 20.09
N ARG D 336 46.73 29.58 20.46
CA ARG D 336 47.37 30.82 20.03
C ARG D 336 47.89 30.71 18.60
N THR D 337 48.43 29.54 18.25
CA THR D 337 49.17 29.36 16.99
C THR D 337 48.66 28.27 16.05
N GLY D 338 47.92 27.29 16.58
CA GLY D 338 47.50 26.14 15.79
C GLY D 338 48.52 25.01 15.82
N GLN D 339 49.49 25.11 16.74
CA GLN D 339 50.45 24.03 16.96
C GLN D 339 49.71 22.77 17.38
N LEU D 340 50.02 21.66 16.71
CA LEU D 340 49.45 20.38 17.10
C LEU D 340 50.24 19.84 18.30
N ILE D 341 49.56 19.69 19.43
CA ILE D 341 50.18 19.15 20.65
C ILE D 341 50.01 17.63 20.68
N GLU D 342 48.80 17.16 20.40
CA GLU D 342 48.51 15.74 20.40
C GLU D 342 47.39 15.41 19.43
N ALA D 343 47.43 14.20 18.88
CA ALA D 343 46.36 13.67 18.05
C ALA D 343 46.34 12.15 18.16
N GLN D 344 45.30 11.61 18.79
CA GLN D 344 45.16 10.17 18.98
C GLN D 344 43.71 9.76 18.79
N PRO D 345 43.47 8.52 18.33
CA PRO D 345 42.09 8.09 18.10
C PRO D 345 41.26 7.97 19.38
N PHE D 346 40.06 8.54 19.37
CA PHE D 346 39.10 8.37 20.48
C PHE D 346 38.07 7.30 20.14
N VAL D 347 38.09 6.82 18.90
CA VAL D 347 37.34 5.64 18.48
C VAL D 347 38.28 4.74 17.65
N TYR D 348 37.82 3.54 17.32
CA TYR D 348 38.58 2.67 16.43
C TYR D 348 38.73 3.34 15.07
N VAL D 349 39.98 3.47 14.62
CA VAL D 349 40.31 4.12 13.35
C VAL D 349 41.15 3.17 12.51
N ASN D 350 40.71 2.87 11.29
CA ASN D 350 41.50 2.04 10.38
C ASN D 350 41.79 2.67 9.01
N TRP D 351 41.37 3.91 8.81
CA TRP D 351 41.66 4.64 7.57
C TRP D 351 43.06 5.27 7.61
N ALA D 352 43.62 5.41 8.82
CA ALA D 352 44.97 5.94 8.98
C ALA D 352 45.63 5.26 10.17
N LYS D 353 46.96 5.12 10.09
CA LYS D 353 47.73 4.54 11.19
C LYS D 353 47.86 5.54 12.32
N GLU D 354 48.11 6.79 11.97
CA GLU D 354 48.34 7.87 12.94
C GLU D 354 48.32 9.22 12.24
N ILE D 355 48.39 10.29 13.04
CA ILE D 355 48.68 11.62 12.53
C ILE D 355 50.18 11.82 12.69
N SER D 356 50.86 12.10 11.58
CA SER D 356 52.32 12.23 11.59
C SER D 356 52.81 13.35 12.52
N LYS D 357 53.77 13.02 13.38
CA LYS D 357 54.41 14.01 14.24
C LYS D 357 55.33 14.94 13.44
N GLU D 358 55.74 14.51 12.25
CA GLU D 358 56.66 15.27 11.41
C GLU D 358 56.02 16.48 10.74
N ASN D 359 54.93 16.25 9.99
CA ASN D 359 54.27 17.30 9.22
C ASN D 359 52.77 17.48 9.50
N ASP D 360 52.29 16.86 10.58
CA ASP D 360 50.89 16.99 11.02
C ASP D 360 49.85 16.53 9.97
N ARG D 361 50.24 15.59 9.12
CA ARG D 361 49.32 15.03 8.13
C ARG D 361 48.98 13.59 8.51
N PRO D 362 47.76 13.13 8.18
CA PRO D 362 47.42 11.73 8.43
C PRO D 362 48.32 10.75 7.65
N VAL D 363 48.74 9.68 8.31
CA VAL D 363 49.46 8.60 7.64
C VAL D 363 48.41 7.59 7.16
N GLU D 364 48.00 7.75 5.90
CA GLU D 364 46.87 6.99 5.37
C GLU D 364 47.19 5.53 5.11
N ILE D 365 46.17 4.69 5.27
CA ILE D 365 46.24 3.27 4.90
C ILE D 365 45.56 3.15 3.52
N PRO D 366 46.37 2.96 2.45
CA PRO D 366 45.89 2.96 1.05
C PRO D 366 44.61 2.16 0.78
N GLU D 367 44.47 1.00 1.42
CA GLU D 367 43.33 0.12 1.19
C GLU D 367 41.98 0.69 1.67
N LYS D 368 42.02 1.75 2.48
CA LYS D 368 40.80 2.35 3.02
C LYS D 368 40.43 3.71 2.42
N ARG D 369 41.28 4.27 1.56
CA ARG D 369 40.92 5.48 0.82
C ARG D 369 40.00 5.10 -0.34
N THR D 370 39.00 5.94 -0.59
CA THR D 370 37.93 5.61 -1.55
C THR D 370 38.29 6.05 -2.97
N LYS D 371 37.59 5.46 -3.94
CA LYS D 371 37.82 5.76 -5.35
C LYS D 371 36.52 5.66 -6.17
N GLN D 372 36.58 6.18 -7.39
CA GLN D 372 35.41 6.29 -8.26
C GLN D 372 35.08 4.95 -8.92
N GLY D 373 33.83 4.51 -8.77
CA GLY D 373 33.33 3.29 -9.42
C GLY D 373 33.84 1.99 -8.83
N VAL D 374 34.65 2.08 -7.77
CA VAL D 374 35.23 0.92 -7.11
C VAL D 374 34.99 1.04 -5.62
N ASP D 375 34.36 0.04 -5.03
CA ASP D 375 33.97 0.07 -3.62
C ASP D 375 35.16 -0.12 -2.71
N THR D 376 35.13 0.56 -1.57
CA THR D 376 36.14 0.38 -0.52
C THR D 376 35.39 -0.07 0.72
N LYS D 377 35.85 -1.16 1.33
CA LYS D 377 35.09 -1.86 2.38
C LYS D 377 35.73 -1.76 3.76
N GLY D 378 34.89 -1.80 4.78
CA GLY D 378 35.33 -1.90 6.18
C GLY D 378 36.08 -0.69 6.69
N ILE D 379 35.53 0.49 6.44
CA ILE D 379 36.17 1.74 6.82
C ILE D 379 35.56 2.25 8.12
N CYS D 380 36.38 2.36 9.16
CA CYS D 380 35.94 2.86 10.46
C CYS D 380 36.80 4.07 10.85
N PRO D 381 36.19 5.16 11.33
CA PRO D 381 34.74 5.31 11.44
C PRO D 381 34.08 5.59 10.09
N ASN D 382 32.76 5.46 10.02
CA ASN D 382 32.05 5.83 8.80
C ASN D 382 31.85 7.35 8.74
N SER D 383 31.13 7.81 7.72
CA SER D 383 30.97 9.24 7.46
C SER D 383 30.33 10.02 8.61
N MET D 384 29.51 9.34 9.41
CA MET D 384 28.93 9.96 10.61
C MET D 384 29.99 10.25 11.65
N GLY D 385 31.12 9.56 11.55
CA GLY D 385 32.34 9.90 12.27
C GLY D 385 32.50 9.21 13.60
N GLY D 386 33.65 9.44 14.25
CA GLY D 386 33.87 8.99 15.61
C GLY D 386 32.82 9.62 16.50
N LYS D 387 32.55 10.89 16.25
CA LYS D 387 31.34 11.55 16.72
C LYS D 387 30.89 12.57 15.68
N ASP D 388 29.60 12.84 15.65
CA ASP D 388 29.05 13.88 14.79
C ASP D 388 28.93 15.18 15.62
N GLN D 389 28.04 16.08 15.23
CA GLN D 389 27.91 17.41 15.86
C GLN D 389 27.71 17.42 17.39
N GLN D 390 27.09 16.37 17.92
CA GLN D 390 26.81 16.27 19.37
C GLN D 390 28.05 16.61 20.21
N PRO D 391 28.01 17.73 20.96
CA PRO D 391 29.21 18.29 21.60
C PRO D 391 29.67 17.58 22.88
N ALA D 392 30.98 17.40 23.01
CA ALA D 392 31.60 16.82 24.20
C ALA D 392 31.61 17.82 25.34
N ALA D 393 31.91 17.33 26.55
CA ALA D 393 32.06 18.16 27.73
C ALA D 393 33.44 17.97 28.35
N PHE D 394 33.87 18.96 29.13
CA PHE D 394 35.16 18.94 29.82
C PHE D 394 34.94 19.31 31.28
N SER D 395 35.53 18.54 32.20
CA SER D 395 35.51 18.86 33.63
C SER D 395 36.85 19.43 34.07
N PRO D 396 36.87 20.70 34.52
CA PRO D 396 38.13 21.23 35.06
C PRO D 396 38.56 20.58 36.37
N GLN D 397 37.61 19.92 37.05
CA GLN D 397 37.93 19.16 38.27
C GLN D 397 38.75 17.90 37.98
N THR D 398 38.30 17.09 37.03
CA THR D 398 39.00 15.86 36.68
C THR D 398 40.05 16.05 35.59
N GLY D 399 39.91 17.12 34.80
CA GLY D 399 40.81 17.40 33.69
C GLY D 399 40.56 16.52 32.48
N LEU D 400 39.40 15.85 32.45
CA LEU D 400 39.08 14.88 31.42
C LEU D 400 37.89 15.32 30.59
N PHE D 401 37.72 14.65 29.45
CA PHE D 401 36.63 14.93 28.52
C PHE D 401 35.62 13.82 28.54
N TYR D 402 34.36 14.18 28.29
CA TYR D 402 33.26 13.23 28.29
C TYR D 402 32.57 13.36 26.94
N VAL D 403 32.72 12.32 26.13
CA VAL D 403 32.49 12.40 24.70
C VAL D 403 31.42 11.42 24.24
N PRO D 404 30.37 11.93 23.58
CA PRO D 404 29.42 11.02 22.95
C PRO D 404 30.03 10.54 21.65
N THR D 405 29.98 9.24 21.37
CA THR D 405 30.61 8.69 20.16
C THR D 405 29.69 7.74 19.40
N ASN D 406 30.06 7.53 18.15
CA ASN D 406 29.49 6.48 17.30
C ASN D 406 30.45 5.29 17.24
N ASN D 407 29.89 4.10 16.98
CA ASN D 407 30.68 2.89 16.78
C ASN D 407 30.19 2.19 15.52
N MET D 408 30.59 2.72 14.36
CA MET D 408 30.10 2.22 13.08
C MET D 408 31.18 2.26 12.02
N CYS D 409 31.00 1.43 11.00
CA CYS D 409 31.91 1.38 9.86
C CYS D 409 31.06 1.41 8.60
N MET D 410 31.71 1.34 7.44
CA MET D 410 30.99 1.44 6.17
C MET D 410 31.76 0.88 4.98
N ASN D 411 31.00 0.63 3.92
CA ASN D 411 31.53 0.55 2.57
C ASN D 411 31.23 1.88 1.88
N TYR D 412 32.16 2.37 1.07
CA TYR D 412 32.07 3.69 0.46
C TYR D 412 32.59 3.62 -0.98
N GLU D 413 31.75 3.99 -1.94
CA GLU D 413 32.10 3.97 -3.36
C GLU D 413 31.80 5.33 -3.97
N GLY D 414 32.83 5.98 -4.50
CA GLY D 414 32.66 7.25 -5.20
C GLY D 414 31.94 7.05 -6.53
N VAL D 415 31.14 8.05 -6.91
CA VAL D 415 30.42 8.05 -8.19
C VAL D 415 30.58 9.44 -8.80
N GLU D 416 30.64 9.50 -10.13
CA GLU D 416 30.77 10.78 -10.83
C GLU D 416 29.55 11.64 -10.51
N ALA D 417 29.76 12.94 -10.30
CA ALA D 417 28.70 13.84 -9.84
C ALA D 417 28.63 15.12 -10.68
N THR D 418 27.42 15.45 -11.12
CA THR D 418 27.16 16.66 -11.89
C THR D 418 26.50 17.71 -11.01
N TYR D 419 26.88 18.97 -11.20
CA TYR D 419 26.33 20.07 -10.41
C TYR D 419 25.05 20.64 -11.05
N THR D 420 24.04 20.86 -10.21
CA THR D 420 22.81 21.54 -10.59
C THR D 420 22.39 22.45 -9.44
N ALA D 421 22.47 23.75 -9.65
CA ALA D 421 22.25 24.74 -8.58
C ALA D 421 20.93 24.53 -7.85
N GLY D 422 21.01 24.39 -6.53
CA GLY D 422 19.84 24.12 -5.71
C GLY D 422 19.57 22.64 -5.49
N ALA D 423 20.31 21.78 -6.19
CA ALA D 423 20.18 20.33 -6.08
C ALA D 423 21.44 19.74 -5.45
N PRO D 424 21.37 18.47 -4.98
CA PRO D 424 22.54 17.83 -4.37
C PRO D 424 23.75 17.69 -5.30
N TYR D 425 24.93 17.57 -4.70
CA TYR D 425 26.19 17.41 -5.42
C TYR D 425 27.06 16.43 -4.62
N VAL D 426 26.54 15.22 -4.45
CA VAL D 426 27.18 14.20 -3.61
C VAL D 426 28.17 13.36 -4.42
N GLY D 427 27.69 12.30 -5.07
CA GLY D 427 28.54 11.40 -5.83
C GLY D 427 29.18 10.32 -4.99
N ALA D 428 28.34 9.53 -4.31
CA ALA D 428 28.82 8.38 -3.54
C ALA D 428 27.70 7.39 -3.22
N ASN D 429 28.08 6.11 -3.14
CA ASN D 429 27.18 5.05 -2.67
C ASN D 429 27.73 4.46 -1.38
N VAL D 430 27.08 4.76 -0.26
CA VAL D 430 27.59 4.40 1.06
C VAL D 430 26.67 3.40 1.78
N LEU D 431 27.25 2.29 2.23
CA LEU D 431 26.55 1.31 3.05
C LEU D 431 27.13 1.35 4.45
N MET D 432 26.28 1.57 5.45
CA MET D 432 26.73 1.72 6.83
C MET D 432 26.32 0.53 7.69
N TYR D 433 27.13 0.22 8.70
CA TYR D 433 26.86 -0.89 9.62
C TYR D 433 27.67 -0.74 10.90
N SER D 434 27.51 -1.69 11.83
CA SER D 434 28.12 -1.60 13.15
C SER D 434 29.65 -1.58 13.14
N GLY D 435 30.22 -1.20 14.28
CA GLY D 435 31.66 -0.97 14.40
C GLY D 435 32.51 -2.22 14.28
N HIS D 436 33.83 -2.00 14.20
CA HIS D 436 34.80 -3.07 13.96
C HIS D 436 34.40 -3.91 12.75
N GLU D 437 34.10 -3.21 11.66
CA GLU D 437 33.74 -3.84 10.38
C GLU D 437 32.58 -4.84 10.50
N GLY D 438 31.53 -4.42 11.20
CA GLY D 438 30.29 -5.19 11.30
C GLY D 438 30.22 -6.25 12.38
N LYS D 439 31.32 -6.45 13.11
CA LYS D 439 31.38 -7.51 14.13
C LYS D 439 30.64 -7.14 15.42
N ASP D 440 30.60 -5.85 15.74
CA ASP D 440 29.95 -5.38 16.96
C ASP D 440 28.43 -5.38 16.81
N ASP D 441 27.73 -5.56 17.93
CA ASP D 441 26.27 -5.51 17.95
C ASP D 441 25.74 -4.19 18.53
N TYR D 442 26.64 -3.23 18.74
CA TYR D 442 26.29 -1.91 19.30
C TYR D 442 26.85 -0.81 18.41
N TYR D 443 26.18 0.33 18.38
CA TYR D 443 26.47 1.40 17.40
C TYR D 443 26.95 2.70 18.03
N GLY D 444 27.05 2.75 19.35
CA GLY D 444 27.50 3.97 20.03
C GLY D 444 28.22 3.69 21.32
N ALA D 445 28.82 4.73 21.89
CA ALA D 445 29.46 4.64 23.18
C ALA D 445 29.59 6.02 23.80
N PHE D 446 29.44 6.08 25.12
CA PHE D 446 29.76 7.30 25.87
C PHE D 446 31.04 7.01 26.62
N ILE D 447 32.05 7.87 26.40
CA ILE D 447 33.38 7.62 26.95
C ILE D 447 33.88 8.76 27.81
N CYS D 448 34.83 8.42 28.69
CA CYS D 448 35.66 9.40 29.35
C CYS D 448 37.04 9.31 28.72
N TYR D 449 37.57 10.43 28.27
CA TYR D 449 38.77 10.45 27.45
C TYR D 449 39.79 11.45 27.98
N ASP D 450 41.04 11.01 28.06
CA ASP D 450 42.16 11.86 28.44
C ASP D 450 42.84 12.36 27.17
N ALA D 451 42.62 13.63 26.85
CA ALA D 451 43.07 14.23 25.59
C ALA D 451 44.59 14.21 25.41
N LEU D 452 45.33 14.59 26.44
CA LEU D 452 46.80 14.65 26.34
C LEU D 452 47.47 13.28 26.35
N LYS D 453 46.93 12.33 27.11
CA LYS D 453 47.43 10.96 27.10
C LYS D 453 46.94 10.20 25.87
N GLY D 454 45.83 10.66 25.30
CA GLY D 454 45.26 10.02 24.11
C GLY D 454 44.70 8.64 24.42
N LYS D 455 43.98 8.52 25.53
CA LYS D 455 43.49 7.23 26.00
C LYS D 455 42.10 7.33 26.61
N ARG D 456 41.28 6.32 26.35
CA ARG D 456 39.99 6.18 27.03
C ARG D 456 40.21 5.76 28.47
N VAL D 457 39.54 6.45 29.39
CA VAL D 457 39.57 6.11 30.81
C VAL D 457 38.52 5.03 31.08
N TRP D 458 37.31 5.26 30.58
CA TRP D 458 36.27 4.24 30.58
C TRP D 458 35.31 4.44 29.41
N GLU D 459 34.49 3.43 29.15
CA GLU D 459 33.54 3.46 28.05
C GLU D 459 32.25 2.73 28.40
N ILE D 460 31.12 3.32 28.04
CA ILE D 460 29.81 2.69 28.17
C ILE D 460 29.33 2.39 26.77
N HIS D 461 29.11 1.10 26.47
CA HIS D 461 28.61 0.71 25.15
C HIS D 461 27.12 1.00 25.06
N GLU D 462 26.72 1.72 24.00
CA GLU D 462 25.34 2.09 23.77
C GLU D 462 24.85 1.44 22.48
N HIS D 463 23.66 0.87 22.51
CA HIS D 463 23.10 0.18 21.34
C HIS D 463 23.04 1.11 20.15
N PHE D 464 22.50 2.32 20.36
CA PHE D 464 22.43 3.32 19.31
C PHE D 464 23.56 4.32 19.45
N PRO D 465 23.91 5.00 18.33
CA PRO D 465 24.89 6.09 18.40
C PRO D 465 24.47 7.11 19.45
N VAL D 466 25.41 7.64 20.20
CA VAL D 466 25.08 8.65 21.20
C VAL D 466 25.09 10.01 20.51
N TRP D 467 23.90 10.55 20.30
CA TRP D 467 23.71 11.76 19.49
C TRP D 467 23.26 12.91 20.37
N SER D 468 23.80 12.96 21.58
CA SER D 468 23.42 13.93 22.60
C SER D 468 24.69 14.39 23.31
N GLY D 469 24.87 15.70 23.42
CA GLY D 469 26.08 16.27 24.01
C GLY D 469 25.92 16.46 25.52
N PRO D 470 26.78 15.81 26.32
CA PRO D 470 26.54 15.78 27.76
C PRO D 470 26.74 17.11 28.47
N VAL D 471 26.07 17.25 29.61
CA VAL D 471 26.44 18.25 30.61
C VAL D 471 27.12 17.49 31.75
N VAL D 472 28.22 18.06 32.26
CA VAL D 472 28.99 17.45 33.33
C VAL D 472 28.98 18.40 34.52
N THR D 473 28.91 17.87 35.74
CA THR D 473 28.74 18.71 36.94
C THR D 473 29.69 18.36 38.07
N ALA D 474 29.78 19.28 39.03
CA ALA D 474 30.59 19.09 40.23
C ALA D 474 29.96 18.07 41.19
N GLY D 475 28.74 17.64 40.91
CA GLY D 475 28.13 16.49 41.59
C GLY D 475 28.73 15.16 41.20
N GLY D 476 29.70 15.18 40.28
CA GLY D 476 30.35 13.95 39.83
C GLY D 476 29.51 13.21 38.83
N LEU D 477 28.71 13.96 38.07
CA LEU D 477 27.73 13.39 37.13
C LEU D 477 27.87 13.93 35.71
N ALA D 478 27.58 13.08 34.75
CA ALA D 478 27.37 13.47 33.37
C ALA D 478 25.97 13.03 32.97
N PHE D 479 25.22 13.93 32.32
CA PHE D 479 23.91 13.59 31.79
C PHE D 479 23.94 13.59 30.27
N TYR D 480 23.32 12.58 29.68
CA TYR D 480 23.15 12.51 28.23
C TYR D 480 21.94 11.65 27.90
N GLY D 481 21.44 11.79 26.67
CA GLY D 481 20.30 11.02 26.20
C GLY D 481 20.69 10.01 25.14
N THR D 482 19.84 9.01 24.96
CA THR D 482 20.02 7.99 23.92
C THR D 482 18.96 8.15 22.85
N MET D 483 19.21 7.55 21.70
CA MET D 483 18.32 7.70 20.55
C MET D 483 17.04 6.88 20.64
N ASP D 484 16.94 5.97 21.61
CA ASP D 484 15.66 5.30 21.88
C ASP D 484 14.95 5.89 23.10
N GLY D 485 15.43 7.04 23.57
CA GLY D 485 14.67 7.88 24.49
C GLY D 485 15.06 7.84 25.96
N TRP D 486 16.12 7.10 26.31
CA TRP D 486 16.56 7.02 27.70
C TRP D 486 17.43 8.23 28.04
N PHE D 487 17.03 8.97 29.07
CA PHE D 487 17.87 10.05 29.60
C PHE D 487 18.59 9.48 30.82
N LYS D 488 19.92 9.65 30.85
CA LYS D 488 20.78 8.95 31.80
C LYS D 488 21.70 9.89 32.57
N ALA D 489 21.97 9.51 33.82
CA ALA D 489 22.99 10.16 34.65
C ALA D 489 24.05 9.11 35.00
N VAL D 490 25.31 9.43 34.74
CA VAL D 490 26.41 8.49 35.00
C VAL D 490 27.41 9.07 35.99
N ASP D 491 27.97 8.18 36.81
CA ASP D 491 29.05 8.50 37.73
C ASP D 491 30.32 8.68 36.91
N ILE D 492 30.84 9.91 36.84
CA ILE D 492 31.99 10.20 35.97
C ILE D 492 33.30 9.56 36.42
N LYS D 493 33.38 9.17 37.69
CA LYS D 493 34.57 8.45 38.20
C LYS D 493 34.57 6.98 37.77
N THR D 494 33.43 6.30 37.93
CA THR D 494 33.33 4.86 37.66
C THR D 494 32.82 4.53 36.27
N GLY D 495 32.08 5.45 35.66
CA GLY D 495 31.51 5.23 34.33
C GLY D 495 30.31 4.31 34.34
N LYS D 496 29.55 4.35 35.43
CA LYS D 496 28.38 3.48 35.59
C LYS D 496 27.11 4.33 35.71
N VAL D 497 26.00 3.80 35.20
CA VAL D 497 24.73 4.52 35.18
C VAL D 497 24.07 4.46 36.56
N LEU D 498 23.76 5.62 37.11
CA LEU D 498 23.12 5.73 38.43
C LEU D 498 21.63 5.99 38.37
N TRP D 499 21.16 6.60 37.28
CA TRP D 499 19.75 6.94 37.13
C TRP D 499 19.42 6.99 35.64
N GLN D 500 18.21 6.57 35.28
CA GLN D 500 17.74 6.65 33.90
C GLN D 500 16.22 6.62 33.82
N GLN D 501 15.69 7.25 32.78
CA GLN D 501 14.25 7.25 32.55
C GLN D 501 13.98 7.31 31.05
N LYS D 502 13.00 6.55 30.59
CA LYS D 502 12.63 6.53 29.18
C LYS D 502 11.65 7.65 28.87
N LEU D 503 12.06 8.57 28.00
CA LEU D 503 11.23 9.67 27.56
C LEU D 503 10.50 9.28 26.26
N GLY D 504 9.70 10.19 25.75
CA GLY D 504 8.77 9.87 24.66
C GLY D 504 9.33 9.70 23.28
N SER D 505 10.52 10.24 23.02
CA SER D 505 11.16 10.13 21.72
C SER D 505 12.69 10.13 21.89
N GLY D 506 13.40 9.63 20.90
CA GLY D 506 14.86 9.66 20.92
C GLY D 506 15.40 11.03 21.23
N ILE D 507 16.48 11.07 22.01
CA ILE D 507 17.07 12.32 22.46
C ILE D 507 18.28 12.66 21.61
N ILE D 508 18.20 13.77 20.87
CA ILE D 508 19.35 14.33 20.19
C ILE D 508 19.62 15.77 20.64
N GLY D 509 18.99 16.18 21.74
CA GLY D 509 19.30 17.45 22.38
C GLY D 509 20.50 17.31 23.31
N ASN D 510 21.08 18.44 23.66
CA ASN D 510 22.19 18.51 24.59
C ASN D 510 21.65 19.05 25.92
N PRO D 511 21.64 18.21 26.98
CA PRO D 511 21.03 18.69 28.23
C PRO D 511 21.74 19.87 28.88
N ILE D 512 21.01 20.59 29.72
CA ILE D 512 21.59 21.65 30.53
C ILE D 512 21.26 21.40 32.00
N THR D 513 21.95 22.12 32.88
CA THR D 513 21.56 22.18 34.27
C THR D 513 21.62 23.63 34.73
N PHE D 514 20.73 23.99 35.65
CA PHE D 514 20.57 25.38 36.06
C PHE D 514 19.86 25.45 37.41
N LEU D 515 19.82 26.64 37.97
CA LEU D 515 19.05 26.91 39.19
C LEU D 515 17.79 27.68 38.83
N GLY D 516 16.66 27.25 39.38
CA GLY D 516 15.42 28.01 39.24
C GLY D 516 15.42 29.17 40.23
N PRO D 517 14.40 30.05 40.17
CA PRO D 517 14.27 31.13 41.15
C PRO D 517 14.08 30.62 42.58
N ASP D 518 13.58 29.40 42.70
CA ASP D 518 13.51 28.69 43.98
C ASP D 518 14.86 28.19 44.52
N LYS D 519 15.95 28.44 43.77
CA LYS D 519 17.30 27.98 44.11
C LYS D 519 17.44 26.44 44.12
N LYS D 520 16.55 25.77 43.39
CA LYS D 520 16.57 24.32 43.26
C LYS D 520 17.31 24.00 41.98
N GLN D 521 18.08 22.92 41.96
CA GLN D 521 18.80 22.50 40.75
C GLN D 521 17.88 21.69 39.84
N TYR D 522 17.88 22.04 38.56
CA TYR D 522 17.12 21.32 37.54
C TYR D 522 18.04 20.85 36.43
N VAL D 523 17.63 19.78 35.77
CA VAL D 523 18.30 19.27 34.56
C VAL D 523 17.26 19.19 33.45
N ALA D 524 17.55 19.83 32.32
CA ALA D 524 16.59 19.95 31.21
C ALA D 524 17.15 19.41 29.89
N VAL D 525 16.29 18.82 29.07
CA VAL D 525 16.73 18.26 27.78
C VAL D 525 15.59 18.16 26.76
N TYR D 526 15.91 18.34 25.49
CA TYR D 526 14.96 18.12 24.41
C TYR D 526 14.86 16.65 24.10
N SER D 527 13.64 16.22 23.78
CA SER D 527 13.35 14.90 23.22
C SER D 527 12.69 15.13 21.87
N GLY D 528 13.07 14.31 20.89
CA GLY D 528 12.56 14.46 19.53
C GLY D 528 13.62 13.96 18.57
N VAL D 529 13.46 12.72 18.14
CA VAL D 529 14.51 12.04 17.39
C VAL D 529 14.59 12.61 15.97
N GLY D 530 15.79 12.52 15.40
CA GLY D 530 16.02 13.02 14.05
C GLY D 530 17.52 13.16 13.84
N GLY D 531 17.91 14.20 13.12
CA GLY D 531 19.30 14.36 12.70
C GLY D 531 19.60 13.34 11.63
N TRP D 532 20.87 13.08 11.36
CA TRP D 532 21.25 12.22 10.24
C TRP D 532 20.95 10.74 10.51
N PHE D 533 21.42 10.20 11.63
CA PHE D 533 21.13 8.81 11.97
C PHE D 533 19.63 8.54 12.14
N GLY D 534 18.89 9.55 12.60
CA GLY D 534 17.45 9.44 12.79
C GLY D 534 16.60 9.82 11.59
N ILE D 535 17.20 10.05 10.43
CA ILE D 535 16.46 10.55 9.26
C ILE D 535 15.38 9.57 8.77
N ALA D 536 15.63 8.27 8.92
CA ALA D 536 14.64 7.26 8.55
C ALA D 536 13.32 7.45 9.30
N VAL D 537 13.43 7.79 10.59
CA VAL D 537 12.25 8.07 11.41
C VAL D 537 11.70 9.46 11.15
N ALA D 538 12.58 10.47 11.17
CA ALA D 538 12.16 11.87 11.01
C ALA D 538 11.53 12.17 9.64
N GLN D 539 12.02 11.52 8.60
CA GLN D 539 11.54 11.73 7.24
C GLN D 539 10.63 10.59 6.76
N ASN D 540 10.39 9.63 7.66
CA ASN D 540 9.53 8.48 7.37
C ASN D 540 9.95 7.77 6.07
N LEU D 541 11.23 7.47 5.96
CA LEU D 541 11.78 6.81 4.78
C LEU D 541 11.66 5.29 4.91
N PRO D 542 11.40 4.59 3.80
CA PRO D 542 11.28 3.14 3.85
C PRO D 542 12.65 2.44 3.86
N PRO D 543 12.69 1.18 4.33
CA PRO D 543 13.93 0.40 4.36
C PRO D 543 14.38 -0.14 2.98
N ASP D 544 13.60 0.12 1.93
CA ASP D 544 13.85 -0.44 0.60
C ASP D 544 15.23 -0.08 0.03
N ASP D 545 15.58 1.19 0.10
CA ASP D 545 16.88 1.66 -0.36
C ASP D 545 17.75 1.96 0.87
N PRO D 546 18.73 1.09 1.17
CA PRO D 546 19.62 1.33 2.32
C PRO D 546 20.62 2.45 2.09
N TYR D 547 20.87 2.79 0.83
CA TYR D 547 21.74 3.90 0.45
C TYR D 547 21.02 5.26 0.56
N ALA D 548 19.72 5.23 0.78
CA ALA D 548 18.94 6.45 0.99
C ALA D 548 19.37 7.09 2.30
N GLY D 549 19.33 8.42 2.33
CA GLY D 549 19.86 9.19 3.45
C GLY D 549 21.37 9.04 3.57
N LEU D 550 22.04 8.81 2.44
CA LEU D 550 23.50 8.63 2.39
C LEU D 550 23.98 7.44 3.23
N GLY D 551 23.19 6.37 3.25
CA GLY D 551 23.51 5.16 4.02
C GLY D 551 22.85 5.11 5.39
N ALA D 552 22.29 6.22 5.84
CA ALA D 552 21.68 6.32 7.16
C ALA D 552 20.45 5.42 7.33
N VAL D 553 19.68 5.26 6.26
CA VAL D 553 18.47 4.45 6.32
C VAL D 553 18.82 3.00 6.63
N GLY D 554 19.75 2.43 5.85
CA GLY D 554 20.13 1.03 6.04
C GLY D 554 20.61 0.70 7.44
N VAL D 555 21.55 1.50 7.94
CA VAL D 555 22.12 1.26 9.28
C VAL D 555 21.10 1.50 10.40
N ALA D 556 20.29 2.55 10.25
CA ALA D 556 19.22 2.82 11.21
C ALA D 556 18.30 1.61 11.36
N TYR D 557 17.89 1.03 10.24
CA TYR D 557 17.06 -0.17 10.26
C TYR D 557 17.81 -1.38 10.83
N GLN D 558 19.07 -1.55 10.44
CA GLN D 558 19.91 -2.61 11.00
C GLN D 558 20.03 -2.50 12.52
N ALA D 559 20.26 -1.28 13.01
CA ALA D 559 20.30 -1.02 14.45
C ALA D 559 18.92 -1.13 15.09
N GLY D 560 17.87 -0.90 14.30
CA GLY D 560 16.49 -1.06 14.75
C GLY D 560 15.90 0.20 15.34
N LEU D 561 16.31 1.36 14.82
CA LEU D 561 15.82 2.65 15.31
C LEU D 561 14.34 2.90 15.00
N PRO D 562 13.89 2.59 13.77
CA PRO D 562 12.47 2.79 13.46
C PRO D 562 11.50 1.96 14.31
N LYS D 563 11.97 0.84 14.87
CA LYS D 563 11.18 0.05 15.81
C LYS D 563 11.36 0.49 17.27
N ALA D 564 12.28 1.42 17.50
CA ALA D 564 12.65 1.86 18.84
C ALA D 564 12.04 3.20 19.26
N THR D 565 11.67 4.03 18.30
CA THR D 565 11.23 5.39 18.61
C THR D 565 10.31 6.00 17.55
N THR D 566 9.46 6.91 18.04
CA THR D 566 8.60 7.74 17.21
C THR D 566 9.14 9.17 17.21
N VAL D 567 8.65 9.99 16.30
CA VAL D 567 8.99 11.42 16.29
C VAL D 567 8.26 12.17 17.39
N GLY D 568 8.82 13.30 17.78
CA GLY D 568 8.23 14.16 18.80
C GLY D 568 8.97 15.47 18.93
N GLY D 569 8.66 16.22 19.99
CA GLY D 569 9.29 17.51 20.24
C GLY D 569 8.87 18.01 21.60
N GLU D 570 9.68 17.69 22.61
CA GLU D 570 9.31 17.94 23.99
C GLU D 570 10.55 18.31 24.81
N LEU D 571 10.38 19.32 25.65
CA LEU D 571 11.40 19.71 26.63
C LEU D 571 11.01 19.09 27.96
N TYR D 572 11.91 18.30 28.53
CA TYR D 572 11.71 17.66 29.83
C TYR D 572 12.63 18.31 30.86
N VAL D 573 12.09 18.62 32.04
CA VAL D 573 12.87 19.25 33.12
C VAL D 573 12.76 18.43 34.41
N PHE D 574 13.91 18.07 34.97
CA PHE D 574 14.00 17.13 36.10
C PHE D 574 14.56 17.79 37.36
N ALA D 575 14.22 17.22 38.52
CA ALA D 575 14.75 17.65 39.81
C ALA D 575 14.57 16.55 40.85
N LEU D 576 15.18 16.73 42.02
CA LEU D 576 15.10 15.71 43.06
C LEU D 576 13.73 15.70 43.72
EU EU E . -28.52 -1.09 -17.91
N1 PQQ F . -23.47 -6.34 -19.25
C2 PQQ F . -23.40 -7.37 -18.36
C2X PQQ F . -22.46 -8.51 -18.47
O2A PQQ F . -22.26 -9.25 -17.51
O2B PQQ F . -21.91 -8.69 -19.58
C3 PQQ F . -24.37 -7.22 -17.38
C3A PQQ F . -25.06 -6.03 -17.68
C1A PQQ F . -24.44 -5.48 -18.90
C4 PQQ F . -26.17 -5.32 -17.01
O4 PQQ F . -26.71 -5.75 -15.99
C5 PQQ F . -26.66 -4.06 -17.61
O5 PQQ F . -27.61 -3.42 -17.09
C6A PQQ F . -25.99 -3.57 -18.84
N6 PQQ F . -26.47 -2.43 -19.33
C7 PQQ F . -25.95 -1.89 -20.43
C7X PQQ F . -26.62 -0.64 -20.84
O7A PQQ F . -27.58 -0.25 -20.14
O7B PQQ F . -26.25 -0.07 -21.89
C8 PQQ F . -24.90 -2.45 -21.15
C9 PQQ F . -24.32 -3.65 -20.75
C9X PQQ F . -23.18 -4.16 -21.60
O9A PQQ F . -22.53 -5.19 -21.30
O9B PQQ F . -22.90 -3.52 -22.62
C9A PQQ F . -24.86 -4.29 -19.50
EU EU G . -22.60 19.86 16.19
N1 PQQ H . -15.89 17.83 18.56
C2 PQQ H . -15.39 18.49 19.64
C2X PQQ H . -14.05 18.23 20.23
O2A PQQ H . -13.57 19.02 21.05
O2B PQQ H . -13.46 17.19 19.87
C3 PQQ H . -16.32 19.42 20.10
C3A PQQ H . -17.45 19.32 19.25
C1A PQQ H . -17.14 18.27 18.27
C4 PQQ H . -18.76 20.02 19.21
O4 PQQ H . -19.05 20.90 20.03
C5 PQQ H . -19.73 19.65 18.16
O5 PQQ H . -20.85 20.20 18.06
C6A PQQ H . -19.34 18.59 17.20
N6 PQQ H . -20.25 18.30 16.29
C7 PQQ H . -20.04 17.36 15.37
C7X PQQ H . -21.17 17.16 14.43
O7A PQQ H . -22.18 17.88 14.60
O7B PQQ H . -21.10 16.27 13.58
C8 PQQ H . -18.87 16.63 15.29
C9 PQQ H . -17.82 16.83 16.19
C9X PQQ H . -16.59 15.99 16.02
O9A PQQ H . -15.58 16.16 16.73
O9B PQQ H . -16.61 15.12 15.13
C9A PQQ H . -18.03 17.89 17.25
EU EU I . 22.70 -12.58 -21.75
N1 PQQ J . 15.97 -15.21 -20.63
C2 PQQ J . 15.48 -16.07 -21.57
C2X PQQ J . 14.12 -16.69 -21.53
O2A PQQ J . 13.50 -16.64 -20.44
O2B PQQ J . 13.67 -17.23 -22.54
C3 PQQ J . 16.42 -16.28 -22.56
C3A PQQ J . 17.56 -15.52 -22.21
C1A PQQ J . 17.22 -14.84 -20.95
C4 PQQ J . 18.89 -15.33 -22.85
O4 PQQ J . 19.19 -15.89 -23.91
C5 PQQ J . 19.85 -14.44 -22.19
O5 PQQ J . 21.00 -14.23 -22.67
C6A PQQ J . 19.44 -13.79 -20.93
N6 PQQ J . 20.36 -13.00 -20.38
C7 PQQ J . 20.13 -12.35 -19.23
C7X PQQ J . 21.26 -11.53 -18.76
O7A PQQ J . 21.16 -10.90 -17.70
O7B PQQ J . 22.30 -11.57 -19.47
C8 PQQ J . 18.93 -12.45 -18.53
C9 PQQ J . 17.89 -13.25 -19.00
C9X PQQ J . 16.65 -13.28 -18.17
O9A PQQ J . 16.69 -12.69 -17.06
O9B PQQ J . 15.60 -13.86 -18.55
C9A PQQ J . 18.12 -13.99 -20.29
EU EU K . 28.73 16.69 5.27
N1 PQQ L . 23.81 17.18 10.50
C2 PQQ L . 23.70 16.10 11.31
C2X PQQ L . 22.71 15.98 12.40
O2A PQQ L . 22.16 17.04 12.76
O2B PQQ L . 22.48 14.87 12.93
C3 PQQ L . 24.63 15.12 10.96
C3A PQQ L . 25.36 15.64 9.87
C1A PQQ L . 24.81 16.99 9.60
C4 PQQ L . 26.47 15.11 9.05
O4 PQQ L . 26.95 13.99 9.26
C5 PQQ L . 27.01 15.96 7.96
O5 PQQ L . 27.94 15.54 7.24
C6A PQQ L . 26.40 17.30 7.74
N6 PQQ L . 26.91 18.03 6.74
C7 PQQ L . 26.45 19.26 6.45
C7X PQQ L . 27.13 19.95 5.32
O7A PQQ L . 26.84 21.13 5.06
O7B PQQ L . 27.98 19.29 4.67
C8 PQQ L . 25.41 19.86 7.15
C9 PQQ L . 24.78 19.20 8.22
C9X PQQ L . 23.66 19.95 8.91
O9A PQQ L . 22.94 19.38 9.76
O9B PQQ L . 23.46 21.15 8.61
C9A PQQ L . 25.28 17.83 8.57
#